data_4CQN
#
_entry.id   4CQN
#
_cell.length_a   155.620
_cell.length_b   67.580
_cell.length_c   224.590
_cell.angle_alpha   90.00
_cell.angle_beta   105.00
_cell.angle_gamma   90.00
#
_symmetry.space_group_name_H-M   'C 1 2 1'
#
loop_
_entity.id
_entity.type
_entity.pdbx_description
1 polymer 'LEUCINE--TRNA LIGASE'
2 polymer 'ESCHERICHIA COLI TRNA-LEU UAA ISOACCEPTOR'
3 non-polymer 'ZINC ION'
4 non-polymer "N-[ISOLEUCINYL]-N'-[ADENOSYL]-DIAMINOSUFONE"
5 non-polymer 'MAGNESIUM ION'
6 water water
#
loop_
_entity_poly.entity_id
_entity_poly.type
_entity_poly.pdbx_seq_one_letter_code
_entity_poly.pdbx_strand_id
1 'polypeptide(L)'
;MGSSHHHHHHSSGLVPRGSHMQEQYRPEEIESKVQLHWDEKRTFEVTEDESKEKYYCLSMLPYPSGRLHMGHVRNYTIGD
VIARYQRMLGKNVLQPIGWDAFGLPAEGAAVKNNTAPAPWTYDNIAYMKNQLKMLGFGYDWSRELATCTPEYYRWEQKFF
TELYKKGLVYKKTSAVNWCPNDQTVLANEQVIDGCCWRCDTKVERKEIPQWFIKITAYADELLNDLDKLDHWPDTVKTMQ
RNWIGRSEGVEITFNVNDYDNTLTVYTTRPDTFMGCTYLAVAAGHPLAQKAAENNPELAAFIDECRNTKVAEAEMATMEK
KGVDTGFKAVHPLTGEEIPVWAANFVLMEYGTGAVMAVPGHDQRDYEFASKYGLNIKPVILAADGSEPDLSQQALTEKGV
LFNSGEFNGLDHEAAFNAIADKLTAMGVGERKVNYRLRDWGVSRQRYWGAPIPMVTLEDGTVMPTPDDQLPVILPEDVVM
DGITSPIKADPEWAKTTVNGMPALRETDTFDTFMESSWYYARYTCPQYKEGMLDSEAANYWLPVDIYIGGIEHAIMHLLY
FRFFHKLMRDAGMVNSDEPAKQLLCQGMVLADAFYYVGENGERNWVSPVDAIVERDEKGRIVKAKDAAGHELVYTGMSKM
SKSKNNGIDPQVMVERYGADTVRLFMMFASPADMTLEWQESGVEGANRFLKRVWKLVYEHTAKGDVAALNVDALTENQKA
LRRDVHKTIAKVTDDIGRRQTFNTAIAAIMELMNKLAKAPTDGEQDRALMQEALLAVVRMLNPFTPHICFTLWQELKGEG
DIDNAPWPVADEKAMVEDSTLVVVQVNGKVRAKITVPVDATEEQVRERAGQEHLVAKYLDGVTVRKVIYVPGKLLNLVVG
;
A,D
2 'polyribonucleotide'
;GCCCGGAUGGUGGAAUCGGUAGACACAAGGGAUUAAUCCCUCGGCGCGCGCUGUGCGGGUUCAAGUCCCGCUCCGGGUAC
CA
;
B,E
#
loop_
_chem_comp.id
_chem_comp.type
_chem_comp.name
_chem_comp.formula
A RNA linking ADENOSINE-5'-MONOPHOSPHATE 'C10 H14 N5 O7 P'
C RNA linking CYTIDINE-5'-MONOPHOSPHATE 'C9 H14 N3 O8 P'
G RNA linking GUANOSINE-5'-MONOPHOSPHATE 'C10 H14 N5 O8 P'
ILA non-polymer N-[ISOLEUCINYL]-N'-[ADENOSYL]-DIAMINOSUFONE 'C16 H26 N8 O6 S'
MG non-polymer 'MAGNESIUM ION' 'Mg 2'
U RNA linking URIDINE-5'-MONOPHOSPHATE 'C9 H13 N2 O9 P'
ZN non-polymer 'ZINC ION' 'Zn 2'
#
# COMPACT_ATOMS: atom_id res chain seq x y z
N MET A 21 29.14 5.48 -27.49
CA MET A 21 27.65 5.54 -27.59
C MET A 21 27.05 4.21 -28.05
N GLN A 22 26.20 3.64 -27.22
CA GLN A 22 25.51 2.37 -27.53
C GLN A 22 24.36 2.61 -28.50
N GLU A 23 23.73 1.53 -28.97
CA GLU A 23 22.55 1.65 -29.81
C GLU A 23 21.35 1.83 -28.91
N GLN A 24 21.41 1.16 -27.77
CA GLN A 24 20.37 1.27 -26.79
C GLN A 24 20.64 2.49 -25.90
N TYR A 25 19.69 3.43 -25.92
CA TYR A 25 19.63 4.54 -24.94
C TYR A 25 19.47 4.00 -23.55
N ARG A 26 20.52 4.16 -22.75
CA ARG A 26 20.58 3.60 -21.41
C ARG A 26 20.89 4.71 -20.42
N PRO A 27 19.86 5.47 -19.98
CA PRO A 27 20.10 6.65 -19.15
C PRO A 27 20.81 6.30 -17.83
N GLU A 28 20.57 5.10 -17.33
CA GLU A 28 21.25 4.64 -16.11
C GLU A 28 22.76 4.79 -16.22
N GLU A 29 23.28 4.78 -17.44
CA GLU A 29 24.68 5.02 -17.70
C GLU A 29 25.00 6.52 -17.83
N ILE A 30 24.52 7.12 -18.92
CA ILE A 30 24.57 8.58 -19.22
C ILE A 30 24.38 9.60 -18.08
N GLU A 31 23.31 9.44 -17.29
CA GLU A 31 22.83 10.54 -16.41
C GLU A 31 23.77 10.97 -15.30
N SER A 32 24.21 10.02 -14.49
CA SER A 32 25.20 10.27 -13.43
C SER A 32 26.50 10.84 -13.99
N LYS A 33 26.94 10.27 -15.11
CA LYS A 33 28.20 10.64 -15.76
CA LYS A 33 28.21 10.66 -15.68
C LYS A 33 28.10 12.10 -16.17
N VAL A 34 26.96 12.47 -16.75
CA VAL A 34 26.77 13.88 -17.10
C VAL A 34 26.71 14.79 -15.84
N GLN A 35 25.98 14.33 -14.82
CA GLN A 35 25.90 15.05 -13.57
C GLN A 35 27.29 15.22 -12.95
N LEU A 36 28.03 14.13 -12.86
CA LEU A 36 29.37 14.20 -12.28
C LEU A 36 30.21 15.18 -13.10
N HIS A 37 29.98 15.22 -14.41
CA HIS A 37 30.63 16.23 -15.23
C HIS A 37 30.30 17.57 -14.64
N TRP A 38 29.00 17.87 -14.48
CA TRP A 38 28.60 19.23 -14.05
C TRP A 38 29.15 19.64 -12.69
N ASP A 39 29.35 18.65 -11.81
CA ASP A 39 29.83 18.92 -10.47
C ASP A 39 31.24 19.36 -10.57
N GLU A 40 32.02 18.62 -11.35
CA GLU A 40 33.44 18.84 -11.35
C GLU A 40 33.80 20.10 -12.10
N LYS A 41 33.18 20.30 -13.26
CA LYS A 41 33.46 21.52 -14.03
C LYS A 41 32.78 22.72 -13.43
N ARG A 42 32.01 22.48 -12.38
CA ARG A 42 31.32 23.55 -11.69
C ARG A 42 30.49 24.37 -12.69
N THR A 43 29.83 23.68 -13.64
CA THR A 43 29.15 24.30 -14.78
C THR A 43 28.20 25.42 -14.33
N PHE A 44 27.35 25.12 -13.34
CA PHE A 44 26.33 26.11 -13.00
C PHE A 44 26.65 27.03 -11.81
N GLU A 45 27.90 26.94 -11.35
CA GLU A 45 28.42 27.84 -10.34
C GLU A 45 28.69 29.12 -11.04
N VAL A 46 28.15 30.22 -10.54
CA VAL A 46 28.29 31.50 -11.21
C VAL A 46 28.78 32.54 -10.21
N THR A 47 29.56 33.51 -10.73
CA THR A 47 30.00 34.62 -9.93
C THR A 47 29.35 35.88 -10.52
N GLU A 48 29.56 37.03 -9.85
CA GLU A 48 29.06 38.32 -10.35
C GLU A 48 29.92 38.76 -11.51
N ASP A 49 29.64 38.15 -12.65
CA ASP A 49 30.53 38.26 -13.77
C ASP A 49 30.11 39.47 -14.57
N GLU A 50 30.92 40.52 -14.56
CA GLU A 50 30.45 41.81 -15.13
C GLU A 50 30.55 41.90 -16.65
N SER A 51 31.19 40.93 -17.29
CA SER A 51 31.15 40.93 -18.72
C SER A 51 29.77 40.44 -19.23
N LYS A 52 29.28 39.31 -18.71
CA LYS A 52 28.12 38.65 -19.34
C LYS A 52 26.84 39.17 -18.70
N GLU A 53 25.81 39.37 -19.52
CA GLU A 53 24.52 39.83 -19.01
C GLU A 53 24.00 38.80 -18.06
N LYS A 54 23.50 39.22 -16.91
CA LYS A 54 23.00 38.25 -15.93
C LYS A 54 21.52 37.91 -16.11
N TYR A 55 21.16 36.69 -15.71
CA TYR A 55 19.79 36.26 -15.55
C TYR A 55 19.68 35.44 -14.29
N TYR A 56 18.66 35.79 -13.52
CA TYR A 56 18.47 35.22 -12.23
C TYR A 56 17.11 34.61 -12.24
N CYS A 57 17.15 33.30 -12.28
CA CYS A 57 16.03 32.48 -12.52
C CYS A 57 15.82 31.71 -11.24
N LEU A 58 14.78 32.08 -10.52
CA LEU A 58 14.61 31.62 -9.17
C LEU A 58 13.36 30.77 -9.08
N SER A 59 13.54 29.55 -8.54
CA SER A 59 12.44 28.73 -8.12
C SER A 59 12.32 28.78 -6.60
N MET A 60 11.10 28.97 -6.13
CA MET A 60 10.80 28.97 -4.69
C MET A 60 11.40 27.71 -4.02
N LEU A 61 12.34 27.94 -3.10
CA LEU A 61 13.10 26.87 -2.43
C LEU A 61 12.18 26.03 -1.60
N PRO A 62 12.47 24.70 -1.52
CA PRO A 62 11.59 23.76 -0.88
C PRO A 62 11.73 23.80 0.64
N TYR A 63 10.68 23.37 1.32
CA TYR A 63 10.77 22.94 2.66
C TYR A 63 11.21 21.43 2.71
N PRO A 64 12.23 21.09 3.53
CA PRO A 64 12.81 19.73 3.51
C PRO A 64 11.96 18.72 4.25
N SER A 65 10.93 18.22 3.57
CA SER A 65 9.89 17.47 4.24
C SER A 65 10.16 15.96 4.22
N GLY A 66 11.24 15.56 3.57
CA GLY A 66 11.59 14.16 3.51
C GLY A 66 11.89 13.71 2.10
N ARG A 67 10.91 13.80 1.22
CA ARG A 67 11.01 13.29 -0.14
C ARG A 67 10.54 14.32 -1.15
N LEU A 68 11.17 14.37 -2.32
CA LEU A 68 10.60 15.16 -3.38
C LEU A 68 9.23 14.56 -3.75
N HIS A 69 8.25 15.40 -4.09
CA HIS A 69 7.08 14.95 -4.86
C HIS A 69 7.04 15.58 -6.25
N MET A 70 5.96 15.32 -6.97
CA MET A 70 5.89 15.64 -8.39
C MET A 70 5.70 17.12 -8.57
N GLY A 71 5.15 17.76 -7.55
CA GLY A 71 4.93 19.17 -7.54
C GLY A 71 6.25 19.88 -7.61
N HIS A 72 7.21 19.39 -6.83
CA HIS A 72 8.53 20.02 -6.83
C HIS A 72 9.19 19.81 -8.19
N VAL A 73 8.86 18.72 -8.87
CA VAL A 73 9.54 18.37 -10.10
C VAL A 73 8.97 19.28 -11.16
N ARG A 74 7.68 19.51 -11.10
CA ARG A 74 7.15 20.49 -12.01
C ARG A 74 7.89 21.82 -11.79
N ASN A 75 8.05 22.26 -10.53
CA ASN A 75 8.67 23.55 -10.23
C ASN A 75 10.09 23.62 -10.74
N TYR A 76 10.85 22.57 -10.46
CA TYR A 76 12.28 22.74 -10.64
C TYR A 76 12.74 22.48 -12.06
N THR A 77 12.01 21.60 -12.77
CA THR A 77 12.14 21.37 -14.20
C THR A 77 11.75 22.65 -14.93
N ILE A 78 10.53 23.16 -14.72
CA ILE A 78 10.22 24.47 -15.28
C ILE A 78 11.40 25.41 -15.05
N GLY A 79 11.95 25.35 -13.84
CA GLY A 79 13.06 26.20 -13.45
C GLY A 79 14.35 25.91 -14.21
N ASP A 80 14.74 24.64 -14.26
CA ASP A 80 15.97 24.19 -14.95
C ASP A 80 15.77 24.50 -16.44
N VAL A 81 14.57 24.21 -16.94
CA VAL A 81 14.27 24.50 -18.33
C VAL A 81 14.62 25.94 -18.68
N ILE A 82 14.10 26.93 -17.94
CA ILE A 82 14.33 28.33 -18.25
C ILE A 82 15.78 28.73 -17.97
N ALA A 83 16.38 28.07 -16.96
CA ALA A 83 17.75 28.43 -16.67
C ALA A 83 18.61 27.99 -17.81
N ARG A 84 18.36 26.80 -18.32
CA ARG A 84 19.36 26.23 -19.21
C ARG A 84 19.16 26.91 -20.55
N TYR A 85 17.91 27.14 -20.87
CA TYR A 85 17.56 27.82 -22.09
C TYR A 85 18.28 29.15 -22.12
N GLN A 86 18.26 29.81 -20.98
CA GLN A 86 18.78 31.12 -20.79
C GLN A 86 20.28 31.20 -20.85
N ARG A 87 20.94 30.19 -20.29
CA ARG A 87 22.38 30.11 -20.39
C ARG A 87 22.70 30.00 -21.88
N MET A 88 21.79 29.33 -22.59
CA MET A 88 22.03 28.98 -23.98
C MET A 88 21.96 30.21 -24.82
N LEU A 89 21.11 31.19 -24.42
CA LEU A 89 21.07 32.50 -25.08
C LEU A 89 22.26 33.38 -24.71
N GLY A 90 23.14 32.92 -23.83
CA GLY A 90 24.37 33.67 -23.64
C GLY A 90 24.44 34.43 -22.35
N LYS A 91 23.46 34.23 -21.47
CA LYS A 91 23.38 35.04 -20.28
C LYS A 91 24.14 34.34 -19.17
N ASN A 92 24.53 35.14 -18.17
CA ASN A 92 25.12 34.58 -16.97
C ASN A 92 24.03 34.14 -15.99
N VAL A 93 23.94 32.84 -15.72
CA VAL A 93 22.67 32.40 -15.13
C VAL A 93 22.75 31.95 -13.71
N LEU A 94 22.10 32.70 -12.83
CA LEU A 94 21.95 32.24 -11.45
C LEU A 94 20.70 31.37 -11.30
N GLN A 95 20.91 30.09 -10.91
CA GLN A 95 19.86 29.25 -10.48
C GLN A 95 20.19 28.63 -9.13
N PRO A 96 19.56 29.16 -8.06
CA PRO A 96 19.95 28.70 -6.74
C PRO A 96 18.97 27.75 -6.11
N ILE A 97 19.46 27.04 -5.11
CA ILE A 97 18.70 26.03 -4.40
C ILE A 97 19.06 26.02 -2.89
N GLY A 98 18.06 25.88 -2.04
CA GLY A 98 18.32 25.78 -0.62
C GLY A 98 17.06 25.32 0.08
N TRP A 99 17.06 25.40 1.39
CA TRP A 99 16.10 24.68 2.20
C TRP A 99 15.47 25.64 3.13
N ASP A 100 14.17 25.73 3.05
CA ASP A 100 13.44 26.72 3.84
C ASP A 100 12.99 25.88 4.97
N ALA A 101 13.86 25.75 5.98
CA ALA A 101 13.97 24.54 6.86
C ALA A 101 13.28 24.62 8.26
N PHE A 102 12.80 25.80 8.64
CA PHE A 102 11.98 25.86 9.85
C PHE A 102 10.55 25.56 9.50
N GLY A 103 9.79 25.08 10.48
CA GLY A 103 8.39 24.86 10.30
C GLY A 103 7.85 23.75 11.13
N LEU A 104 6.55 23.70 11.18
CA LEU A 104 5.81 22.80 11.98
C LEU A 104 6.17 21.32 11.72
N PRO A 105 6.14 20.87 10.46
CA PRO A 105 6.07 19.41 10.30
C PRO A 105 7.19 18.61 10.98
N ALA A 106 8.34 19.25 11.17
CA ALA A 106 9.46 18.62 11.85
C ALA A 106 9.20 18.36 13.32
N GLU A 107 8.23 19.07 13.87
CA GLU A 107 8.00 19.03 15.31
C GLU A 107 7.25 17.77 15.60
N GLY A 108 6.02 17.70 15.13
CA GLY A 108 5.33 16.42 15.05
C GLY A 108 6.21 15.27 14.57
N ALA A 109 6.91 15.45 13.44
CA ALA A 109 7.67 14.31 12.87
C ALA A 109 8.71 13.79 13.86
N ALA A 110 9.48 14.70 14.45
CA ALA A 110 10.65 14.38 15.26
C ALA A 110 10.30 13.65 16.53
N VAL A 111 9.02 13.57 16.85
CA VAL A 111 8.62 12.87 18.04
C VAL A 111 8.16 11.48 17.69
N LYS A 112 7.27 11.40 16.70
CA LYS A 112 6.93 10.12 16.08
C LYS A 112 8.20 9.32 16.09
N ASN A 113 9.29 9.98 15.68
CA ASN A 113 10.52 9.27 15.41
C ASN A 113 11.57 9.27 16.52
N ASN A 114 11.33 10.03 17.59
CA ASN A 114 12.32 10.23 18.65
C ASN A 114 13.63 10.82 18.12
N THR A 115 13.54 12.06 17.66
CA THR A 115 14.70 12.86 17.27
C THR A 115 14.38 14.25 17.73
N ALA A 116 15.31 15.17 17.45
CA ALA A 116 15.06 16.58 17.50
C ALA A 116 14.67 17.00 16.07
N PRO A 117 14.01 18.16 15.92
CA PRO A 117 13.72 18.72 14.59
C PRO A 117 14.97 18.88 13.74
N ALA A 118 16.08 19.24 14.35
CA ALA A 118 17.29 19.57 13.56
C ALA A 118 17.87 18.36 12.80
N PRO A 119 18.20 17.27 13.50
CA PRO A 119 18.76 16.11 12.78
C PRO A 119 17.79 15.45 11.76
N TRP A 120 16.49 15.40 12.08
CA TRP A 120 15.47 14.99 11.12
C TRP A 120 15.44 15.94 9.91
N THR A 121 15.70 17.23 10.16
CA THR A 121 15.63 18.24 9.12
C THR A 121 16.85 18.12 8.22
N TYR A 122 18.02 18.04 8.82
CA TYR A 122 19.25 17.92 8.06
C TYR A 122 19.28 16.65 7.24
N ASP A 123 18.70 15.57 7.74
CA ASP A 123 18.70 14.30 7.04
C ASP A 123 17.71 14.33 5.86
N ASN A 124 16.59 15.04 6.03
CA ASN A 124 15.65 15.38 4.94
C ASN A 124 16.31 16.18 3.83
N ILE A 125 17.11 17.15 4.22
CA ILE A 125 17.88 17.91 3.26
C ILE A 125 18.81 16.99 2.45
N ALA A 126 19.61 16.14 3.10
CA ALA A 126 20.60 15.35 2.38
C ALA A 126 19.89 14.42 1.40
N TYR A 127 18.80 13.83 1.87
CA TYR A 127 18.07 12.88 1.09
C TYR A 127 17.54 13.50 -0.18
N MET A 128 16.96 14.69 -0.04
CA MET A 128 16.34 15.43 -1.14
C MET A 128 17.41 16.08 -1.98
N LYS A 129 18.45 16.59 -1.33
CA LYS A 129 19.58 17.20 -2.06
C LYS A 129 19.93 16.18 -3.13
N ASN A 130 20.07 14.93 -2.67
CA ASN A 130 20.32 13.82 -3.55
C ASN A 130 19.28 13.59 -4.65
N GLN A 131 18.00 13.65 -4.32
CA GLN A 131 16.93 13.67 -5.29
C GLN A 131 16.97 14.80 -6.33
N LEU A 132 17.34 16.01 -5.93
CA LEU A 132 17.44 17.11 -6.92
C LEU A 132 18.66 16.96 -7.81
N LYS A 133 19.73 16.39 -7.27
CA LYS A 133 20.92 16.18 -8.07
C LYS A 133 20.70 15.20 -9.19
N MET A 134 19.95 14.14 -8.92
CA MET A 134 19.84 13.01 -9.87
C MET A 134 18.86 13.33 -10.94
N LEU A 135 18.14 14.42 -10.72
CA LEU A 135 17.23 14.98 -11.67
C LEU A 135 17.99 16.02 -12.51
N GLY A 136 19.27 16.18 -12.20
CA GLY A 136 20.15 16.99 -12.99
C GLY A 136 19.79 18.45 -13.16
N PHE A 137 19.15 19.06 -12.17
CA PHE A 137 18.87 20.47 -12.30
C PHE A 137 20.17 21.24 -12.27
N GLY A 138 20.25 22.33 -13.00
CA GLY A 138 21.56 23.00 -13.05
C GLY A 138 21.73 24.09 -12.03
N TYR A 139 21.77 23.71 -10.75
CA TYR A 139 21.88 24.64 -9.63
C TYR A 139 23.32 24.95 -9.30
N ASP A 140 23.51 26.15 -8.74
CA ASP A 140 24.80 26.65 -8.22
C ASP A 140 24.88 26.16 -6.82
N TRP A 141 25.35 24.94 -6.63
CA TRP A 141 25.32 24.41 -5.29
C TRP A 141 26.26 25.20 -4.36
N SER A 142 27.23 25.94 -4.93
CA SER A 142 28.17 26.63 -4.07
C SER A 142 27.36 27.58 -3.19
N ARG A 143 26.16 27.90 -3.66
CA ARG A 143 25.28 28.90 -3.07
C ARG A 143 24.18 28.34 -2.20
N GLU A 144 24.20 27.04 -1.92
CA GLU A 144 23.13 26.49 -1.11
C GLU A 144 23.17 26.99 0.34
N LEU A 145 22.00 27.37 0.83
CA LEU A 145 21.86 27.75 2.19
C LEU A 145 20.77 26.93 2.82
N ALA A 146 20.82 26.80 4.14
CA ALA A 146 19.73 26.16 4.87
C ALA A 146 19.26 27.17 5.87
N THR A 147 17.99 27.61 5.76
CA THR A 147 17.43 28.64 6.60
C THR A 147 17.42 28.34 8.10
N CYS A 148 17.49 27.09 8.53
CA CYS A 148 17.54 26.87 9.96
C CYS A 148 18.91 27.23 10.59
N THR A 149 19.89 27.63 9.79
CA THR A 149 21.24 27.83 10.35
C THR A 149 21.43 29.28 10.80
N PRO A 150 22.14 29.50 11.91
CA PRO A 150 22.39 30.86 12.37
C PRO A 150 23.10 31.69 11.27
N GLU A 151 23.96 31.06 10.46
CA GLU A 151 24.64 31.78 9.35
C GLU A 151 23.58 32.60 8.62
N TYR A 152 22.34 32.08 8.66
CA TYR A 152 21.22 32.64 7.97
C TYR A 152 20.28 33.55 8.81
N TYR A 153 19.61 32.98 9.81
CA TYR A 153 18.55 33.73 10.45
C TYR A 153 19.01 34.85 11.39
N ARG A 154 20.31 34.82 11.71
CA ARG A 154 20.91 35.93 12.46
C ARG A 154 20.58 37.25 11.77
N TRP A 155 20.55 37.22 10.43
CA TRP A 155 20.29 38.39 9.64
C TRP A 155 18.84 38.78 9.64
N GLU A 156 17.93 37.82 9.59
CA GLU A 156 16.51 38.19 9.70
C GLU A 156 16.29 38.71 11.11
N GLN A 157 16.98 38.13 12.08
CA GLN A 157 16.94 38.68 13.46
C GLN A 157 17.41 40.13 13.59
N LYS A 158 18.53 40.48 12.98
CA LYS A 158 19.05 41.83 13.08
C LYS A 158 18.14 42.76 12.31
N PHE A 159 17.56 42.20 11.25
CA PHE A 159 16.73 43.03 10.47
C PHE A 159 15.51 43.37 11.27
N PHE A 160 15.00 42.39 11.97
CA PHE A 160 13.76 42.64 12.66
C PHE A 160 13.99 43.74 13.68
N THR A 161 15.11 43.70 14.40
CA THR A 161 15.35 44.75 15.39
C THR A 161 15.48 46.13 14.75
N GLU A 162 16.03 46.21 13.54
CA GLU A 162 16.09 47.44 12.75
C GLU A 162 14.63 47.95 12.54
N LEU A 163 13.79 47.17 11.88
CA LEU A 163 12.36 47.40 11.79
C LEU A 163 11.70 47.83 13.14
N TYR A 164 11.97 47.05 14.19
CA TYR A 164 11.52 47.54 15.51
C TYR A 164 11.98 48.96 15.76
N LYS A 165 13.30 49.22 15.61
CA LYS A 165 13.84 50.51 16.01
C LYS A 165 13.25 51.66 15.17
N LYS A 166 12.50 51.30 14.14
CA LYS A 166 12.13 52.18 13.05
C LYS A 166 10.56 52.25 13.00
N GLY A 167 9.90 51.61 13.97
CA GLY A 167 8.45 51.75 14.25
C GLY A 167 7.52 50.86 13.42
N LEU A 168 8.08 49.83 12.83
CA LEU A 168 7.35 48.95 11.98
C LEU A 168 7.00 47.63 12.69
N VAL A 169 7.44 47.45 13.92
CA VAL A 169 7.08 46.26 14.70
C VAL A 169 6.33 46.64 15.97
N TYR A 170 5.24 45.92 16.31
CA TYR A 170 4.54 46.12 17.56
C TYR A 170 3.89 44.85 18.15
N LYS A 171 3.33 45.01 19.33
CA LYS A 171 2.65 43.94 20.04
C LYS A 171 1.20 44.33 20.14
N LYS A 172 0.34 43.43 19.71
CA LYS A 172 -1.06 43.49 20.02
C LYS A 172 -1.40 42.09 20.45
N THR A 173 -2.50 41.94 21.20
CA THR A 173 -2.98 40.61 21.55
C THR A 173 -3.66 40.03 20.33
N SER A 174 -3.46 38.73 20.14
CA SER A 174 -4.06 38.02 19.00
C SER A 174 -4.55 36.64 19.34
N ALA A 175 -5.73 36.33 18.82
CA ALA A 175 -6.33 35.01 19.03
C ALA A 175 -5.56 33.89 18.32
N VAL A 176 -5.39 32.81 19.05
CA VAL A 176 -4.58 31.69 18.73
C VAL A 176 -5.39 30.39 19.05
N ASN A 177 -5.22 29.32 18.27
CA ASN A 177 -5.95 28.10 18.55
C ASN A 177 -5.24 27.44 19.70
N TRP A 178 -5.81 27.59 20.88
CA TRP A 178 -5.27 26.99 22.08
C TRP A 178 -6.03 25.72 22.33
N CYS A 179 -5.25 24.66 22.59
CA CYS A 179 -5.76 23.38 23.04
C CYS A 179 -5.76 23.44 24.55
N PRO A 180 -6.94 23.27 25.17
CA PRO A 180 -7.16 23.47 26.62
C PRO A 180 -6.55 22.36 27.47
N ASN A 181 -6.54 21.14 26.92
CA ASN A 181 -5.88 19.97 27.50
C ASN A 181 -4.36 20.21 27.51
N ASP A 182 -3.70 19.75 26.44
CA ASP A 182 -2.29 20.01 26.20
C ASP A 182 -1.85 21.39 26.70
N GLN A 183 -2.79 22.34 26.65
CA GLN A 183 -2.50 23.73 26.97
C GLN A 183 -1.30 24.16 26.15
N THR A 184 -1.52 24.20 24.84
CA THR A 184 -0.45 24.33 23.86
C THR A 184 -1.10 24.91 22.61
N VAL A 185 -0.39 25.79 21.89
CA VAL A 185 -0.93 26.48 20.72
C VAL A 185 -0.86 25.63 19.44
N LEU A 186 -1.97 25.56 18.72
CA LEU A 186 -2.07 24.73 17.53
C LEU A 186 -2.28 25.61 16.33
N ALA A 187 -1.63 25.23 15.22
CA ALA A 187 -1.87 25.89 13.92
C ALA A 187 -3.20 25.35 13.41
N ASN A 188 -3.87 26.15 12.59
CA ASN A 188 -5.16 25.80 12.05
C ASN A 188 -5.24 24.37 11.48
N GLU A 189 -4.16 23.91 10.85
CA GLU A 189 -4.11 22.58 10.23
C GLU A 189 -4.15 21.50 11.28
N GLN A 190 -3.75 21.84 12.49
CA GLN A 190 -3.82 20.90 13.60
C GLN A 190 -5.17 20.93 14.27
N VAL A 191 -6.04 21.82 13.80
CA VAL A 191 -7.43 21.90 14.24
C VAL A 191 -8.30 21.11 13.22
N ILE A 192 -8.89 20.00 13.66
CA ILE A 192 -9.68 19.13 12.75
C ILE A 192 -11.20 19.11 13.12
N ASP A 193 -11.99 19.77 12.27
CA ASP A 193 -13.41 20.15 12.54
C ASP A 193 -13.67 20.74 13.94
N GLY A 194 -12.70 21.50 14.46
CA GLY A 194 -12.84 22.19 15.75
C GLY A 194 -12.21 21.50 16.94
N CYS A 195 -11.61 20.32 16.69
CA CYS A 195 -10.91 19.50 17.69
C CYS A 195 -9.38 19.47 17.45
N CYS A 196 -8.66 19.00 18.47
CA CYS A 196 -7.21 18.85 18.41
C CYS A 196 -6.73 17.59 17.65
N TRP A 197 -5.71 17.75 16.82
CA TRP A 197 -5.19 16.68 15.97
C TRP A 197 -4.69 15.45 16.74
N ARG A 198 -4.25 15.65 17.98
CA ARG A 198 -3.81 14.56 18.86
C ARG A 198 -4.99 13.83 19.51
N CYS A 199 -5.56 14.43 20.55
CA CYS A 199 -6.78 13.95 21.22
C CYS A 199 -7.96 14.86 20.88
N ASP A 200 -9.14 14.26 20.72
CA ASP A 200 -10.33 15.04 20.37
C ASP A 200 -10.84 15.92 21.51
N THR A 201 -9.93 16.64 22.17
CA THR A 201 -10.29 17.68 23.13
C THR A 201 -10.51 18.96 22.34
N LYS A 202 -11.46 19.80 22.77
CA LYS A 202 -11.93 20.90 21.92
C LYS A 202 -11.06 22.16 21.99
N VAL A 203 -10.61 22.61 20.82
CA VAL A 203 -9.84 23.85 20.67
C VAL A 203 -10.67 25.06 21.11
N GLU A 204 -10.05 25.96 21.87
CA GLU A 204 -10.61 27.27 22.24
C GLU A 204 -9.74 28.48 21.80
N ARG A 205 -10.39 29.60 21.47
CA ARG A 205 -9.73 30.89 21.22
C ARG A 205 -9.05 31.41 22.48
N LYS A 206 -7.77 31.74 22.33
CA LYS A 206 -7.09 32.52 23.33
C LYS A 206 -6.43 33.75 22.69
N GLU A 207 -6.64 34.91 23.30
CA GLU A 207 -5.94 36.10 22.87
C GLU A 207 -4.59 36.08 23.58
N ILE A 208 -3.50 36.32 22.85
CA ILE A 208 -2.15 36.22 23.41
C ILE A 208 -1.34 37.37 22.85
N PRO A 209 -0.53 38.04 23.69
CA PRO A 209 0.19 39.17 23.07
C PRO A 209 1.18 38.63 22.06
N GLN A 210 1.20 39.24 20.87
CA GLN A 210 2.09 38.76 19.81
C GLN A 210 2.72 39.88 19.03
N TRP A 211 3.76 39.56 18.27
CA TRP A 211 4.48 40.55 17.47
C TRP A 211 3.94 40.73 16.06
N PHE A 212 3.85 41.98 15.62
CA PHE A 212 3.29 42.27 14.31
C PHE A 212 4.19 43.21 13.54
N ILE A 213 4.24 43.07 12.20
CA ILE A 213 5.06 43.95 11.37
C ILE A 213 4.10 44.78 10.52
N LYS A 214 4.24 46.10 10.49
CA LYS A 214 3.18 46.91 9.92
C LYS A 214 3.16 46.80 8.39
N ILE A 215 3.02 45.58 7.89
CA ILE A 215 2.77 45.42 6.45
C ILE A 215 1.74 46.45 5.90
N THR A 216 0.73 46.78 6.68
CA THR A 216 -0.30 47.79 6.34
C THR A 216 0.30 49.14 6.03
N ALA A 217 1.49 49.43 6.55
CA ALA A 217 2.15 50.72 6.30
C ALA A 217 2.76 50.72 4.90
N TYR A 218 2.77 49.57 4.26
CA TYR A 218 3.17 49.46 2.86
C TYR A 218 2.01 48.98 1.98
N ALA A 219 0.76 49.09 2.45
CA ALA A 219 -0.39 48.66 1.65
C ALA A 219 -0.50 49.40 0.33
N ASP A 220 -0.42 50.71 0.38
CA ASP A 220 -0.50 51.48 -0.87
C ASP A 220 0.65 51.14 -1.83
N GLU A 221 1.85 50.94 -1.30
CA GLU A 221 2.95 50.65 -2.19
C GLU A 221 2.76 49.23 -2.76
N LEU A 222 2.25 48.34 -1.93
CA LEU A 222 2.04 47.01 -2.44
C LEU A 222 0.91 46.98 -3.48
N LEU A 223 -0.03 47.92 -3.36
CA LEU A 223 -1.25 47.89 -4.14
C LEU A 223 -1.03 48.59 -5.46
N ASN A 224 -0.54 49.82 -5.41
CA ASN A 224 -0.17 50.62 -6.58
C ASN A 224 0.87 50.02 -7.52
N ASP A 225 1.88 49.35 -6.99
CA ASP A 225 3.00 48.90 -7.81
C ASP A 225 2.63 47.72 -8.67
N LEU A 226 1.61 46.96 -8.28
CA LEU A 226 1.10 45.86 -9.12
C LEU A 226 0.90 46.37 -10.57
N ASP A 227 0.43 47.61 -10.75
CA ASP A 227 0.24 48.22 -12.08
C ASP A 227 1.55 48.46 -12.87
N LYS A 228 2.66 47.91 -12.37
CA LYS A 228 3.94 48.10 -13.01
C LYS A 228 4.53 46.72 -13.18
N LEU A 229 3.79 45.73 -12.71
CA LEU A 229 4.23 44.38 -12.83
C LEU A 229 3.69 43.81 -14.12
N ASP A 230 4.22 44.32 -15.25
CA ASP A 230 3.70 43.99 -16.59
C ASP A 230 3.78 42.48 -16.77
N HIS A 231 4.84 41.89 -16.21
CA HIS A 231 5.14 40.48 -16.41
C HIS A 231 4.76 39.58 -15.26
N TRP A 232 3.78 39.99 -14.45
CA TRP A 232 3.21 39.13 -13.45
C TRP A 232 1.81 38.73 -13.94
N PRO A 233 1.43 37.46 -13.83
CA PRO A 233 0.11 37.21 -14.40
C PRO A 233 -1.01 38.00 -13.72
N ASP A 234 -2.15 38.15 -14.38
CA ASP A 234 -3.25 38.94 -13.77
C ASP A 234 -3.88 38.22 -12.62
N THR A 235 -3.86 36.89 -12.67
CA THR A 235 -4.50 36.12 -11.64
C THR A 235 -3.90 36.59 -10.31
N VAL A 236 -2.61 36.86 -10.32
CA VAL A 236 -1.91 37.01 -9.09
C VAL A 236 -2.03 38.44 -8.64
N LYS A 237 -1.85 39.34 -9.59
CA LYS A 237 -2.14 40.78 -9.36
C LYS A 237 -3.50 41.03 -8.81
N THR A 238 -4.53 40.42 -9.40
CA THR A 238 -5.92 40.54 -8.92
C THR A 238 -6.16 39.89 -7.57
N MET A 239 -5.68 38.66 -7.39
CA MET A 239 -5.75 38.06 -6.10
C MET A 239 -5.13 38.96 -5.02
N GLN A 240 -3.89 39.42 -5.24
CA GLN A 240 -3.23 40.32 -4.28
C GLN A 240 -4.01 41.60 -4.05
N ARG A 241 -4.66 42.09 -5.08
CA ARG A 241 -5.39 43.36 -4.93
C ARG A 241 -6.57 43.09 -4.02
N ASN A 242 -7.36 42.08 -4.36
CA ASN A 242 -8.53 41.79 -3.55
C ASN A 242 -8.14 41.50 -2.13
N TRP A 243 -7.00 40.87 -1.98
CA TRP A 243 -6.52 40.61 -0.65
C TRP A 243 -6.14 41.88 0.15
N ILE A 244 -5.52 42.84 -0.51
CA ILE A 244 -5.15 44.05 0.21
C ILE A 244 -6.47 44.81 0.54
N GLY A 245 -7.38 44.83 -0.44
CA GLY A 245 -8.76 45.26 -0.27
C GLY A 245 -8.84 46.62 0.33
N ARG A 246 -8.13 47.56 -0.28
CA ARG A 246 -8.22 48.95 0.10
C ARG A 246 -9.61 49.50 -0.18
N SER A 247 -10.16 50.24 0.77
CA SER A 247 -11.37 51.04 0.63
C SER A 247 -11.21 52.47 1.20
N GLU A 248 -11.93 53.43 0.62
CA GLU A 248 -12.19 54.74 1.22
C GLU A 248 -13.60 54.78 1.86
N GLY A 249 -13.65 55.22 3.12
CA GLY A 249 -14.89 55.28 3.86
C GLY A 249 -14.82 56.28 5.02
N VAL A 250 -15.59 56.02 6.06
CA VAL A 250 -15.74 56.95 7.17
C VAL A 250 -15.87 56.13 8.41
N GLU A 251 -15.16 56.52 9.45
CA GLU A 251 -15.40 55.89 10.74
C GLU A 251 -16.44 56.76 11.43
N ILE A 252 -17.35 56.13 12.16
CA ILE A 252 -18.45 56.91 12.73
C ILE A 252 -18.55 56.51 14.15
N THR A 253 -18.70 57.51 14.99
CA THR A 253 -18.62 57.35 16.42
C THR A 253 -19.97 57.64 17.04
N PHE A 254 -20.39 56.69 17.88
CA PHE A 254 -21.68 56.74 18.51
C PHE A 254 -21.55 56.75 20.01
N ASN A 255 -22.40 57.54 20.65
CA ASN A 255 -22.56 57.39 22.09
C ASN A 255 -23.59 56.30 22.33
N VAL A 256 -23.42 55.61 23.44
CA VAL A 256 -24.34 54.63 23.93
C VAL A 256 -24.98 55.17 25.24
N ASN A 257 -26.25 54.85 25.45
CA ASN A 257 -26.86 55.14 26.72
C ASN A 257 -26.39 54.21 27.86
N ASP A 258 -26.11 54.85 29.01
CA ASP A 258 -25.61 54.24 30.24
C ASP A 258 -24.33 53.50 30.03
N TYR A 259 -23.51 54.05 29.14
CA TYR A 259 -22.18 53.51 28.93
C TYR A 259 -21.29 54.71 28.63
N ASP A 260 -20.09 54.64 29.13
CA ASP A 260 -19.27 55.85 29.20
C ASP A 260 -18.39 55.96 28.00
N ASN A 261 -18.18 54.85 27.30
CA ASN A 261 -17.30 54.89 26.15
C ASN A 261 -18.08 55.00 24.87
N THR A 262 -17.45 55.59 23.86
CA THR A 262 -18.05 55.67 22.57
C THR A 262 -17.77 54.40 21.82
N LEU A 263 -18.58 54.15 20.80
CA LEU A 263 -18.42 53.00 19.91
C LEU A 263 -17.99 53.58 18.56
N THR A 264 -17.03 52.95 17.86
CA THR A 264 -16.69 53.41 16.50
C THR A 264 -16.88 52.34 15.43
N VAL A 265 -17.55 52.68 14.33
CA VAL A 265 -17.60 51.74 13.21
C VAL A 265 -16.85 52.27 12.00
N TYR A 266 -16.43 51.37 11.13
CA TYR A 266 -15.99 51.74 9.81
C TYR A 266 -17.01 51.23 8.81
N THR A 267 -17.49 52.13 7.95
CA THR A 267 -18.27 51.75 6.79
C THR A 267 -17.74 52.42 5.49
N THR A 268 -17.88 51.71 4.38
CA THR A 268 -17.69 52.27 3.03
C THR A 268 -19.05 52.83 2.47
N ARG A 269 -20.11 52.66 3.27
CA ARG A 269 -21.44 53.05 2.82
C ARG A 269 -22.10 54.07 3.74
N PRO A 270 -21.38 55.19 4.00
CA PRO A 270 -22.01 56.17 4.89
C PRO A 270 -23.34 56.55 4.25
N ASP A 271 -23.45 56.32 2.93
CA ASP A 271 -24.61 56.77 2.15
C ASP A 271 -25.89 56.12 2.65
N THR A 272 -25.74 54.88 3.10
CA THR A 272 -26.84 54.12 3.61
C THR A 272 -27.08 54.43 5.08
N PHE A 273 -26.39 55.42 5.62
CA PHE A 273 -26.39 55.63 7.07
C PHE A 273 -27.76 55.84 7.77
N MET A 274 -28.68 56.58 7.15
CA MET A 274 -30.02 56.70 7.73
C MET A 274 -30.74 55.35 7.71
N GLY A 275 -30.05 54.28 7.32
CA GLY A 275 -30.66 52.96 7.28
C GLY A 275 -30.07 51.99 8.29
N CYS A 276 -29.21 52.55 9.16
CA CYS A 276 -28.72 51.88 10.32
C CYS A 276 -29.79 51.66 11.34
N THR A 277 -30.05 50.39 11.62
CA THR A 277 -31.08 50.01 12.56
C THR A 277 -30.56 49.15 13.71
N TYR A 278 -29.34 48.59 13.57
CA TYR A 278 -28.56 48.15 14.73
C TYR A 278 -27.05 48.31 14.59
N LEU A 279 -26.32 48.27 15.71
CA LEU A 279 -24.90 48.02 15.68
C LEU A 279 -24.62 46.56 16.04
N ALA A 280 -23.54 45.99 15.54
CA ALA A 280 -23.11 44.68 16.08
C ALA A 280 -21.66 44.71 16.53
N VAL A 281 -21.44 44.23 17.74
CA VAL A 281 -20.19 44.41 18.44
C VAL A 281 -19.57 43.03 18.72
N ALA A 282 -18.27 42.99 18.96
CA ALA A 282 -17.63 41.72 19.08
C ALA A 282 -17.82 41.21 20.48
N ALA A 283 -17.94 39.90 20.59
CA ALA A 283 -18.00 39.22 21.87
C ALA A 283 -16.98 39.81 22.84
N GLY A 284 -15.76 40.11 22.34
CA GLY A 284 -14.71 40.66 23.19
C GLY A 284 -14.90 42.09 23.63
N HIS A 285 -15.83 42.80 22.98
CA HIS A 285 -15.96 44.23 23.17
C HIS A 285 -16.50 44.60 24.56
N PRO A 286 -15.88 45.59 25.24
CA PRO A 286 -16.25 46.00 26.59
C PRO A 286 -17.74 46.25 26.80
N LEU A 287 -18.42 46.82 25.80
CA LEU A 287 -19.86 46.90 25.92
C LEU A 287 -20.37 45.50 26.19
N ALA A 288 -20.12 44.58 25.26
CA ALA A 288 -20.49 43.18 25.47
C ALA A 288 -20.05 42.63 26.84
N GLN A 289 -18.87 43.00 27.31
CA GLN A 289 -18.46 42.61 28.67
C GLN A 289 -19.33 43.28 29.76
N LYS A 290 -19.45 44.61 29.74
CA LYS A 290 -20.31 45.34 30.66
C LYS A 290 -21.73 44.76 30.63
N ALA A 291 -22.32 44.64 29.46
CA ALA A 291 -23.66 44.03 29.37
C ALA A 291 -23.74 42.58 29.88
N ALA A 292 -22.81 41.72 29.49
CA ALA A 292 -22.76 40.36 30.05
C ALA A 292 -22.96 40.32 31.58
N GLU A 293 -22.30 41.25 32.27
CA GLU A 293 -22.36 41.38 33.71
C GLU A 293 -23.74 40.99 34.25
N ASN A 294 -24.80 41.57 33.68
CA ASN A 294 -26.16 41.38 34.17
C ASN A 294 -27.11 40.64 33.23
N ASN A 295 -26.57 39.85 32.30
CA ASN A 295 -27.38 39.21 31.25
C ASN A 295 -26.87 37.80 30.98
N PRO A 296 -27.43 36.80 31.67
CA PRO A 296 -26.75 35.50 31.65
C PRO A 296 -26.69 34.87 30.24
N GLU A 297 -27.62 35.28 29.39
CA GLU A 297 -27.78 34.71 28.06
C GLU A 297 -26.71 35.28 27.12
N LEU A 298 -26.36 36.54 27.35
CA LEU A 298 -25.30 37.21 26.63
C LEU A 298 -23.99 36.72 27.13
N ALA A 299 -23.94 36.48 28.43
CA ALA A 299 -22.73 35.95 29.06
C ALA A 299 -22.44 34.59 28.46
N ALA A 300 -23.49 33.93 28.01
CA ALA A 300 -23.38 32.57 27.52
C ALA A 300 -22.83 32.62 26.14
N PHE A 301 -23.42 33.52 25.36
CA PHE A 301 -23.10 33.67 23.98
C PHE A 301 -21.65 34.07 23.80
N ILE A 302 -21.17 35.03 24.61
CA ILE A 302 -19.76 35.43 24.57
C ILE A 302 -18.86 34.23 24.88
N ASP A 303 -19.19 33.48 25.93
CA ASP A 303 -18.42 32.29 26.30
C ASP A 303 -18.39 31.31 25.13
N GLU A 304 -19.56 31.12 24.48
CA GLU A 304 -19.65 30.27 23.29
C GLU A 304 -18.64 30.74 22.23
N CYS A 305 -18.55 32.06 22.09
CA CYS A 305 -17.79 32.71 21.02
C CYS A 305 -16.27 32.47 20.97
N ARG A 306 -15.70 31.71 21.90
CA ARG A 306 -14.28 31.29 21.73
C ARG A 306 -14.19 29.90 21.10
N ASN A 307 -15.28 29.56 20.45
CA ASN A 307 -15.39 28.42 19.58
C ASN A 307 -15.39 28.91 18.15
N THR A 308 -15.20 30.21 17.98
CA THR A 308 -15.06 30.78 16.65
C THR A 308 -13.63 30.49 16.16
N LYS A 309 -13.49 29.73 15.07
CA LYS A 309 -12.18 29.27 14.65
C LYS A 309 -11.37 30.39 14.00
N VAL A 310 -10.06 30.34 14.26
CA VAL A 310 -9.12 31.40 13.85
C VAL A 310 -8.79 31.34 12.34
N ALA A 311 -9.79 30.93 11.55
CA ALA A 311 -9.70 30.98 10.09
C ALA A 311 -10.91 31.72 9.57
N GLU A 312 -10.69 32.55 8.54
CA GLU A 312 -11.77 33.30 7.91
C GLU A 312 -12.85 32.39 7.33
N ALA A 313 -12.43 31.33 6.63
CA ALA A 313 -13.38 30.41 5.99
C ALA A 313 -14.51 29.98 6.92
N GLU A 314 -14.21 29.68 8.18
CA GLU A 314 -15.27 29.31 9.11
C GLU A 314 -15.99 30.54 9.58
N MET A 315 -15.22 31.56 9.90
CA MET A 315 -15.83 32.83 10.29
C MET A 315 -16.96 33.24 9.34
N ALA A 316 -16.97 32.67 8.12
CA ALA A 316 -17.95 33.02 7.10
C ALA A 316 -19.03 31.99 6.78
N THR A 317 -18.72 30.69 6.83
CA THR A 317 -19.73 29.64 6.66
C THR A 317 -20.50 29.45 7.94
N MET A 318 -19.85 29.66 9.08
CA MET A 318 -20.56 29.49 10.34
C MET A 318 -21.83 30.29 10.29
N GLU A 319 -22.82 29.79 10.99
CA GLU A 319 -24.01 30.55 11.09
C GLU A 319 -23.71 31.73 11.95
N LYS A 320 -24.27 32.86 11.56
CA LYS A 320 -24.21 34.04 12.33
C LYS A 320 -25.12 33.79 13.54
N LYS A 321 -24.61 34.13 14.73
CA LYS A 321 -25.39 34.05 15.96
C LYS A 321 -25.09 35.27 16.80
N GLY A 322 -26.11 35.86 17.39
CA GLY A 322 -25.96 37.05 18.23
C GLY A 322 -27.05 37.25 19.26
N VAL A 323 -26.66 37.85 20.37
CA VAL A 323 -27.52 38.17 21.48
C VAL A 323 -27.45 39.69 21.65
N ASP A 324 -28.63 40.26 21.84
CA ASP A 324 -28.78 41.64 22.16
C ASP A 324 -28.13 41.91 23.51
N THR A 325 -27.73 43.16 23.68
CA THR A 325 -26.93 43.63 24.77
C THR A 325 -27.87 44.38 25.72
N GLY A 326 -29.03 44.74 25.23
CA GLY A 326 -29.87 45.65 25.96
C GLY A 326 -29.43 47.08 25.85
N PHE A 327 -28.18 47.31 25.41
CA PHE A 327 -27.69 48.66 25.20
C PHE A 327 -28.11 49.28 23.88
N LYS A 328 -28.15 50.61 23.87
CA LYS A 328 -28.75 51.40 22.84
C LYS A 328 -27.79 52.53 22.46
N ALA A 329 -27.26 52.48 21.23
CA ALA A 329 -26.43 53.55 20.73
C ALA A 329 -27.39 54.62 20.36
N VAL A 330 -26.90 55.86 20.25
CA VAL A 330 -27.70 56.94 19.67
C VAL A 330 -27.24 57.22 18.25
N HIS A 331 -28.15 57.06 17.31
CA HIS A 331 -27.90 57.42 15.95
C HIS A 331 -27.60 58.91 15.95
N PRO A 332 -26.40 59.33 15.51
CA PRO A 332 -26.00 60.73 15.66
C PRO A 332 -26.80 61.61 14.76
N LEU A 333 -27.46 61.02 13.78
CA LEU A 333 -28.10 61.82 12.75
C LEU A 333 -29.60 61.83 12.89
N THR A 334 -30.17 60.69 13.25
CA THR A 334 -31.61 60.64 13.51
C THR A 334 -31.95 60.86 14.98
N GLY A 335 -31.00 60.54 15.86
CA GLY A 335 -31.22 60.55 17.32
C GLY A 335 -31.93 59.29 17.84
N GLU A 336 -32.39 58.43 16.94
CA GLU A 336 -33.06 57.23 17.37
C GLU A 336 -32.13 56.30 18.13
N GLU A 337 -32.67 55.67 19.16
CA GLU A 337 -31.93 54.66 19.90
C GLU A 337 -31.82 53.41 19.06
N ILE A 338 -30.62 52.87 18.94
CA ILE A 338 -30.56 51.62 18.22
C ILE A 338 -29.93 50.48 19.03
N PRO A 339 -30.47 49.26 18.92
CA PRO A 339 -29.94 48.16 19.71
C PRO A 339 -28.46 47.84 19.48
N VAL A 340 -27.71 47.52 20.52
CA VAL A 340 -26.41 46.98 20.22
C VAL A 340 -26.46 45.49 20.35
N TRP A 341 -26.26 44.78 19.27
CA TRP A 341 -26.17 43.35 19.37
C TRP A 341 -24.72 42.89 19.46
N ALA A 342 -24.46 41.85 20.25
CA ALA A 342 -23.16 41.19 20.24
C ALA A 342 -23.27 40.18 19.15
N ALA A 343 -22.30 40.09 18.23
CA ALA A 343 -22.44 39.10 17.15
C ALA A 343 -21.20 38.21 17.10
N ASN A 344 -21.24 37.06 16.42
CA ASN A 344 -20.11 36.10 16.48
C ASN A 344 -19.13 36.25 15.33
N PHE A 345 -19.46 37.20 14.44
CA PHE A 345 -18.72 37.42 13.22
C PHE A 345 -17.97 38.77 13.18
N VAL A 346 -17.73 39.36 14.34
CA VAL A 346 -17.22 40.73 14.36
C VAL A 346 -16.06 40.63 15.29
N LEU A 347 -14.86 40.98 14.84
CA LEU A 347 -13.75 40.74 15.73
C LEU A 347 -13.03 41.95 16.22
N MET A 348 -12.71 41.91 17.49
CA MET A 348 -11.94 42.93 18.17
C MET A 348 -10.55 43.14 17.56
N GLU A 349 -9.78 42.06 17.43
CA GLU A 349 -8.42 42.13 16.85
C GLU A 349 -8.40 43.06 15.63
N TYR A 350 -9.34 42.81 14.71
CA TYR A 350 -9.40 43.54 13.45
C TYR A 350 -10.26 44.77 13.70
N GLY A 351 -9.92 45.88 13.06
CA GLY A 351 -10.59 47.15 13.33
C GLY A 351 -11.16 47.43 14.73
N THR A 352 -12.33 48.04 14.73
CA THR A 352 -12.96 48.56 15.91
C THR A 352 -13.67 47.44 16.65
N GLY A 353 -13.87 46.30 15.99
CA GLY A 353 -14.71 45.28 16.56
C GLY A 353 -16.10 45.78 16.87
N ALA A 354 -16.65 46.60 15.97
CA ALA A 354 -18.02 47.13 16.03
C ALA A 354 -18.45 47.58 14.61
N VAL A 355 -19.53 46.98 14.12
CA VAL A 355 -20.03 47.38 12.80
C VAL A 355 -21.38 48.08 12.83
N MET A 356 -21.71 48.77 11.75
CA MET A 356 -23.02 49.38 11.66
C MET A 356 -23.95 48.66 10.64
N ALA A 357 -25.17 48.35 11.06
CA ALA A 357 -25.97 47.44 10.30
C ALA A 357 -27.02 48.13 9.50
N VAL A 358 -26.97 47.91 8.18
CA VAL A 358 -28.05 48.35 7.31
C VAL A 358 -28.57 47.12 6.56
N PRO A 359 -29.60 46.49 7.11
CA PRO A 359 -30.21 45.31 6.55
C PRO A 359 -30.78 45.53 5.17
N GLY A 360 -31.46 46.65 4.96
CA GLY A 360 -32.00 46.99 3.65
C GLY A 360 -31.01 46.98 2.50
N HIS A 361 -29.72 47.17 2.83
CA HIS A 361 -28.71 47.31 1.80
C HIS A 361 -27.39 46.56 2.02
N ASP A 362 -27.43 45.49 2.82
CA ASP A 362 -26.29 44.54 2.92
C ASP A 362 -26.84 43.17 3.20
N GLN A 363 -26.42 42.20 2.42
CA GLN A 363 -27.00 40.86 2.47
C GLN A 363 -26.74 40.15 3.82
N ARG A 364 -25.51 40.28 4.32
CA ARG A 364 -25.15 39.84 5.69
C ARG A 364 -26.15 40.48 6.73
N ASP A 365 -26.35 41.80 6.69
CA ASP A 365 -27.32 42.45 7.61
C ASP A 365 -28.79 42.19 7.26
N TYR A 366 -29.05 41.79 6.01
CA TYR A 366 -30.40 41.36 5.68
C TYR A 366 -30.69 40.01 6.37
N GLU A 367 -29.78 39.04 6.21
CA GLU A 367 -29.89 37.76 6.91
C GLU A 367 -30.04 37.93 8.45
N PHE A 368 -29.14 38.69 9.05
CA PHE A 368 -29.15 38.85 10.47
C PHE A 368 -30.50 39.38 10.94
N ALA A 369 -30.89 40.56 10.42
CA ALA A 369 -32.15 41.17 10.81
C ALA A 369 -33.35 40.23 10.63
N SER A 370 -33.38 39.50 9.51
CA SER A 370 -34.44 38.53 9.25
C SER A 370 -34.53 37.57 10.43
N LYS A 371 -33.40 36.94 10.72
CA LYS A 371 -33.29 35.85 11.71
C LYS A 371 -33.75 36.29 13.09
N TYR A 372 -33.38 37.50 13.50
CA TYR A 372 -33.67 38.02 14.84
C TYR A 372 -34.65 39.20 14.84
N GLY A 373 -35.38 39.36 13.75
CA GLY A 373 -36.46 40.33 13.70
C GLY A 373 -36.07 41.75 14.06
N LEU A 374 -34.89 42.17 13.57
CA LEU A 374 -34.49 43.55 13.73
C LEU A 374 -35.06 44.33 12.55
N ASN A 375 -34.90 45.64 12.54
CA ASN A 375 -35.46 46.41 11.47
C ASN A 375 -34.72 46.41 10.10
N ILE A 376 -35.48 46.14 9.05
CA ILE A 376 -35.00 46.18 7.70
C ILE A 376 -35.53 47.46 7.02
N LYS A 377 -34.96 48.63 7.38
CA LYS A 377 -35.34 49.96 6.89
C LYS A 377 -34.70 50.35 5.51
N PRO A 378 -35.52 50.47 4.43
CA PRO A 378 -34.96 50.89 3.10
C PRO A 378 -34.53 52.35 3.09
N VAL A 379 -33.48 52.70 2.35
CA VAL A 379 -33.02 54.07 2.29
C VAL A 379 -32.36 54.42 0.97
N ILE A 380 -32.44 53.50 0.02
CA ILE A 380 -31.90 53.67 -1.30
C ILE A 380 -32.88 53.12 -2.34
N LEU A 381 -33.18 53.96 -3.33
CA LEU A 381 -34.17 53.71 -4.32
C LEU A 381 -33.58 52.74 -5.30
N ALA A 382 -34.39 51.82 -5.83
CA ALA A 382 -33.94 51.01 -6.99
C ALA A 382 -33.46 51.91 -8.16
N ALA A 383 -32.69 51.32 -9.07
CA ALA A 383 -32.14 52.10 -10.21
C ALA A 383 -33.16 52.98 -10.94
N ASP A 384 -34.42 52.55 -10.95
CA ASP A 384 -35.53 53.26 -11.61
C ASP A 384 -36.10 54.41 -10.74
N GLY A 385 -35.54 54.59 -9.55
CA GLY A 385 -36.00 55.64 -8.63
C GLY A 385 -37.26 55.25 -7.89
N SER A 386 -37.53 53.95 -7.78
CA SER A 386 -38.70 53.47 -7.03
C SER A 386 -38.20 52.87 -5.74
N GLU A 387 -39.13 52.58 -4.83
CA GLU A 387 -38.72 52.04 -3.54
C GLU A 387 -38.38 50.55 -3.63
N PRO A 388 -37.23 50.14 -3.06
CA PRO A 388 -36.79 48.76 -3.28
C PRO A 388 -37.72 47.75 -2.63
N ASP A 389 -37.94 46.67 -3.35
CA ASP A 389 -38.69 45.59 -2.80
C ASP A 389 -37.73 44.78 -1.88
N LEU A 390 -37.92 44.92 -0.58
CA LEU A 390 -36.96 44.28 0.30
C LEU A 390 -37.38 42.90 0.80
N SER A 391 -38.64 42.55 0.56
CA SER A 391 -39.29 41.33 1.06
C SER A 391 -38.49 40.03 0.90
N GLN A 392 -37.52 40.02 0.01
CA GLN A 392 -36.71 38.84 -0.14
C GLN A 392 -35.29 39.14 0.27
N GLN A 393 -34.82 40.35 -0.05
CA GLN A 393 -33.39 40.66 0.02
C GLN A 393 -32.97 42.12 0.10
N ALA A 394 -31.69 42.34 0.40
CA ALA A 394 -31.16 43.70 0.46
C ALA A 394 -31.03 44.27 -0.94
N LEU A 395 -31.20 45.59 -1.08
CA LEU A 395 -30.73 46.24 -2.27
C LEU A 395 -29.37 46.74 -1.96
N THR A 396 -28.39 46.16 -2.65
CA THR A 396 -27.01 46.37 -2.37
C THR A 396 -26.41 47.37 -3.37
N GLU A 397 -26.96 47.38 -4.58
N GLU A 397 -26.98 47.41 -4.57
CA GLU A 397 -26.55 48.37 -5.58
C GLU A 397 -26.88 49.82 -5.13
C GLU A 397 -26.88 49.81 -5.15
N LYS A 398 -25.94 50.73 -5.41
CA LYS A 398 -26.00 52.08 -4.88
C LYS A 398 -27.06 52.89 -5.60
N GLY A 399 -27.46 53.99 -4.99
CA GLY A 399 -28.51 54.85 -5.60
C GLY A 399 -28.93 56.04 -4.78
N VAL A 400 -30.05 56.60 -5.20
CA VAL A 400 -30.56 57.84 -4.59
C VAL A 400 -31.10 57.47 -3.20
N LEU A 401 -30.77 58.30 -2.22
CA LEU A 401 -31.25 58.18 -0.84
C LEU A 401 -32.75 58.44 -0.81
N PHE A 402 -33.49 57.71 0.00
CA PHE A 402 -34.77 58.29 0.44
C PHE A 402 -34.95 57.95 1.86
N ASN A 403 -35.91 58.65 2.46
CA ASN A 403 -36.28 58.31 3.79
C ASN A 403 -34.99 58.47 4.67
N SER A 404 -34.27 59.56 4.39
CA SER A 404 -32.93 59.86 4.91
C SER A 404 -32.92 61.33 5.29
N GLY A 405 -34.08 61.81 5.77
CA GLY A 405 -34.22 63.17 6.28
C GLY A 405 -33.64 64.16 5.31
N GLU A 406 -32.71 64.99 5.78
CA GLU A 406 -32.06 66.02 4.96
C GLU A 406 -31.24 65.55 3.74
N PHE A 407 -30.93 64.24 3.67
CA PHE A 407 -30.08 63.71 2.59
C PHE A 407 -30.85 63.04 1.44
N ASN A 408 -32.19 62.92 1.57
CA ASN A 408 -33.06 62.43 0.50
C ASN A 408 -32.76 63.06 -0.86
N GLY A 409 -32.72 62.23 -1.90
CA GLY A 409 -32.69 62.81 -3.25
C GLY A 409 -31.29 62.86 -3.84
N LEU A 410 -30.31 62.87 -2.95
CA LEU A 410 -28.90 62.77 -3.31
C LEU A 410 -28.51 61.42 -3.94
N ASP A 411 -27.63 61.49 -4.95
CA ASP A 411 -27.05 60.30 -5.55
C ASP A 411 -26.03 59.73 -4.61
N HIS A 412 -25.55 58.53 -4.93
CA HIS A 412 -24.66 57.80 -4.03
C HIS A 412 -23.47 58.66 -3.57
N GLU A 413 -22.76 59.17 -4.57
CA GLU A 413 -21.62 60.07 -4.36
C GLU A 413 -21.96 61.24 -3.48
N ALA A 414 -22.97 61.99 -3.89
CA ALA A 414 -23.26 63.20 -3.17
C ALA A 414 -23.74 62.86 -1.73
N ALA A 415 -24.46 61.74 -1.56
CA ALA A 415 -24.86 61.29 -0.21
C ALA A 415 -23.67 60.85 0.65
N PHE A 416 -22.69 60.20 0.02
CA PHE A 416 -21.49 59.74 0.74
C PHE A 416 -20.87 60.95 1.38
N ASN A 417 -20.46 61.86 0.52
CA ASN A 417 -19.83 63.07 0.91
C ASN A 417 -20.72 63.89 1.89
N ALA A 418 -22.00 64.06 1.57
CA ALA A 418 -22.89 64.82 2.47
C ALA A 418 -22.92 64.21 3.85
N ILE A 419 -23.10 62.90 3.95
CA ILE A 419 -23.15 62.31 5.30
C ILE A 419 -21.73 62.33 5.94
N ALA A 420 -20.71 62.21 5.10
CA ALA A 420 -19.34 62.28 5.58
C ALA A 420 -19.09 63.64 6.24
N ASP A 421 -19.53 64.72 5.56
CA ASP A 421 -19.29 66.10 5.94
C ASP A 421 -20.01 66.50 7.20
N LYS A 422 -21.28 66.10 7.30
CA LYS A 422 -21.98 66.40 8.52
C LYS A 422 -21.29 65.67 9.69
N LEU A 423 -21.11 64.36 9.58
CA LEU A 423 -20.45 63.62 10.69
C LEU A 423 -19.04 64.13 11.03
N THR A 424 -18.28 64.46 9.99
CA THR A 424 -17.02 65.10 10.26
C THR A 424 -17.27 66.34 11.11
N ALA A 425 -18.19 67.21 10.67
CA ALA A 425 -18.39 68.53 11.29
C ALA A 425 -19.08 68.42 12.63
N MET A 426 -19.76 67.31 12.88
CA MET A 426 -20.31 67.05 14.24
C MET A 426 -19.19 66.50 15.13
N GLY A 427 -18.04 66.32 14.50
CA GLY A 427 -16.89 65.70 15.18
C GLY A 427 -17.21 64.28 15.63
N VAL A 428 -17.94 63.51 14.83
CA VAL A 428 -18.15 62.10 15.17
C VAL A 428 -17.85 61.23 13.96
N GLY A 429 -17.64 61.87 12.81
CA GLY A 429 -17.18 61.13 11.65
C GLY A 429 -15.76 61.46 11.23
N GLU A 430 -15.09 60.52 10.59
CA GLU A 430 -13.92 60.86 9.81
C GLU A 430 -13.65 59.98 8.61
N ARG A 431 -13.25 60.62 7.52
CA ARG A 431 -12.90 59.89 6.31
C ARG A 431 -11.67 59.12 6.68
N LYS A 432 -11.65 57.82 6.38
CA LYS A 432 -10.52 57.00 6.73
C LYS A 432 -10.32 55.99 5.62
N VAL A 433 -9.07 55.67 5.32
CA VAL A 433 -8.77 54.59 4.38
C VAL A 433 -8.60 53.32 5.18
N ASN A 434 -9.03 52.19 4.64
CA ASN A 434 -8.91 50.92 5.32
C ASN A 434 -8.47 49.98 4.29
N TYR A 435 -8.01 48.82 4.77
CA TYR A 435 -7.54 47.74 3.98
C TYR A 435 -8.01 46.44 4.59
N ARG A 436 -8.47 45.52 3.77
CA ARG A 436 -8.67 44.20 4.23
C ARG A 436 -7.34 43.68 4.85
N LEU A 437 -6.21 43.88 4.18
CA LEU A 437 -4.92 43.41 4.68
C LEU A 437 -4.74 43.72 6.15
N ARG A 438 -4.44 42.72 6.97
CA ARG A 438 -4.03 43.02 8.34
C ARG A 438 -2.50 42.96 8.40
N ASP A 439 -1.95 43.48 9.49
CA ASP A 439 -0.53 43.38 9.74
C ASP A 439 -0.14 41.94 9.89
N TRP A 440 1.14 41.73 9.76
CA TRP A 440 1.68 40.42 9.76
C TRP A 440 2.07 40.08 11.20
N GLY A 441 1.43 39.02 11.68
CA GLY A 441 1.76 38.40 12.97
C GLY A 441 2.81 37.36 12.79
N VAL A 442 4.04 37.70 13.19
CA VAL A 442 5.12 36.72 13.12
C VAL A 442 5.44 35.91 14.33
N SER A 443 4.88 36.23 15.48
CA SER A 443 5.12 35.36 16.68
C SER A 443 4.51 34.00 16.47
N ARG A 444 5.34 32.95 16.58
CA ARG A 444 4.87 31.57 16.71
C ARG A 444 5.25 31.00 18.07
N GLN A 445 4.32 30.32 18.72
CA GLN A 445 4.65 29.74 20.00
C GLN A 445 5.15 28.31 19.89
N ARG A 446 6.27 28.13 19.21
CA ARG A 446 6.79 26.80 18.89
C ARG A 446 8.32 26.81 18.78
N TYR A 447 8.91 25.61 18.89
CA TYR A 447 10.38 25.45 18.93
C TYR A 447 11.13 25.66 17.61
N TRP A 448 10.73 24.94 16.56
CA TRP A 448 11.54 24.83 15.35
C TRP A 448 11.38 26.05 14.41
N GLY A 449 12.14 27.08 14.74
CA GLY A 449 12.04 28.38 14.10
C GLY A 449 13.08 29.36 14.68
N ALA A 450 13.19 30.54 14.09
CA ALA A 450 14.23 31.44 14.54
C ALA A 450 13.58 32.17 15.68
N PRO A 451 14.30 32.25 16.82
CA PRO A 451 13.81 32.94 18.00
C PRO A 451 13.70 34.38 17.62
N ILE A 452 12.66 35.04 18.17
CA ILE A 452 12.45 36.46 17.99
C ILE A 452 13.40 37.28 18.86
N PRO A 453 14.12 38.26 18.27
CA PRO A 453 15.13 38.98 19.03
C PRO A 453 14.55 40.10 19.86
N MET A 454 13.80 39.70 20.87
CA MET A 454 13.27 40.67 21.79
C MET A 454 13.61 40.17 23.18
N VAL A 455 13.45 41.08 24.13
CA VAL A 455 14.12 40.98 25.37
C VAL A 455 13.30 41.85 26.27
N THR A 456 12.90 41.27 27.39
CA THR A 456 12.17 42.00 28.44
C THR A 456 13.09 42.16 29.66
N LEU A 457 13.28 43.37 30.14
CA LEU A 457 14.19 43.55 31.28
C LEU A 457 13.43 43.50 32.61
N GLU A 458 14.18 43.31 33.70
CA GLU A 458 13.67 43.46 35.06
C GLU A 458 12.84 44.74 35.18
N ASP A 459 13.40 45.87 34.72
CA ASP A 459 12.66 47.10 34.39
C ASP A 459 11.16 46.81 34.25
N GLY A 460 10.83 45.79 33.45
CA GLY A 460 9.50 45.53 32.97
C GLY A 460 9.49 45.89 31.51
N THR A 461 10.55 46.52 31.05
CA THR A 461 10.48 47.08 29.73
C THR A 461 11.10 46.19 28.68
N VAL A 462 10.69 46.45 27.45
CA VAL A 462 10.92 45.59 26.33
C VAL A 462 11.83 46.29 25.33
N MET A 463 12.92 45.63 24.96
CA MET A 463 13.69 46.13 23.80
C MET A 463 14.20 45.03 22.87
N PRO A 464 14.76 45.44 21.73
CA PRO A 464 15.46 44.50 20.86
C PRO A 464 16.59 43.79 21.60
N THR A 465 16.79 42.51 21.30
CA THR A 465 18.02 41.82 21.73
C THR A 465 19.25 42.62 21.26
N PRO A 466 20.14 42.97 22.17
CA PRO A 466 21.26 43.86 21.78
C PRO A 466 22.04 43.34 20.56
N ASP A 467 22.49 44.24 19.69
CA ASP A 467 23.23 43.82 18.48
C ASP A 467 24.19 42.66 18.72
N ASP A 468 25.02 42.79 19.75
CA ASP A 468 26.12 41.89 20.07
C ASP A 468 25.66 40.53 20.58
N GLN A 469 24.33 40.36 20.69
CA GLN A 469 23.73 39.14 21.22
C GLN A 469 23.02 38.46 20.11
N LEU A 470 23.20 38.99 18.91
CA LEU A 470 22.72 38.29 17.70
C LEU A 470 23.83 37.46 17.08
N PRO A 471 23.46 36.28 16.54
CA PRO A 471 22.11 35.77 16.55
C PRO A 471 21.76 35.32 17.94
N VAL A 472 20.49 34.98 18.13
CA VAL A 472 20.01 34.37 19.31
C VAL A 472 19.83 32.96 18.82
N ILE A 473 20.73 32.10 19.25
CA ILE A 473 20.75 30.79 18.69
C ILE A 473 19.55 29.99 19.20
N LEU A 474 18.99 29.20 18.31
CA LEU A 474 18.04 28.21 18.72
C LEU A 474 18.85 26.90 18.99
N PRO A 475 18.81 26.39 20.22
CA PRO A 475 19.60 25.18 20.40
C PRO A 475 19.01 24.00 19.66
N GLU A 476 19.86 23.10 19.17
CA GLU A 476 19.46 21.94 18.36
C GLU A 476 19.38 20.62 19.13
N ASP A 477 20.03 20.59 20.28
CA ASP A 477 20.07 19.38 21.05
C ASP A 477 19.05 19.46 22.17
N VAL A 478 17.88 18.90 21.91
CA VAL A 478 16.72 19.08 22.78
C VAL A 478 15.93 17.79 23.03
N VAL A 479 15.31 17.67 24.20
CA VAL A 479 14.27 16.65 24.36
C VAL A 479 12.93 17.29 24.10
N MET A 480 12.15 16.64 23.26
CA MET A 480 10.92 17.21 22.74
C MET A 480 9.77 16.40 23.31
N ASP A 481 9.11 16.92 24.34
CA ASP A 481 7.94 16.25 24.92
C ASP A 481 6.74 16.39 23.97
N GLY A 482 6.94 17.16 22.89
CA GLY A 482 5.91 17.34 21.87
C GLY A 482 5.04 18.54 22.18
N ILE A 483 4.53 18.57 23.41
CA ILE A 483 3.58 19.58 23.83
C ILE A 483 4.27 20.95 23.95
N THR A 484 5.45 20.98 24.58
CA THR A 484 6.07 22.27 24.90
C THR A 484 7.32 22.53 24.08
N SER A 485 7.68 23.79 23.97
CA SER A 485 8.89 24.12 23.28
C SER A 485 10.03 24.03 24.26
N PRO A 486 11.07 23.27 23.90
CA PRO A 486 12.27 23.18 24.69
C PRO A 486 12.73 24.50 25.25
N ILE A 487 12.79 25.55 24.44
CA ILE A 487 13.25 26.86 24.93
C ILE A 487 12.27 27.60 25.82
N LYS A 488 11.03 27.11 25.90
CA LYS A 488 10.07 27.53 26.95
C LYS A 488 10.05 26.58 28.14
N ALA A 489 10.29 25.30 27.89
CA ALA A 489 10.47 24.31 28.95
C ALA A 489 11.67 24.61 29.86
N ASP A 490 12.77 25.15 29.33
CA ASP A 490 13.94 25.33 30.17
C ASP A 490 14.05 26.73 30.67
N PRO A 491 14.00 26.89 32.00
CA PRO A 491 14.09 28.22 32.61
C PRO A 491 15.40 28.99 32.28
N GLU A 492 16.52 28.29 32.12
CA GLU A 492 17.81 29.00 31.90
C GLU A 492 17.86 29.74 30.54
N TRP A 493 17.14 29.22 29.55
CA TRP A 493 17.47 29.60 28.18
C TRP A 493 17.17 31.05 27.99
N ALA A 494 16.01 31.49 28.46
CA ALA A 494 15.56 32.87 28.29
C ALA A 494 16.48 33.94 28.92
N LYS A 495 17.46 33.50 29.68
CA LYS A 495 18.18 34.38 30.62
C LYS A 495 19.36 35.00 29.97
N THR A 496 19.38 36.33 29.98
CA THR A 496 20.43 37.09 29.32
C THR A 496 20.71 38.27 30.22
N THR A 497 21.69 39.10 29.88
CA THR A 497 21.82 40.38 30.55
C THR A 497 21.87 41.50 29.50
N VAL A 498 21.07 42.56 29.72
CA VAL A 498 20.90 43.65 28.74
C VAL A 498 20.83 44.95 29.51
N ASN A 499 21.64 45.93 29.10
CA ASN A 499 21.72 47.21 29.82
C ASN A 499 22.16 46.96 31.26
N GLY A 500 23.00 45.96 31.45
CA GLY A 500 23.49 45.59 32.76
C GLY A 500 22.59 44.76 33.67
N MET A 501 21.27 44.76 33.42
CA MET A 501 20.36 44.01 34.30
C MET A 501 19.93 42.66 33.72
N PRO A 502 19.43 41.78 34.58
CA PRO A 502 18.81 40.55 34.09
C PRO A 502 17.67 40.79 33.10
N ALA A 503 17.64 40.00 32.03
CA ALA A 503 16.48 40.06 31.15
C ALA A 503 16.12 38.71 30.58
N LEU A 504 14.88 38.57 30.15
CA LEU A 504 14.42 37.33 29.57
C LEU A 504 14.12 37.48 28.08
N ARG A 505 14.87 36.76 27.26
CA ARG A 505 14.55 36.83 25.85
C ARG A 505 13.23 36.19 25.49
N GLU A 506 12.73 36.56 24.33
CA GLU A 506 11.51 36.01 23.83
C GLU A 506 11.72 34.53 23.57
N THR A 507 10.71 33.71 23.87
CA THR A 507 10.75 32.28 23.59
C THR A 507 9.87 31.90 22.36
N ASP A 508 9.12 32.87 21.83
CA ASP A 508 8.36 32.64 20.65
C ASP A 508 9.38 32.62 19.55
N THR A 509 9.08 31.89 18.48
CA THR A 509 9.89 31.87 17.26
C THR A 509 9.15 32.50 16.06
N PHE A 510 9.90 32.78 15.01
CA PHE A 510 9.36 33.49 13.87
C PHE A 510 8.43 32.63 12.99
N ASP A 511 7.37 33.25 12.48
CA ASP A 511 6.57 32.69 11.39
C ASP A 511 7.64 32.32 10.40
N THR A 512 7.66 31.08 9.91
CA THR A 512 8.77 30.73 8.98
C THR A 512 8.67 31.36 7.61
N PHE A 513 7.52 31.99 7.29
CA PHE A 513 7.46 32.88 6.10
C PHE A 513 8.56 33.92 6.13
N MET A 514 9.06 34.27 7.32
CA MET A 514 10.09 35.28 7.47
C MET A 514 11.36 34.88 6.69
N GLU A 515 11.76 33.61 6.79
CA GLU A 515 12.96 33.14 6.09
C GLU A 515 12.78 33.08 4.56
N SER A 516 11.54 32.94 4.11
CA SER A 516 11.29 32.79 2.65
C SER A 516 10.96 34.14 2.01
N SER A 517 10.92 35.17 2.85
CA SER A 517 10.70 36.49 2.36
C SER A 517 11.96 37.14 1.84
N TRP A 518 13.13 36.64 2.24
CA TRP A 518 14.38 37.30 1.84
C TRP A 518 15.47 36.39 1.32
N TYR A 519 15.31 35.07 1.39
CA TYR A 519 16.32 34.16 0.83
C TYR A 519 16.80 34.54 -0.60
N TYR A 520 15.89 35.00 -1.48
CA TYR A 520 16.25 35.29 -2.85
C TYR A 520 17.40 36.28 -2.92
N ALA A 521 17.63 37.01 -1.84
CA ALA A 521 18.68 38.01 -1.82
C ALA A 521 19.90 37.44 -1.18
N ARG A 522 19.69 36.53 -0.25
CA ARG A 522 20.80 36.02 0.44
C ARG A 522 21.55 35.10 -0.49
N TYR A 523 20.84 34.46 -1.42
CA TYR A 523 21.45 33.65 -2.47
C TYR A 523 22.51 34.38 -3.27
N THR A 524 22.55 35.70 -3.26
CA THR A 524 23.53 36.36 -4.09
C THR A 524 24.90 36.50 -3.39
N CYS A 525 24.94 36.11 -2.12
CA CYS A 525 26.07 36.38 -1.25
C CYS A 525 25.83 35.59 0.01
N PRO A 526 25.52 34.29 -0.14
CA PRO A 526 25.20 33.48 1.06
C PRO A 526 26.39 33.39 2.02
N GLN A 527 27.62 33.54 1.53
CA GLN A 527 28.82 33.36 2.37
C GLN A 527 29.43 34.62 2.98
N TYR A 528 28.55 35.57 3.29
CA TYR A 528 28.99 36.89 3.68
C TYR A 528 28.59 37.21 5.13
N LYS A 529 29.60 37.32 6.00
CA LYS A 529 29.39 37.49 7.43
C LYS A 529 29.38 38.95 7.84
N GLU A 530 29.78 39.83 6.94
CA GLU A 530 29.80 41.26 7.27
C GLU A 530 28.40 41.87 7.36
N GLY A 531 27.45 41.25 6.71
CA GLY A 531 26.09 41.79 6.72
C GLY A 531 25.02 40.87 6.18
N MET A 532 23.79 41.37 6.20
CA MET A 532 22.67 40.67 5.60
C MET A 532 22.89 40.41 4.13
N LEU A 533 23.55 41.37 3.46
CA LEU A 533 23.61 41.45 2.00
C LEU A 533 24.82 42.15 1.55
N ASP A 534 25.55 41.55 0.63
CA ASP A 534 26.70 42.21 0.05
C ASP A 534 26.02 42.90 -1.09
N SER A 535 25.63 44.14 -0.83
CA SER A 535 24.73 44.82 -1.72
C SER A 535 25.23 44.89 -3.15
N GLU A 536 26.55 44.88 -3.32
CA GLU A 536 27.16 44.76 -4.65
C GLU A 536 26.84 43.41 -5.38
N ALA A 537 26.67 42.33 -4.63
CA ALA A 537 26.33 41.06 -5.23
C ALA A 537 24.82 41.01 -5.40
N ALA A 538 24.11 41.53 -4.41
CA ALA A 538 22.67 41.71 -4.51
C ALA A 538 22.32 42.60 -5.72
N ASN A 539 23.00 43.71 -5.89
CA ASN A 539 22.64 44.54 -7.05
C ASN A 539 23.19 44.06 -8.41
N TYR A 540 24.16 43.14 -8.41
CA TYR A 540 24.52 42.50 -9.68
C TYR A 540 23.41 41.55 -10.21
N TRP A 541 22.76 40.82 -9.31
CA TRP A 541 21.79 39.79 -9.67
C TRP A 541 20.36 40.25 -9.61
N LEU A 542 20.07 41.23 -8.77
CA LEU A 542 18.68 41.67 -8.57
C LEU A 542 18.23 42.74 -9.55
N PRO A 543 16.92 42.84 -9.79
CA PRO A 543 15.83 42.00 -9.24
C PRO A 543 15.86 40.64 -9.91
N VAL A 544 15.14 39.67 -9.36
CA VAL A 544 15.07 38.36 -9.98
C VAL A 544 14.32 38.61 -11.26
N ASP A 545 14.82 38.03 -12.35
CA ASP A 545 14.23 38.14 -13.68
C ASP A 545 12.96 37.39 -13.86
N ILE A 546 12.97 36.14 -13.36
CA ILE A 546 11.79 35.31 -13.38
C ILE A 546 11.74 34.56 -12.05
N TYR A 547 10.53 34.46 -11.49
CA TYR A 547 10.34 33.77 -10.22
C TYR A 547 9.28 32.72 -10.45
N ILE A 548 9.64 31.48 -10.15
CA ILE A 548 8.84 30.31 -10.50
C ILE A 548 8.43 29.66 -9.17
N GLY A 549 7.17 29.27 -9.07
CA GLY A 549 6.70 28.58 -7.86
C GLY A 549 5.20 28.38 -7.89
N GLY A 550 4.74 27.50 -7.02
CA GLY A 550 3.29 27.22 -6.97
C GLY A 550 2.41 28.46 -7.09
N ILE A 551 1.21 28.31 -7.67
CA ILE A 551 0.12 29.34 -7.57
C ILE A 551 -0.40 29.46 -6.14
N GLU A 552 -0.22 28.43 -5.31
CA GLU A 552 -0.55 28.46 -3.89
C GLU A 552 -0.04 29.69 -3.13
N HIS A 553 1.03 30.32 -3.61
CA HIS A 553 1.75 31.35 -2.87
C HIS A 553 1.56 32.66 -3.54
N ALA A 554 0.62 32.68 -4.49
CA ALA A 554 0.19 33.92 -5.19
C ALA A 554 0.07 35.04 -4.20
N ILE A 555 -0.53 34.78 -3.06
CA ILE A 555 -0.82 35.90 -2.16
C ILE A 555 0.14 36.03 -0.96
N MET A 556 0.11 35.08 -0.03
CA MET A 556 0.87 35.35 1.19
C MET A 556 2.37 35.48 1.03
N HIS A 557 3.00 34.47 0.45
CA HIS A 557 4.43 34.45 0.30
C HIS A 557 4.86 35.60 -0.62
N LEU A 558 4.13 35.78 -1.70
CA LEU A 558 4.45 36.85 -2.66
C LEU A 558 4.29 38.26 -2.11
N LEU A 559 3.30 38.39 -1.26
CA LEU A 559 3.06 39.71 -0.71
C LEU A 559 4.14 40.00 0.41
N TYR A 560 4.51 38.98 1.19
CA TYR A 560 5.64 39.09 2.15
C TYR A 560 6.95 39.35 1.41
N PHE A 561 7.08 38.68 0.27
CA PHE A 561 8.23 38.77 -0.59
C PHE A 561 8.45 40.21 -1.09
N ARG A 562 7.46 40.79 -1.75
CA ARG A 562 7.52 42.18 -2.19
C ARG A 562 7.71 43.08 -1.02
N PHE A 563 7.01 42.81 0.07
CA PHE A 563 7.11 43.67 1.26
C PHE A 563 8.54 43.72 1.70
N PHE A 564 9.12 42.57 1.89
CA PHE A 564 10.38 42.48 2.45
C PHE A 564 11.31 43.13 1.49
N HIS A 565 11.16 42.81 0.20
CA HIS A 565 11.98 43.51 -0.75
C HIS A 565 11.99 44.95 -0.40
N LYS A 566 10.81 45.55 -0.21
CA LYS A 566 10.76 46.99 -0.04
C LYS A 566 11.36 47.42 1.31
N LEU A 567 11.17 46.65 2.35
CA LEU A 567 11.86 47.07 3.60
C LEU A 567 13.36 47.08 3.39
N MET A 568 13.87 46.13 2.62
CA MET A 568 15.27 46.07 2.26
C MET A 568 15.68 47.20 1.30
N ARG A 569 14.77 47.64 0.46
CA ARG A 569 15.00 48.89 -0.29
C ARG A 569 15.14 50.04 0.72
N ASP A 570 14.15 50.16 1.57
CA ASP A 570 14.10 51.24 2.51
C ASP A 570 15.23 51.26 3.52
N ALA A 571 16.01 50.17 3.59
CA ALA A 571 17.23 50.12 4.39
C ALA A 571 18.48 50.38 3.55
N GLY A 572 18.32 50.80 2.29
CA GLY A 572 19.47 50.96 1.34
C GLY A 572 20.17 49.67 0.88
N MET A 573 19.48 48.55 0.92
CA MET A 573 20.15 47.31 0.62
C MET A 573 20.05 46.86 -0.82
N VAL A 574 19.02 47.35 -1.52
CA VAL A 574 18.69 46.87 -2.85
C VAL A 574 18.15 48.03 -3.64
N ASN A 575 18.33 48.04 -4.95
CA ASN A 575 17.92 49.25 -5.66
C ASN A 575 16.49 49.30 -6.13
N SER A 576 15.91 48.17 -6.51
CA SER A 576 14.68 48.27 -7.28
C SER A 576 13.49 48.32 -6.35
N ASP A 577 12.36 48.78 -6.86
CA ASP A 577 11.22 48.93 -6.03
C ASP A 577 10.59 47.58 -5.82
N GLU A 578 10.63 46.76 -6.87
CA GLU A 578 10.05 45.43 -6.87
C GLU A 578 11.15 44.35 -6.99
N PRO A 579 10.95 43.17 -6.34
CA PRO A 579 11.96 42.10 -6.35
C PRO A 579 12.03 41.21 -7.59
N ALA A 580 10.91 41.01 -8.28
CA ALA A 580 10.92 40.00 -9.37
C ALA A 580 10.30 40.54 -10.65
N LYS A 581 11.09 40.64 -11.74
CA LYS A 581 10.54 41.15 -13.02
C LYS A 581 9.37 40.30 -13.50
N GLN A 582 9.63 39.03 -13.81
CA GLN A 582 8.55 38.14 -14.23
C GLN A 582 8.16 37.16 -13.11
N LEU A 583 6.88 36.78 -13.04
CA LEU A 583 6.43 35.72 -12.14
C LEU A 583 5.78 34.60 -12.92
N LEU A 584 6.26 33.37 -12.74
CA LEU A 584 5.62 32.21 -13.27
C LEU A 584 5.05 31.35 -12.14
N CYS A 585 3.73 31.24 -12.10
CA CYS A 585 3.08 30.47 -11.09
C CYS A 585 2.60 29.22 -11.80
N GLN A 586 3.18 28.07 -11.41
CA GLN A 586 2.82 26.83 -12.01
C GLN A 586 1.53 26.43 -11.33
N GLY A 587 0.75 25.57 -12.01
CA GLY A 587 -0.42 25.00 -11.41
C GLY A 587 0.01 24.02 -10.36
N MET A 588 -0.89 23.66 -9.47
CA MET A 588 -0.59 22.65 -8.42
C MET A 588 -0.68 21.33 -9.10
N VAL A 589 0.27 20.46 -8.80
CA VAL A 589 0.11 19.06 -9.17
C VAL A 589 -0.67 18.41 -8.05
N LEU A 590 -1.80 17.78 -8.37
CA LEU A 590 -2.65 17.20 -7.33
C LEU A 590 -2.60 15.66 -7.24
N ALA A 591 -3.18 15.13 -6.16
CA ALA A 591 -3.39 13.68 -6.01
C ALA A 591 -4.51 13.33 -5.03
N ASP A 592 -5.26 12.30 -5.38
CA ASP A 592 -6.22 11.71 -4.46
C ASP A 592 -5.61 11.64 -3.08
N ALA A 593 -6.39 12.01 -2.07
CA ALA A 593 -5.89 11.85 -0.74
C ALA A 593 -6.89 11.10 0.11
N PHE A 594 -6.38 10.42 1.13
CA PHE A 594 -7.20 9.46 1.86
C PHE A 594 -6.82 9.41 3.34
N TYR A 595 -7.80 9.47 4.22
CA TYR A 595 -7.52 9.20 5.64
C TYR A 595 -8.49 8.23 6.27
N TYR A 596 -8.01 7.48 7.28
CA TYR A 596 -8.87 6.85 8.29
C TYR A 596 -8.63 7.53 9.63
N VAL A 597 -9.45 7.18 10.63
CA VAL A 597 -9.35 7.74 11.97
C VAL A 597 -8.76 6.69 12.89
N GLY A 598 -7.74 7.07 13.65
CA GLY A 598 -7.07 6.20 14.63
C GLY A 598 -7.95 6.02 15.85
N GLU A 599 -7.73 4.95 16.62
CA GLU A 599 -8.68 4.58 17.68
C GLU A 599 -9.12 5.71 18.62
N ASN A 600 -8.28 6.74 18.77
CA ASN A 600 -8.74 8.04 19.30
C ASN A 600 -8.47 9.24 18.40
N GLY A 601 -9.44 9.52 17.52
CA GLY A 601 -9.52 10.77 16.76
C GLY A 601 -8.43 11.15 15.78
N GLU A 602 -7.30 10.43 15.80
CA GLU A 602 -6.14 10.83 15.00
C GLU A 602 -6.40 10.56 13.50
N ARG A 603 -6.38 11.63 12.71
CA ARG A 603 -6.49 11.52 11.24
C ARG A 603 -5.25 10.89 10.67
N ASN A 604 -5.42 9.72 10.04
CA ASN A 604 -4.29 9.06 9.44
C ASN A 604 -4.40 9.06 7.93
N TRP A 605 -3.44 9.72 7.30
CA TRP A 605 -3.45 9.86 5.87
C TRP A 605 -2.74 8.69 5.27
N VAL A 606 -3.28 8.22 4.15
CA VAL A 606 -2.88 6.99 3.54
C VAL A 606 -2.54 7.33 2.11
N SER A 607 -1.33 6.96 1.69
CA SER A 607 -0.84 7.32 0.37
C SER A 607 -1.78 6.73 -0.67
N PRO A 608 -2.02 7.44 -1.80
CA PRO A 608 -2.81 6.82 -2.89
C PRO A 608 -2.23 5.53 -3.42
N VAL A 609 -0.92 5.32 -3.25
CA VAL A 609 -0.24 4.10 -3.74
C VAL A 609 -0.71 2.83 -3.00
N ASP A 610 -1.15 3.03 -1.75
CA ASP A 610 -1.55 1.97 -0.82
C ASP A 610 -3.07 1.80 -0.73
N ALA A 611 -3.80 2.72 -1.38
CA ALA A 611 -5.26 2.73 -1.33
C ALA A 611 -5.85 1.80 -2.41
N ILE A 612 -6.80 0.96 -2.01
CA ILE A 612 -7.47 0.06 -2.95
C ILE A 612 -8.84 0.65 -3.23
N VAL A 613 -9.09 0.88 -4.52
CA VAL A 613 -9.93 1.99 -4.99
C VAL A 613 -11.03 1.57 -5.98
N GLU A 614 -12.28 1.87 -5.64
CA GLU A 614 -13.37 1.45 -6.48
C GLU A 614 -13.88 2.67 -7.21
N ARG A 615 -14.02 2.54 -8.52
CA ARG A 615 -14.27 3.72 -9.35
C ARG A 615 -15.61 3.74 -10.08
N ASP A 616 -16.14 4.96 -10.16
CA ASP A 616 -17.44 5.30 -10.72
C ASP A 616 -17.56 4.97 -12.21
N GLU A 617 -18.50 5.64 -12.88
CA GLU A 617 -18.58 5.60 -14.35
C GLU A 617 -18.14 6.93 -14.99
N LYS A 618 -18.27 8.00 -14.21
CA LYS A 618 -17.56 9.25 -14.52
C LYS A 618 -16.09 9.16 -14.07
N GLY A 619 -15.68 7.96 -13.62
CA GLY A 619 -14.29 7.66 -13.24
C GLY A 619 -13.85 8.13 -11.86
N ARG A 620 -14.81 8.58 -11.05
CA ARG A 620 -14.51 9.04 -9.70
C ARG A 620 -14.44 7.89 -8.68
N ILE A 621 -13.60 8.06 -7.68
CA ILE A 621 -13.40 7.06 -6.64
C ILE A 621 -14.63 7.00 -5.76
N VAL A 622 -15.17 5.78 -5.57
CA VAL A 622 -16.43 5.63 -4.87
C VAL A 622 -16.29 4.95 -3.51
N LYS A 623 -15.42 3.94 -3.41
CA LYS A 623 -15.03 3.35 -2.13
C LYS A 623 -13.53 3.37 -2.07
N ALA A 624 -12.99 3.36 -0.87
CA ALA A 624 -11.55 3.30 -0.70
C ALA A 624 -11.21 2.53 0.58
N LYS A 625 -10.18 1.68 0.51
CA LYS A 625 -9.72 0.86 1.65
C LYS A 625 -8.21 0.72 1.76
N ASP A 626 -7.71 0.77 2.98
CA ASP A 626 -6.28 0.66 3.17
C ASP A 626 -5.87 -0.82 3.30
N ALA A 627 -4.55 -1.07 3.23
CA ALA A 627 -4.02 -2.43 3.19
C ALA A 627 -4.64 -3.34 4.25
N ALA A 628 -4.94 -2.75 5.42
CA ALA A 628 -5.53 -3.43 6.58
C ALA A 628 -7.05 -3.49 6.59
N GLY A 629 -7.67 -3.33 5.42
CA GLY A 629 -9.14 -3.32 5.31
C GLY A 629 -9.85 -2.18 6.03
N HIS A 630 -9.07 -1.17 6.44
CA HIS A 630 -9.57 0.12 6.91
C HIS A 630 -10.40 0.80 5.82
N GLU A 631 -11.61 1.22 6.15
CA GLU A 631 -12.33 2.10 5.27
C GLU A 631 -11.56 3.43 5.27
N LEU A 632 -11.46 4.07 4.10
CA LEU A 632 -10.80 5.37 4.02
C LEU A 632 -11.75 6.48 3.64
N VAL A 633 -11.58 7.64 4.27
CA VAL A 633 -12.23 8.79 3.72
C VAL A 633 -11.31 9.27 2.58
N TYR A 634 -11.82 9.17 1.37
CA TYR A 634 -11.30 9.88 0.22
C TYR A 634 -11.59 11.38 0.40
N THR A 635 -10.62 12.25 0.21
CA THR A 635 -10.88 13.70 0.23
C THR A 635 -10.90 14.40 -1.15
N GLY A 636 -10.55 13.66 -2.21
CA GLY A 636 -10.46 14.24 -3.53
C GLY A 636 -9.04 14.60 -3.93
N MET A 637 -8.87 15.22 -5.10
CA MET A 637 -7.57 15.74 -5.47
C MET A 637 -7.30 16.94 -4.58
N SER A 638 -6.11 17.00 -3.99
CA SER A 638 -5.64 18.24 -3.43
C SER A 638 -4.15 18.25 -3.70
N LYS A 639 -3.54 19.43 -3.66
CA LYS A 639 -2.12 19.52 -3.96
C LYS A 639 -1.33 18.38 -3.30
N MET A 640 -0.28 17.91 -3.96
CA MET A 640 0.53 16.86 -3.36
C MET A 640 1.30 17.41 -2.17
N SER A 641 1.10 16.83 -1.00
CA SER A 641 1.90 17.20 0.17
C SER A 641 2.02 16.06 1.17
N LYS A 642 3.17 15.98 1.83
CA LYS A 642 3.37 15.11 2.99
C LYS A 642 2.24 15.21 4.05
N SER A 643 1.62 16.38 4.19
CA SER A 643 0.47 16.49 5.08
C SER A 643 -0.59 15.42 4.82
N LYS A 644 -0.93 15.15 3.58
CA LYS A 644 -1.92 14.14 3.24
C LYS A 644 -1.25 12.84 2.76
N ASN A 645 0.05 12.77 2.96
CA ASN A 645 0.83 11.65 2.53
C ASN A 645 0.60 11.29 1.04
N ASN A 646 0.09 12.23 0.23
CA ASN A 646 -0.27 11.91 -1.17
C ASN A 646 0.72 12.37 -2.25
N GLY A 647 1.96 12.59 -1.89
CA GLY A 647 2.94 12.98 -2.88
C GLY A 647 3.47 11.76 -3.59
N ILE A 648 3.62 11.83 -4.91
CA ILE A 648 4.35 10.80 -5.58
C ILE A 648 5.79 11.25 -5.67
N ASP A 649 6.66 10.46 -5.09
CA ASP A 649 8.08 10.67 -5.17
C ASP A 649 8.57 10.26 -6.57
N PRO A 650 9.20 11.18 -7.32
CA PRO A 650 9.79 10.89 -8.62
C PRO A 650 10.79 9.73 -8.59
N GLN A 651 11.30 9.40 -7.41
CA GLN A 651 12.46 8.50 -7.33
C GLN A 651 12.37 7.21 -8.13
N VAL A 652 11.30 6.45 -7.97
CA VAL A 652 11.17 5.18 -8.69
C VAL A 652 11.20 5.38 -10.21
N MET A 653 10.31 6.23 -10.73
CA MET A 653 10.38 6.60 -12.14
C MET A 653 11.79 7.01 -12.59
N VAL A 654 12.47 7.81 -11.77
CA VAL A 654 13.78 8.30 -12.15
C VAL A 654 14.74 7.12 -12.40
N GLU A 655 14.73 6.16 -11.50
CA GLU A 655 15.64 5.03 -11.56
C GLU A 655 15.26 4.00 -12.61
N ARG A 656 13.98 3.94 -12.96
CA ARG A 656 13.54 3.08 -14.05
C ARG A 656 13.76 3.69 -15.43
N TYR A 657 13.63 5.01 -15.56
CA TYR A 657 13.62 5.68 -16.85
C TYR A 657 14.67 6.78 -17.00
N GLY A 658 15.14 7.33 -15.89
CA GLY A 658 16.07 8.44 -15.91
C GLY A 658 15.37 9.79 -15.78
N ALA A 659 16.14 10.79 -15.34
CA ALA A 659 15.63 12.09 -15.07
C ALA A 659 14.96 12.67 -16.30
N ASP A 660 15.66 12.57 -17.44
CA ASP A 660 15.25 13.21 -18.67
C ASP A 660 13.82 12.81 -18.96
N THR A 661 13.52 11.52 -18.81
CA THR A 661 12.15 11.05 -19.08
C THR A 661 11.09 11.58 -18.14
N VAL A 662 11.42 11.70 -16.85
CA VAL A 662 10.52 12.21 -15.84
C VAL A 662 10.32 13.68 -16.11
N ARG A 663 11.43 14.34 -16.37
CA ARG A 663 11.42 15.75 -16.64
C ARG A 663 10.56 16.08 -17.83
N LEU A 664 10.81 15.43 -18.97
CA LEU A 664 10.10 15.79 -20.18
C LEU A 664 8.71 15.35 -19.95
N PHE A 665 8.53 14.19 -19.34
CA PHE A 665 7.16 13.81 -19.06
C PHE A 665 6.41 14.89 -18.31
N MET A 666 7.07 15.55 -17.34
CA MET A 666 6.39 16.49 -16.48
C MET A 666 6.01 17.73 -17.24
N MET A 667 6.88 18.16 -18.17
CA MET A 667 6.73 19.42 -18.88
C MET A 667 5.71 19.27 -19.99
N PHE A 668 5.45 18.00 -20.35
CA PHE A 668 4.55 17.63 -21.48
C PHE A 668 3.10 17.46 -21.04
N ALA A 669 2.93 17.10 -19.77
CA ALA A 669 1.61 16.92 -19.15
C ALA A 669 0.62 18.02 -19.50
N SER A 670 1.05 19.29 -19.34
CA SER A 670 0.22 20.45 -19.62
C SER A 670 1.03 21.69 -19.45
N PRO A 671 0.45 22.86 -19.75
CA PRO A 671 1.29 24.04 -19.64
C PRO A 671 1.52 24.46 -18.17
N ALA A 672 2.54 25.28 -17.93
CA ALA A 672 2.99 25.54 -16.58
C ALA A 672 1.86 26.02 -15.68
N ASP A 673 1.04 26.96 -16.17
CA ASP A 673 0.13 27.68 -15.32
C ASP A 673 -1.08 26.89 -14.89
N MET A 674 -1.31 25.73 -15.50
CA MET A 674 -2.54 24.97 -15.29
C MET A 674 -2.40 23.87 -14.21
N THR A 675 -3.36 23.80 -13.29
CA THR A 675 -3.22 22.76 -12.26
C THR A 675 -3.39 21.39 -12.90
N LEU A 676 -2.68 20.38 -12.38
CA LEU A 676 -2.62 19.06 -13.02
C LEU A 676 -2.85 17.94 -12.07
N GLU A 677 -3.86 17.15 -12.38
CA GLU A 677 -4.18 15.98 -11.63
C GLU A 677 -3.16 14.94 -12.08
N TRP A 678 -2.25 14.55 -11.21
CA TRP A 678 -1.24 13.51 -11.54
C TRP A 678 -1.78 12.14 -11.95
N GLN A 679 -1.17 11.54 -12.98
CA GLN A 679 -1.40 10.13 -13.34
C GLN A 679 -0.07 9.51 -13.78
N GLU A 680 0.22 8.28 -13.35
CA GLU A 680 1.48 7.61 -13.75
C GLU A 680 1.51 7.32 -15.27
N SER A 681 0.33 7.10 -15.85
CA SER A 681 0.17 6.83 -17.28
C SER A 681 0.59 8.00 -18.16
N GLY A 682 1.36 7.69 -19.19
CA GLY A 682 1.85 8.69 -20.13
C GLY A 682 3.35 8.81 -20.16
N VAL A 683 4.00 8.38 -19.07
CA VAL A 683 5.47 8.42 -18.97
C VAL A 683 6.15 7.85 -20.18
N GLU A 684 5.69 6.67 -20.58
CA GLU A 684 6.41 5.86 -21.57
C GLU A 684 6.50 6.53 -22.91
N GLY A 685 5.51 7.35 -23.26
CA GLY A 685 5.54 8.13 -24.48
C GLY A 685 6.81 8.94 -24.42
N ALA A 686 6.99 9.59 -23.27
CA ALA A 686 8.05 10.54 -23.07
C ALA A 686 9.32 9.74 -23.15
N ASN A 687 9.30 8.59 -22.50
CA ASN A 687 10.42 7.70 -22.63
C ASN A 687 10.66 7.17 -24.09
N ARG A 688 9.60 6.81 -24.79
CA ARG A 688 9.76 6.30 -26.16
C ARG A 688 10.17 7.40 -27.09
N PHE A 689 9.70 8.61 -26.86
CA PHE A 689 10.15 9.72 -27.68
C PHE A 689 11.67 9.82 -27.55
N LEU A 690 12.19 9.64 -26.34
CA LEU A 690 13.62 9.86 -26.15
C LEU A 690 14.43 8.78 -26.80
N LYS A 691 13.86 7.57 -26.86
CA LYS A 691 14.45 6.48 -27.61
C LYS A 691 14.46 6.77 -29.12
N ARG A 692 13.36 7.32 -29.63
CA ARG A 692 13.33 7.71 -31.04
C ARG A 692 14.42 8.76 -31.29
N VAL A 693 14.55 9.76 -30.42
CA VAL A 693 15.58 10.77 -30.65
C VAL A 693 16.95 10.11 -30.63
N TRP A 694 17.25 9.37 -29.58
CA TRP A 694 18.48 8.56 -29.55
C TRP A 694 18.74 7.72 -30.82
N LYS A 695 17.84 6.79 -31.14
CA LYS A 695 17.94 6.01 -32.36
C LYS A 695 18.31 6.86 -33.61
N LEU A 696 17.58 7.93 -33.83
CA LEU A 696 17.85 8.75 -34.99
C LEU A 696 19.22 9.45 -34.97
N VAL A 697 19.78 9.77 -33.81
CA VAL A 697 21.10 10.41 -33.84
C VAL A 697 22.14 9.35 -33.94
N TYR A 698 21.89 8.24 -33.26
CA TYR A 698 22.70 7.06 -33.43
C TYR A 698 22.82 6.83 -34.94
N GLU A 699 21.73 6.42 -35.57
CA GLU A 699 21.74 6.03 -36.98
C GLU A 699 22.32 7.05 -37.94
N HIS A 700 22.06 8.33 -37.71
CA HIS A 700 22.53 9.39 -38.59
C HIS A 700 24.05 9.59 -38.50
N THR A 701 24.59 9.44 -37.28
CA THR A 701 26.04 9.61 -37.02
C THR A 701 26.85 8.33 -37.26
N ALA A 702 26.17 7.19 -37.43
CA ALA A 702 26.84 5.96 -37.84
C ALA A 702 27.33 6.06 -39.29
N LYS A 703 26.72 6.96 -40.08
CA LYS A 703 27.21 7.14 -41.46
C LYS A 703 28.23 8.27 -41.55
N GLY A 704 28.77 8.68 -40.39
CA GLY A 704 29.88 9.62 -40.34
C GLY A 704 29.57 11.06 -40.71
N ASP A 705 30.63 11.78 -41.08
CA ASP A 705 30.60 13.23 -41.33
C ASP A 705 29.67 13.61 -42.47
N VAL A 706 29.25 14.86 -42.45
CA VAL A 706 28.36 15.36 -43.47
C VAL A 706 29.00 16.49 -44.25
N ALA A 707 28.66 16.58 -45.52
CA ALA A 707 28.97 17.76 -46.32
C ALA A 707 28.30 19.00 -45.77
N ALA A 708 28.94 20.14 -45.96
CA ALA A 708 28.32 21.44 -45.65
C ALA A 708 27.03 21.50 -46.42
N LEU A 709 26.07 22.23 -45.89
CA LEU A 709 24.73 22.21 -46.47
C LEU A 709 24.64 23.23 -47.60
N ASN A 710 24.17 22.80 -48.76
CA ASN A 710 24.03 23.76 -49.84
C ASN A 710 22.60 24.16 -49.96
N VAL A 711 22.35 25.40 -49.56
CA VAL A 711 20.99 25.91 -49.37
C VAL A 711 20.20 26.03 -50.69
N ASP A 712 20.71 26.84 -51.61
CA ASP A 712 20.18 26.83 -52.96
C ASP A 712 20.76 25.60 -53.61
N ALA A 713 19.96 24.54 -53.62
CA ALA A 713 20.30 23.29 -54.33
C ALA A 713 19.29 22.20 -54.05
N LEU A 714 18.55 22.33 -52.95
CA LEU A 714 17.79 21.23 -52.34
C LEU A 714 16.42 21.04 -52.97
N THR A 715 16.03 19.78 -53.10
CA THR A 715 14.68 19.45 -53.49
C THR A 715 13.67 20.19 -52.63
N GLU A 716 12.50 20.43 -53.20
CA GLU A 716 11.42 21.09 -52.49
C GLU A 716 11.09 20.26 -51.27
N ASN A 717 11.32 18.94 -51.34
CA ASN A 717 11.04 18.02 -50.23
C ASN A 717 11.95 18.32 -49.04
N GLN A 718 13.22 18.52 -49.37
CA GLN A 718 14.22 19.07 -48.46
C GLN A 718 13.96 20.50 -48.06
N LYS A 719 13.41 21.31 -48.97
CA LYS A 719 13.12 22.72 -48.68
C LYS A 719 11.97 22.86 -47.68
N ALA A 720 10.97 21.97 -47.80
CA ALA A 720 9.86 21.94 -46.88
C ALA A 720 10.40 21.56 -45.52
N LEU A 721 11.21 20.50 -45.48
CA LEU A 721 11.74 19.97 -44.25
C LEU A 721 12.49 21.08 -43.51
N ARG A 722 13.49 21.67 -44.17
CA ARG A 722 14.29 22.65 -43.50
C ARG A 722 13.34 23.70 -42.92
N ARG A 723 12.36 24.12 -43.70
CA ARG A 723 11.42 25.16 -43.26
C ARG A 723 10.63 24.72 -41.98
N ASP A 724 10.34 23.43 -41.87
CA ASP A 724 9.76 22.92 -40.64
C ASP A 724 10.77 22.92 -39.50
N VAL A 725 12.00 22.50 -39.79
CA VAL A 725 13.06 22.52 -38.80
C VAL A 725 13.18 23.95 -38.30
N HIS A 726 13.27 24.90 -39.23
CA HIS A 726 13.23 26.32 -38.80
C HIS A 726 11.92 26.85 -38.18
N LYS A 727 10.74 26.40 -38.58
CA LYS A 727 9.54 26.98 -37.92
C LYS A 727 9.39 26.49 -36.47
N THR A 728 9.76 25.22 -36.24
CA THR A 728 9.83 24.57 -34.92
C THR A 728 10.67 25.45 -34.03
N ILE A 729 11.86 25.83 -34.54
CA ILE A 729 12.86 26.48 -33.69
C ILE A 729 12.21 27.75 -33.22
N ALA A 730 11.69 28.53 -34.19
CA ALA A 730 10.92 29.73 -33.89
C ALA A 730 9.83 29.42 -32.88
N LYS A 731 9.02 28.39 -33.12
CA LYS A 731 7.89 28.16 -32.25
C LYS A 731 8.36 27.81 -30.84
N VAL A 732 9.23 26.78 -30.73
CA VAL A 732 9.72 26.26 -29.45
C VAL A 732 10.35 27.42 -28.65
N THR A 733 10.92 28.41 -29.36
CA THR A 733 11.57 29.50 -28.68
C THR A 733 10.52 30.48 -28.19
N ASP A 734 9.48 30.62 -28.99
CA ASP A 734 8.44 31.49 -28.60
C ASP A 734 7.62 30.86 -27.47
N ASP A 735 7.46 29.55 -27.55
CA ASP A 735 6.80 28.83 -26.47
C ASP A 735 7.61 28.87 -25.19
N ILE A 736 8.93 28.69 -25.29
CA ILE A 736 9.70 28.62 -24.07
C ILE A 736 9.90 30.01 -23.44
N GLY A 737 10.37 30.98 -24.25
CA GLY A 737 10.55 32.38 -23.77
C GLY A 737 9.40 33.38 -23.58
N ARG A 738 8.29 33.21 -24.26
CA ARG A 738 7.21 34.19 -24.10
C ARG A 738 6.06 33.50 -23.41
N ARG A 739 5.51 32.44 -24.00
CA ARG A 739 4.28 31.84 -23.42
C ARG A 739 4.49 30.94 -22.19
N GLN A 740 5.64 30.27 -22.09
CA GLN A 740 5.85 29.14 -21.14
C GLN A 740 4.85 28.06 -21.34
N THR A 741 4.64 27.65 -22.58
CA THR A 741 3.83 26.52 -22.88
C THR A 741 4.78 25.43 -23.31
N PHE A 742 5.41 24.80 -22.32
CA PHE A 742 6.49 23.89 -22.61
C PHE A 742 5.94 22.68 -23.32
N ASN A 743 4.72 22.34 -22.98
CA ASN A 743 4.10 21.16 -23.58
C ASN A 743 3.96 21.34 -25.07
N THR A 744 3.46 22.50 -25.53
CA THR A 744 3.34 22.72 -26.98
C THR A 744 4.71 22.76 -27.63
N ALA A 745 5.62 23.52 -27.02
CA ALA A 745 7.03 23.53 -27.44
C ALA A 745 7.48 22.11 -27.78
N ILE A 746 7.26 21.20 -26.86
CA ILE A 746 7.70 19.80 -26.95
C ILE A 746 7.01 19.01 -28.03
N ALA A 747 5.69 19.15 -28.10
CA ALA A 747 4.91 18.54 -29.15
C ALA A 747 5.42 19.03 -30.52
N ALA A 748 5.62 20.34 -30.65
CA ALA A 748 6.14 20.92 -31.89
C ALA A 748 7.42 20.24 -32.27
N ILE A 749 8.27 19.99 -31.28
CA ILE A 749 9.51 19.20 -31.48
C ILE A 749 9.27 17.75 -31.86
N MET A 750 8.44 17.05 -31.10
CA MET A 750 8.03 15.68 -31.45
C MET A 750 7.64 15.51 -32.91
N GLU A 751 6.81 16.41 -33.40
CA GLU A 751 6.31 16.31 -34.76
C GLU A 751 7.45 16.47 -35.76
N LEU A 752 8.41 17.31 -35.43
CA LEU A 752 9.63 17.39 -36.20
C LEU A 752 10.33 16.01 -36.19
N MET A 753 10.39 15.32 -35.05
CA MET A 753 11.07 14.03 -35.11
C MET A 753 10.37 13.12 -36.10
N ASN A 754 9.04 13.20 -36.13
CA ASN A 754 8.23 12.28 -36.90
C ASN A 754 8.50 12.53 -38.37
N LYS A 755 8.59 13.82 -38.74
CA LYS A 755 8.99 14.20 -40.02
C LYS A 755 10.42 13.73 -40.25
N LEU A 756 11.35 14.12 -39.37
CA LEU A 756 12.78 13.83 -39.61
C LEU A 756 13.03 12.38 -39.92
N ALA A 757 12.36 11.49 -39.18
CA ALA A 757 12.49 10.04 -39.38
C ALA A 757 11.86 9.51 -40.68
N LYS A 758 10.99 10.27 -41.32
CA LYS A 758 10.43 9.90 -42.61
C LYS A 758 11.14 10.64 -43.75
N ALA A 759 12.33 11.18 -43.48
CA ALA A 759 13.12 11.88 -44.49
C ALA A 759 14.30 11.04 -44.93
N PRO A 760 14.61 11.07 -46.25
CA PRO A 760 15.73 10.33 -46.84
C PRO A 760 17.09 10.75 -46.26
N THR A 761 18.07 9.84 -46.24
CA THR A 761 19.42 10.15 -45.71
C THR A 761 20.64 9.48 -46.39
N ASP A 762 20.58 9.33 -47.71
CA ASP A 762 21.71 8.79 -48.47
C ASP A 762 22.28 9.97 -49.23
N GLY A 763 21.38 10.82 -49.72
CA GLY A 763 21.75 12.10 -50.29
C GLY A 763 22.72 12.86 -49.40
N GLU A 764 23.74 13.43 -50.04
CA GLU A 764 24.70 14.25 -49.35
C GLU A 764 23.96 15.39 -48.68
N GLN A 765 23.04 15.98 -49.43
CA GLN A 765 22.18 17.03 -48.91
C GLN A 765 21.18 16.48 -47.89
N ASP A 766 20.75 15.23 -48.07
CA ASP A 766 19.90 14.59 -47.06
C ASP A 766 20.60 14.50 -45.74
N ARG A 767 21.88 14.20 -45.78
CA ARG A 767 22.59 14.00 -44.58
C ARG A 767 22.87 15.35 -44.01
N ALA A 768 23.04 16.36 -44.86
CA ALA A 768 23.46 17.68 -44.33
C ALA A 768 22.27 18.40 -43.70
N LEU A 769 21.10 18.21 -44.28
CA LEU A 769 19.89 18.68 -43.68
C LEU A 769 19.69 17.98 -42.36
N MET A 770 19.73 16.65 -42.39
CA MET A 770 19.49 15.83 -41.21
C MET A 770 20.31 16.30 -40.02
N GLN A 771 21.54 16.70 -40.32
CA GLN A 771 22.53 17.07 -39.37
C GLN A 771 22.20 18.44 -38.76
N GLU A 772 21.81 19.41 -39.58
CA GLU A 772 21.35 20.73 -39.10
C GLU A 772 20.11 20.57 -38.26
N ALA A 773 19.20 19.76 -38.77
CA ALA A 773 17.96 19.45 -38.09
C ALA A 773 18.27 18.89 -36.72
N LEU A 774 19.15 17.91 -36.70
CA LEU A 774 19.42 17.17 -35.48
C LEU A 774 20.23 17.97 -34.47
N LEU A 775 20.92 19.02 -34.92
CA LEU A 775 21.64 19.82 -33.94
C LEU A 775 20.63 20.73 -33.30
N ALA A 776 19.64 21.09 -34.11
CA ALA A 776 18.74 22.15 -33.74
C ALA A 776 17.82 21.52 -32.73
N VAL A 777 17.54 20.24 -32.97
CA VAL A 777 16.62 19.48 -32.16
C VAL A 777 17.26 19.21 -30.84
N VAL A 778 18.46 18.65 -30.88
CA VAL A 778 19.12 18.17 -29.67
C VAL A 778 19.35 19.32 -28.69
N ARG A 779 19.55 20.52 -29.25
CA ARG A 779 19.63 21.73 -28.44
C ARG A 779 18.27 22.16 -27.89
N MET A 780 17.23 21.95 -28.70
CA MET A 780 15.89 22.45 -28.39
C MET A 780 15.40 21.56 -27.30
N LEU A 781 15.81 20.31 -27.38
CA LEU A 781 15.49 19.38 -26.29
C LEU A 781 16.22 19.68 -25.01
N ASN A 782 17.42 20.25 -25.12
CA ASN A 782 18.34 20.30 -23.98
C ASN A 782 17.83 20.83 -22.64
N PRO A 783 17.15 21.99 -22.64
CA PRO A 783 16.63 22.48 -21.37
C PRO A 783 15.71 21.47 -20.69
N PHE A 784 15.04 20.60 -21.45
CA PHE A 784 14.13 19.61 -20.87
C PHE A 784 14.86 18.34 -20.42
N THR A 785 15.80 17.87 -21.23
CA THR A 785 16.44 16.57 -21.00
C THR A 785 17.92 16.72 -21.34
N PRO A 786 18.66 17.45 -20.51
CA PRO A 786 20.00 17.81 -20.80
C PRO A 786 20.97 16.59 -20.75
N HIS A 787 20.69 15.54 -19.97
CA HIS A 787 21.65 14.44 -19.92
C HIS A 787 21.74 13.84 -21.32
N ILE A 788 20.58 13.42 -21.88
CA ILE A 788 20.58 12.74 -23.16
C ILE A 788 21.12 13.69 -24.25
N CYS A 789 20.73 14.96 -24.18
CA CYS A 789 21.17 15.95 -25.16
C CYS A 789 22.64 16.28 -25.00
N PHE A 790 23.18 16.12 -23.79
CA PHE A 790 24.58 16.45 -23.59
C PHE A 790 25.35 15.41 -24.40
N THR A 791 25.07 14.13 -24.11
CA THR A 791 25.56 13.01 -24.88
C THR A 791 25.29 13.18 -26.39
N LEU A 792 24.09 13.57 -26.77
CA LEU A 792 23.81 13.68 -28.20
C LEU A 792 24.50 14.87 -28.93
N TRP A 793 24.85 15.90 -28.18
CA TRP A 793 25.71 16.93 -28.74
C TRP A 793 27.07 16.33 -29.12
N GLN A 794 27.67 15.61 -28.17
CA GLN A 794 29.00 15.03 -28.42
C GLN A 794 29.04 14.19 -29.69
N GLU A 795 28.19 13.17 -29.80
CA GLU A 795 28.02 12.42 -31.05
C GLU A 795 27.87 13.30 -32.29
N LEU A 796 26.96 14.28 -32.30
CA LEU A 796 26.79 15.13 -33.46
C LEU A 796 28.00 16.03 -33.66
N LYS A 797 29.05 15.74 -32.91
CA LYS A 797 30.26 16.55 -32.89
C LYS A 797 29.94 18.01 -32.73
N GLY A 798 28.98 18.29 -31.83
CA GLY A 798 28.54 19.64 -31.50
C GLY A 798 29.76 20.37 -30.98
N GLU A 799 29.74 21.69 -31.05
CA GLU A 799 30.87 22.46 -30.57
C GLU A 799 30.84 22.60 -29.05
N GLY A 800 31.76 21.93 -28.38
CA GLY A 800 31.93 22.07 -26.93
C GLY A 800 30.80 21.46 -26.13
N ASP A 801 30.67 21.88 -24.89
CA ASP A 801 29.62 21.37 -24.02
C ASP A 801 28.29 21.94 -24.44
N ILE A 802 27.29 21.10 -24.64
CA ILE A 802 26.00 21.63 -25.08
C ILE A 802 25.48 22.74 -24.18
N ASP A 803 25.75 22.62 -22.88
CA ASP A 803 25.39 23.60 -21.84
C ASP A 803 25.61 25.07 -22.22
N ASN A 804 26.71 25.34 -22.90
CA ASN A 804 27.01 26.69 -23.31
C ASN A 804 26.75 26.87 -24.81
N ALA A 805 26.25 25.81 -25.45
CA ALA A 805 25.91 25.93 -26.87
C ALA A 805 24.87 27.04 -27.15
N PRO A 806 24.99 27.75 -28.28
CA PRO A 806 24.03 28.84 -28.43
C PRO A 806 22.65 28.31 -28.82
N TRP A 807 21.59 29.01 -28.40
CA TRP A 807 20.23 28.57 -28.71
C TRP A 807 20.09 28.76 -30.21
N PRO A 808 19.27 27.94 -30.90
CA PRO A 808 19.33 27.99 -32.33
C PRO A 808 18.44 29.08 -32.87
N VAL A 809 18.91 29.77 -33.90
CA VAL A 809 18.15 30.86 -34.40
C VAL A 809 17.47 30.41 -35.66
N ALA A 810 16.16 30.62 -35.74
CA ALA A 810 15.43 30.38 -36.97
C ALA A 810 15.87 31.38 -38.05
N ASP A 811 16.14 30.85 -39.23
CA ASP A 811 16.48 31.63 -40.40
C ASP A 811 15.18 32.01 -41.07
N GLU A 812 14.91 33.31 -41.17
CA GLU A 812 13.67 33.79 -41.82
C GLU A 812 13.43 33.21 -43.22
N LYS A 813 14.53 33.15 -44.00
CA LYS A 813 14.49 32.76 -45.41
C LYS A 813 14.20 31.31 -45.61
N ALA A 814 14.43 30.49 -44.59
CA ALA A 814 14.10 29.10 -44.74
C ALA A 814 12.63 28.89 -44.38
N MET A 815 11.92 29.97 -43.99
CA MET A 815 10.55 29.89 -43.43
C MET A 815 9.42 30.47 -44.25
N VAL A 816 9.75 31.14 -45.35
CA VAL A 816 8.73 31.63 -46.28
C VAL A 816 7.88 30.47 -46.83
N GLU A 817 6.56 30.60 -46.69
CA GLU A 817 5.59 29.67 -47.28
C GLU A 817 5.26 30.15 -48.69
N ASP A 818 5.09 29.24 -49.63
CA ASP A 818 4.64 29.66 -50.97
C ASP A 818 3.12 29.78 -50.98
N SER A 819 2.49 28.72 -50.51
CA SER A 819 1.07 28.65 -50.39
C SER A 819 0.61 28.83 -48.93
N THR A 820 -0.70 28.76 -48.73
CA THR A 820 -1.32 28.94 -47.44
C THR A 820 -2.66 28.24 -47.45
N LEU A 821 -3.01 27.73 -46.30
CA LEU A 821 -4.18 26.91 -46.20
C LEU A 821 -5.40 27.75 -45.85
N VAL A 822 -6.40 27.78 -46.74
CA VAL A 822 -7.67 28.49 -46.53
C VAL A 822 -8.81 27.52 -46.29
N VAL A 823 -9.40 27.62 -45.11
CA VAL A 823 -10.60 26.91 -44.72
C VAL A 823 -11.81 27.57 -45.32
N VAL A 824 -12.79 26.76 -45.74
CA VAL A 824 -13.96 27.26 -46.43
C VAL A 824 -15.22 26.82 -45.71
N GLN A 825 -16.09 27.78 -45.39
CA GLN A 825 -17.35 27.48 -44.74
C GLN A 825 -18.50 28.08 -45.48
N VAL A 826 -19.61 27.40 -45.31
CA VAL A 826 -20.83 27.86 -45.88
C VAL A 826 -21.66 28.00 -44.61
N ASN A 827 -22.22 29.20 -44.46
CA ASN A 827 -22.98 29.58 -43.31
C ASN A 827 -22.30 29.27 -41.97
N GLY A 828 -20.97 29.16 -42.03
CA GLY A 828 -20.18 28.95 -40.85
C GLY A 828 -19.67 27.53 -40.68
N LYS A 829 -20.14 26.62 -41.54
CA LYS A 829 -19.77 25.17 -41.55
C LYS A 829 -18.69 24.76 -42.54
N VAL A 830 -17.54 24.33 -42.03
CA VAL A 830 -16.46 23.84 -42.90
C VAL A 830 -16.90 22.80 -43.91
N ARG A 831 -16.76 23.13 -45.20
CA ARG A 831 -17.09 22.18 -46.28
C ARG A 831 -15.88 21.71 -47.05
N ALA A 832 -14.77 22.41 -46.83
CA ALA A 832 -13.59 22.31 -47.66
C ALA A 832 -12.41 23.04 -47.09
N LYS A 833 -11.24 22.57 -47.52
CA LYS A 833 -9.94 23.11 -47.18
C LYS A 833 -9.13 23.10 -48.47
N ILE A 834 -8.37 24.16 -48.69
CA ILE A 834 -7.80 24.38 -50.00
C ILE A 834 -6.49 25.12 -49.85
N THR A 835 -5.37 24.41 -50.08
CA THR A 835 -4.07 25.08 -50.32
C THR A 835 -4.18 26.15 -51.41
N VAL A 836 -3.44 27.22 -51.29
CA VAL A 836 -3.66 28.37 -52.12
C VAL A 836 -2.41 29.29 -52.04
N PRO A 837 -1.99 29.88 -53.17
CA PRO A 837 -0.78 30.70 -53.09
C PRO A 837 -0.93 31.80 -52.05
N VAL A 838 0.06 31.95 -51.18
CA VAL A 838 0.06 33.00 -50.17
C VAL A 838 -0.49 34.29 -50.75
N ASP A 839 -0.02 34.65 -51.92
CA ASP A 839 -0.47 35.80 -52.66
C ASP A 839 -1.76 35.50 -53.45
N ALA A 840 -2.79 34.97 -52.79
CA ALA A 840 -4.08 34.76 -53.45
C ALA A 840 -5.13 35.80 -53.07
N THR A 841 -5.84 36.32 -54.06
CA THR A 841 -6.89 37.31 -53.83
C THR A 841 -8.18 36.62 -53.34
N GLU A 842 -9.07 37.40 -52.72
CA GLU A 842 -10.32 36.83 -52.27
C GLU A 842 -10.98 36.09 -53.43
N GLU A 843 -10.90 36.71 -54.61
CA GLU A 843 -11.63 36.32 -55.82
C GLU A 843 -11.13 35.00 -56.35
N GLN A 844 -9.82 34.82 -56.35
CA GLN A 844 -9.24 33.53 -56.71
C GLN A 844 -9.60 32.45 -55.70
N VAL A 845 -9.52 32.80 -54.40
CA VAL A 845 -9.93 31.89 -53.32
C VAL A 845 -11.41 31.51 -53.47
N ARG A 846 -12.27 32.49 -53.78
CA ARG A 846 -13.69 32.24 -54.02
C ARG A 846 -13.87 31.20 -55.11
N GLU A 847 -13.24 31.48 -56.26
CA GLU A 847 -13.40 30.70 -57.45
C GLU A 847 -12.81 29.34 -57.15
N ARG A 848 -11.73 29.38 -56.39
CA ARG A 848 -11.06 28.16 -55.95
C ARG A 848 -11.96 27.37 -54.99
N ALA A 849 -12.32 27.98 -53.87
CA ALA A 849 -13.36 27.40 -53.02
C ALA A 849 -14.44 26.71 -53.88
N GLY A 850 -14.94 27.43 -54.91
CA GLY A 850 -16.01 26.98 -55.81
C GLY A 850 -15.76 25.66 -56.49
N GLN A 851 -14.57 25.47 -57.01
CA GLN A 851 -14.20 24.21 -57.64
C GLN A 851 -14.45 22.98 -56.73
N GLU A 852 -14.61 23.20 -55.42
CA GLU A 852 -14.72 22.08 -54.47
C GLU A 852 -16.15 21.56 -54.49
N HIS A 853 -16.29 20.25 -54.67
CA HIS A 853 -17.65 19.69 -54.86
C HIS A 853 -18.55 19.89 -53.67
N LEU A 854 -17.99 19.87 -52.46
CA LEU A 854 -18.85 19.97 -51.28
C LEU A 854 -19.25 21.43 -51.05
N VAL A 855 -18.41 22.34 -51.49
CA VAL A 855 -18.87 23.70 -51.53
C VAL A 855 -20.06 23.87 -52.51
N ALA A 856 -19.92 23.41 -53.76
CA ALA A 856 -21.02 23.39 -54.76
C ALA A 856 -22.29 22.78 -54.21
N LYS A 857 -22.18 21.57 -53.69
CA LYS A 857 -23.33 20.93 -53.02
C LYS A 857 -24.15 21.96 -52.23
N TYR A 858 -23.48 22.88 -51.55
CA TYR A 858 -24.18 23.76 -50.60
C TYR A 858 -24.54 25.13 -51.19
N LEU A 859 -24.17 25.34 -52.44
CA LEU A 859 -24.48 26.59 -53.10
C LEU A 859 -25.62 26.46 -54.15
N ASP A 860 -26.04 25.23 -54.47
CA ASP A 860 -27.20 25.06 -55.34
C ASP A 860 -28.49 25.54 -54.73
N GLY A 861 -29.12 26.47 -55.41
CA GLY A 861 -30.42 26.92 -55.03
C GLY A 861 -30.38 28.10 -54.10
N VAL A 862 -29.17 28.50 -53.74
CA VAL A 862 -28.98 29.61 -52.82
C VAL A 862 -28.10 30.68 -53.38
N THR A 863 -28.30 31.86 -52.81
CA THR A 863 -27.65 33.10 -53.15
C THR A 863 -26.55 33.35 -52.13
N VAL A 864 -25.40 33.84 -52.59
CA VAL A 864 -24.35 34.31 -51.67
C VAL A 864 -24.70 35.71 -51.23
N ARG A 865 -25.17 35.83 -50.00
CA ARG A 865 -25.60 37.07 -49.39
C ARG A 865 -24.44 37.96 -48.96
N LYS A 866 -23.44 37.34 -48.36
CA LYS A 866 -22.34 38.02 -47.68
C LYS A 866 -21.17 37.04 -47.81
N VAL A 867 -19.99 37.58 -48.13
CA VAL A 867 -18.75 36.78 -48.11
C VAL A 867 -17.84 37.36 -47.04
N ILE A 868 -17.26 36.49 -46.21
CA ILE A 868 -16.30 36.96 -45.24
C ILE A 868 -14.99 36.30 -45.58
N TYR A 869 -13.97 37.12 -45.79
CA TYR A 869 -12.66 36.57 -46.06
C TYR A 869 -11.60 37.01 -45.03
N VAL A 870 -11.05 36.03 -44.32
CA VAL A 870 -9.90 36.25 -43.47
C VAL A 870 -8.71 35.84 -44.35
N PRO A 871 -7.96 36.84 -44.85
CA PRO A 871 -6.85 36.70 -45.79
C PRO A 871 -5.89 35.59 -45.47
N GLY A 872 -5.70 34.71 -46.46
CA GLY A 872 -4.79 33.62 -46.33
C GLY A 872 -5.22 32.50 -45.41
N LYS A 873 -6.37 32.62 -44.74
CA LYS A 873 -6.76 31.65 -43.71
C LYS A 873 -8.16 31.04 -43.85
N LEU A 874 -9.16 31.83 -44.22
CA LEU A 874 -10.55 31.35 -44.13
C LEU A 874 -11.58 32.17 -44.91
N LEU A 875 -12.54 31.43 -45.47
CA LEU A 875 -13.55 32.02 -46.34
C LEU A 875 -14.91 31.48 -45.90
N ASN A 876 -15.81 32.40 -45.59
CA ASN A 876 -17.17 31.98 -45.27
C ASN A 876 -18.18 32.67 -46.13
N LEU A 877 -19.04 31.82 -46.65
CA LEU A 877 -20.00 32.15 -47.62
C LEU A 877 -21.34 32.12 -46.90
N VAL A 878 -21.79 33.30 -46.45
CA VAL A 878 -23.10 33.43 -45.83
C VAL A 878 -24.05 33.33 -46.98
N VAL A 879 -24.82 32.25 -46.94
CA VAL A 879 -25.62 31.84 -48.07
C VAL A 879 -27.09 31.74 -47.69
N GLY A 880 -27.98 32.12 -48.62
CA GLY A 880 -29.41 32.16 -48.31
C GLY A 880 -30.30 31.74 -49.46
CA MET C 21 -36.25 -18.24 -17.61
C MET C 21 -35.60 -17.85 -18.94
N GLN C 22 -34.79 -16.79 -18.90
CA GLN C 22 -34.12 -16.19 -20.08
C GLN C 22 -33.36 -17.18 -20.97
N GLU C 23 -33.05 -16.73 -22.19
CA GLU C 23 -32.29 -17.57 -23.13
C GLU C 23 -30.81 -17.72 -22.72
N GLN C 24 -30.17 -16.61 -22.35
CA GLN C 24 -28.75 -16.59 -21.97
C GLN C 24 -28.56 -16.91 -20.47
N TYR C 25 -27.38 -17.44 -20.11
CA TYR C 25 -27.06 -17.73 -18.72
C TYR C 25 -26.38 -16.52 -18.11
N ARG C 26 -27.07 -15.85 -17.19
CA ARG C 26 -26.50 -14.71 -16.50
C ARG C 26 -26.37 -14.98 -15.00
N PRO C 27 -25.16 -15.32 -14.55
CA PRO C 27 -24.94 -15.83 -13.20
C PRO C 27 -25.35 -14.82 -12.14
N GLU C 28 -24.95 -13.56 -12.34
CA GLU C 28 -25.13 -12.51 -11.32
C GLU C 28 -26.58 -12.43 -10.82
N GLU C 29 -27.52 -12.38 -11.75
CA GLU C 29 -28.94 -12.29 -11.42
C GLU C 29 -29.59 -13.69 -11.34
N ILE C 30 -28.80 -14.66 -10.89
CA ILE C 30 -29.28 -16.02 -10.63
C ILE C 30 -28.68 -16.48 -9.31
N GLU C 31 -27.35 -16.46 -9.26
CA GLU C 31 -26.59 -17.03 -8.16
C GLU C 31 -26.94 -16.42 -6.80
N SER C 32 -26.98 -15.10 -6.71
CA SER C 32 -27.21 -14.42 -5.41
C SER C 32 -28.61 -14.65 -4.86
N LYS C 33 -29.59 -14.69 -5.74
CA LYS C 33 -30.96 -14.98 -5.32
C LYS C 33 -31.02 -16.39 -4.74
N VAL C 34 -30.17 -17.26 -5.26
CA VAL C 34 -30.18 -18.67 -4.83
C VAL C 34 -29.50 -18.78 -3.47
N GLN C 35 -28.33 -18.18 -3.31
CA GLN C 35 -27.70 -18.13 -2.00
C GLN C 35 -28.70 -17.69 -0.94
N LEU C 36 -29.37 -16.57 -1.20
CA LEU C 36 -30.47 -16.10 -0.36
C LEU C 36 -31.48 -17.22 -0.05
N HIS C 37 -31.93 -17.93 -1.08
CA HIS C 37 -32.85 -19.05 -0.89
C HIS C 37 -32.35 -19.97 0.23
N TRP C 38 -31.05 -20.24 0.26
CA TRP C 38 -30.49 -21.09 1.30
C TRP C 38 -30.37 -20.35 2.65
N ASP C 39 -30.07 -19.04 2.61
CA ASP C 39 -29.96 -18.23 3.82
C ASP C 39 -31.25 -18.23 4.63
N GLU C 40 -32.38 -18.07 3.95
CA GLU C 40 -33.67 -18.16 4.59
C GLU C 40 -34.13 -19.60 4.77
N LYS C 41 -33.91 -20.45 3.76
CA LYS C 41 -34.35 -21.85 3.85
C LYS C 41 -33.56 -22.69 4.88
N ARG C 42 -32.30 -22.35 5.09
CA ARG C 42 -31.39 -23.14 5.94
C ARG C 42 -31.33 -24.58 5.43
N THR C 43 -30.86 -24.72 4.18
CA THR C 43 -30.80 -26.00 3.47
C THR C 43 -29.60 -26.86 3.92
N PHE C 44 -28.70 -26.28 4.72
CA PHE C 44 -27.46 -26.96 5.13
C PHE C 44 -27.21 -26.88 6.65
N GLU C 45 -28.14 -26.24 7.36
CA GLU C 45 -28.15 -26.25 8.83
C GLU C 45 -28.71 -27.57 9.37
N VAL C 46 -27.88 -28.60 9.47
CA VAL C 46 -28.35 -29.90 9.95
C VAL C 46 -28.48 -29.97 11.47
N THR C 47 -29.16 -31.02 11.93
CA THR C 47 -29.20 -31.41 13.35
C THR C 47 -28.78 -32.86 13.47
N GLU C 48 -28.78 -33.38 14.69
CA GLU C 48 -28.33 -34.75 14.93
C GLU C 48 -29.42 -35.77 14.60
N ASP C 49 -30.16 -35.52 13.51
CA ASP C 49 -31.33 -36.32 13.11
C ASP C 49 -31.01 -37.81 12.92
N GLU C 50 -31.26 -38.57 13.99
CA GLU C 50 -30.92 -40.00 14.09
C GLU C 50 -31.23 -40.81 12.83
N SER C 51 -32.45 -40.66 12.33
CA SER C 51 -32.97 -41.42 11.19
C SER C 51 -32.00 -41.57 10.03
N LYS C 52 -31.69 -40.44 9.39
CA LYS C 52 -30.79 -40.41 8.23
C LYS C 52 -29.35 -40.76 8.60
N GLU C 53 -28.65 -41.42 7.70
CA GLU C 53 -27.25 -41.80 7.92
C GLU C 53 -26.36 -40.56 7.96
N LYS C 54 -25.74 -40.30 9.11
CA LYS C 54 -24.87 -39.15 9.25
C LYS C 54 -23.64 -39.25 8.35
N TYR C 55 -23.22 -38.11 7.82
CA TYR C 55 -21.91 -37.99 7.17
C TYR C 55 -21.29 -36.63 7.51
N TYR C 56 -20.06 -36.68 8.02
CA TYR C 56 -19.33 -35.49 8.40
C TYR C 56 -18.25 -35.19 7.35
N CYS C 57 -18.52 -34.18 6.51
CA CYS C 57 -17.54 -33.71 5.54
C CYS C 57 -16.93 -32.39 5.99
N LEU C 58 -15.66 -32.44 6.38
CA LEU C 58 -14.98 -31.29 6.94
C LEU C 58 -13.83 -30.80 6.05
N SER C 59 -13.67 -29.49 5.93
CA SER C 59 -12.43 -28.92 5.37
C SER C 59 -11.71 -28.18 6.49
N MET C 60 -10.48 -27.74 6.25
CA MET C 60 -9.76 -27.01 7.30
C MET C 60 -10.18 -25.54 7.36
N LEU C 61 -10.76 -25.14 8.49
CA LEU C 61 -11.25 -23.77 8.64
C LEU C 61 -10.14 -22.77 8.33
N PRO C 62 -10.49 -21.61 7.72
CA PRO C 62 -9.43 -20.72 7.27
C PRO C 62 -8.93 -19.82 8.39
N TYR C 63 -7.75 -19.24 8.17
CA TYR C 63 -7.30 -18.14 8.99
C TYR C 63 -7.81 -16.89 8.28
N PRO C 64 -8.40 -15.93 9.04
CA PRO C 64 -8.88 -14.67 8.47
C PRO C 64 -7.67 -13.85 8.03
N SER C 65 -7.18 -14.17 6.83
CA SER C 65 -5.95 -13.60 6.29
C SER C 65 -6.16 -12.15 5.85
N GLY C 66 -7.30 -11.90 5.22
CA GLY C 66 -7.65 -10.57 4.76
C GLY C 66 -8.69 -10.70 3.67
N ARG C 67 -8.45 -11.67 2.78
CA ARG C 67 -9.37 -12.07 1.73
C ARG C 67 -8.92 -13.42 1.12
N LEU C 68 -9.89 -14.18 0.61
CA LEU C 68 -9.66 -15.52 0.06
C LEU C 68 -8.75 -15.52 -1.14
N HIS C 69 -8.14 -16.67 -1.41
CA HIS C 69 -7.39 -16.82 -2.63
C HIS C 69 -7.71 -18.17 -3.22
N MET C 70 -7.19 -18.40 -4.42
CA MET C 70 -7.53 -19.58 -5.21
C MET C 70 -7.10 -20.88 -4.59
N GLY C 71 -6.37 -20.81 -3.47
CA GLY C 71 -6.05 -21.99 -2.67
C GLY C 71 -7.29 -22.35 -1.87
N HIS C 72 -7.68 -21.44 -0.96
CA HIS C 72 -8.94 -21.52 -0.19
C HIS C 72 -10.08 -22.05 -1.04
N VAL C 73 -10.21 -21.48 -2.24
CA VAL C 73 -11.24 -21.82 -3.19
C VAL C 73 -11.22 -23.32 -3.54
N ARG C 74 -10.04 -23.84 -3.85
CA ARG C 74 -9.89 -25.25 -4.17
C ARG C 74 -10.28 -26.15 -2.95
N ASN C 75 -9.84 -25.74 -1.76
CA ASN C 75 -9.98 -26.51 -0.50
C ASN C 75 -11.43 -26.62 -0.09
N TYR C 76 -12.23 -25.70 -0.60
CA TYR C 76 -13.59 -25.56 -0.14
C TYR C 76 -14.59 -25.98 -1.19
N THR C 77 -14.21 -25.81 -2.46
CA THR C 77 -15.01 -26.36 -3.54
C THR C 77 -15.01 -27.90 -3.42
N ILE C 78 -13.82 -28.51 -3.30
CA ILE C 78 -13.74 -29.96 -3.03
C ILE C 78 -14.76 -30.28 -1.95
N GLY C 79 -14.67 -29.57 -0.83
CA GLY C 79 -15.57 -29.75 0.30
C GLY C 79 -17.02 -29.66 -0.13
N ASP C 80 -17.44 -28.45 -0.52
CA ASP C 80 -18.82 -28.22 -0.96
C ASP C 80 -19.19 -29.15 -2.09
N VAL C 81 -18.23 -29.64 -2.85
CA VAL C 81 -18.56 -30.63 -3.86
C VAL C 81 -19.09 -31.83 -3.10
N ILE C 82 -18.24 -32.40 -2.26
CA ILE C 82 -18.53 -33.67 -1.60
C ILE C 82 -19.67 -33.55 -0.60
N ALA C 83 -19.76 -32.39 0.05
CA ALA C 83 -20.83 -32.12 1.00
C ALA C 83 -22.18 -32.22 0.32
N ARG C 84 -22.27 -31.61 -0.88
CA ARG C 84 -23.48 -31.67 -1.69
C ARG C 84 -23.66 -33.08 -2.22
N TYR C 85 -22.56 -33.72 -2.59
CA TYR C 85 -22.58 -35.08 -3.11
C TYR C 85 -23.25 -36.07 -2.16
N GLN C 86 -22.79 -36.10 -0.90
CA GLN C 86 -23.36 -37.04 0.08
C GLN C 86 -24.79 -36.68 0.45
N ARG C 87 -25.08 -35.38 0.47
CA ARG C 87 -26.42 -34.89 0.76
C ARG C 87 -27.37 -35.49 -0.25
N MET C 88 -26.94 -35.47 -1.52
CA MET C 88 -27.72 -36.00 -2.60
C MET C 88 -27.88 -37.50 -2.50
N LEU C 89 -27.09 -38.10 -1.62
CA LEU C 89 -27.26 -39.51 -1.33
C LEU C 89 -28.11 -39.67 -0.07
N GLY C 90 -29.03 -38.73 0.14
CA GLY C 90 -29.92 -38.75 1.29
C GLY C 90 -29.24 -38.99 2.63
N LYS C 91 -28.14 -38.29 2.88
CA LYS C 91 -27.45 -38.40 4.15
C LYS C 91 -27.58 -37.11 4.94
N ASN C 92 -27.57 -37.22 6.26
CA ASN C 92 -27.65 -36.06 7.11
C ASN C 92 -26.25 -35.47 7.24
N VAL C 93 -25.98 -34.43 6.45
CA VAL C 93 -24.58 -34.02 6.20
C VAL C 93 -24.10 -32.73 6.84
N LEU C 94 -23.03 -32.86 7.64
CA LEU C 94 -22.38 -31.72 8.28
C LEU C 94 -21.17 -31.25 7.46
N GLN C 95 -21.25 -30.01 6.95
CA GLN C 95 -20.07 -29.29 6.44
C GLN C 95 -19.93 -27.90 7.04
N PRO C 96 -19.09 -27.79 8.08
CA PRO C 96 -19.08 -26.61 8.92
C PRO C 96 -18.09 -25.58 8.45
N ILE C 97 -17.99 -24.48 9.19
CA ILE C 97 -17.05 -23.42 8.89
C ILE C 97 -16.68 -22.76 10.22
N GLY C 98 -15.70 -21.87 10.17
CA GLY C 98 -15.20 -21.23 11.39
C GLY C 98 -14.01 -20.39 11.03
N TRP C 99 -13.42 -19.72 11.99
CA TRP C 99 -12.27 -18.87 11.70
C TRP C 99 -11.19 -19.15 12.73
N ASP C 100 -10.12 -19.75 12.25
CA ASP C 100 -8.93 -20.00 13.06
C ASP C 100 -8.21 -18.66 13.16
N ALA C 101 -8.55 -17.92 14.21
CA ALA C 101 -8.49 -16.46 14.16
C ALA C 101 -7.48 -15.78 15.08
N PHE C 102 -6.70 -16.57 15.83
CA PHE C 102 -5.52 -16.00 16.47
C PHE C 102 -4.39 -16.06 15.45
N GLY C 103 -3.24 -15.50 15.79
CA GLY C 103 -2.15 -15.49 14.82
C GLY C 103 -1.25 -14.28 14.75
N LEU C 104 -0.02 -14.57 14.38
CA LEU C 104 1.05 -13.61 14.22
C LEU C 104 0.83 -12.65 13.03
N PRO C 105 0.05 -13.08 12.02
CA PRO C 105 -0.24 -12.07 11.00
C PRO C 105 -0.94 -10.82 11.57
N ALA C 106 -2.07 -11.02 12.27
CA ALA C 106 -2.81 -9.93 12.91
C ALA C 106 -1.99 -8.95 13.74
N GLU C 107 -0.84 -9.38 14.23
CA GLU C 107 -0.08 -8.52 15.12
C GLU C 107 0.74 -7.48 14.36
N GLY C 108 1.73 -7.95 13.61
CA GLY C 108 2.55 -7.05 12.81
C GLY C 108 1.72 -6.12 11.96
N ALA C 109 0.53 -6.58 11.56
CA ALA C 109 -0.35 -5.83 10.67
C ALA C 109 -1.06 -4.68 11.37
N ALA C 110 -1.27 -4.82 12.69
CA ALA C 110 -1.94 -3.81 13.49
C ALA C 110 -0.97 -2.74 13.99
N VAL C 111 0.32 -2.97 13.77
CA VAL C 111 1.35 -1.99 14.16
C VAL C 111 2.12 -1.43 12.97
N LYS C 112 2.26 -2.21 11.90
CA LYS C 112 2.76 -1.65 10.65
C LYS C 112 1.71 -0.63 10.23
N ASN C 113 0.47 -1.11 10.10
CA ASN C 113 -0.68 -0.23 9.95
C ASN C 113 -0.99 0.40 11.32
N ASN C 114 -2.27 0.52 11.66
CA ASN C 114 -2.66 1.21 12.89
C ASN C 114 -3.98 0.66 13.40
N THR C 115 -3.92 -0.59 13.86
CA THR C 115 -5.11 -1.30 14.34
C THR C 115 -4.80 -2.05 15.61
N ALA C 116 -5.80 -2.77 16.11
CA ALA C 116 -5.58 -3.87 17.05
C ALA C 116 -5.77 -5.21 16.31
N PRO C 117 -5.07 -6.26 16.78
CA PRO C 117 -5.21 -7.54 16.11
C PRO C 117 -6.66 -7.97 16.14
N ALA C 118 -7.33 -7.68 17.26
CA ALA C 118 -8.76 -7.95 17.37
C ALA C 118 -9.59 -7.45 16.17
N PRO C 119 -9.94 -6.13 16.11
CA PRO C 119 -10.87 -5.72 15.04
C PRO C 119 -10.40 -6.14 13.65
N TRP C 120 -9.09 -6.04 13.41
CA TRP C 120 -8.47 -6.39 12.12
C TRP C 120 -8.92 -7.78 11.73
N THR C 121 -8.85 -8.69 12.68
CA THR C 121 -9.26 -10.08 12.48
C THR C 121 -10.75 -10.16 12.15
N TYR C 122 -11.58 -9.44 12.90
CA TYR C 122 -13.03 -9.44 12.66
C TYR C 122 -13.46 -8.90 11.28
N ASP C 123 -12.97 -7.72 10.89
CA ASP C 123 -13.18 -7.20 9.52
C ASP C 123 -12.77 -8.23 8.48
N ASN C 124 -11.61 -8.84 8.75
CA ASN C 124 -11.08 -9.90 7.92
C ASN C 124 -12.07 -11.04 7.79
N ILE C 125 -12.60 -11.50 8.93
CA ILE C 125 -13.61 -12.58 8.95
C ILE C 125 -14.83 -12.19 8.13
N ALA C 126 -15.34 -10.99 8.45
CA ALA C 126 -16.51 -10.45 7.79
C ALA C 126 -16.31 -10.47 6.27
N TYR C 127 -15.13 -10.01 5.82
CA TYR C 127 -14.83 -9.93 4.39
C TYR C 127 -14.77 -11.32 3.76
N MET C 128 -14.04 -12.21 4.41
CA MET C 128 -13.84 -13.56 3.88
C MET C 128 -15.12 -14.39 3.95
N LYS C 129 -16.00 -14.06 4.91
CA LYS C 129 -17.32 -14.68 4.95
C LYS C 129 -18.18 -14.24 3.75
N ASN C 130 -18.22 -12.93 3.48
CA ASN C 130 -18.88 -12.41 2.29
C ASN C 130 -18.45 -13.16 1.03
N GLN C 131 -17.15 -13.41 0.90
CA GLN C 131 -16.58 -14.14 -0.25
C GLN C 131 -16.97 -15.63 -0.31
N LEU C 132 -16.88 -16.32 0.81
CA LEU C 132 -17.29 -17.73 0.87
C LEU C 132 -18.75 -17.90 0.48
N LYS C 133 -19.62 -17.20 1.21
CA LYS C 133 -21.06 -17.21 0.94
C LYS C 133 -21.36 -16.87 -0.52
N MET C 134 -20.70 -15.83 -1.02
CA MET C 134 -20.81 -15.47 -2.44
C MET C 134 -20.31 -16.54 -3.42
N LEU C 135 -19.47 -17.46 -2.93
CA LEU C 135 -19.03 -18.64 -3.69
C LEU C 135 -20.06 -19.77 -3.67
N GLY C 136 -21.01 -19.68 -2.75
CA GLY C 136 -22.15 -20.60 -2.68
C GLY C 136 -21.83 -21.97 -2.14
N PHE C 137 -21.13 -22.02 -1.02
CA PHE C 137 -20.89 -23.28 -0.33
C PHE C 137 -22.01 -23.56 0.65
N GLY C 138 -22.44 -24.81 0.70
CA GLY C 138 -23.43 -25.23 1.69
C GLY C 138 -22.83 -25.46 3.06
N TYR C 139 -23.10 -24.53 3.98
CA TYR C 139 -22.50 -24.56 5.31
C TYR C 139 -23.58 -24.41 6.36
N ASP C 140 -23.37 -25.08 7.49
CA ASP C 140 -24.19 -24.85 8.65
C ASP C 140 -23.68 -23.58 9.31
N TRP C 141 -24.16 -22.46 8.79
CA TRP C 141 -23.75 -21.14 9.30
C TRP C 141 -24.17 -20.90 10.74
N SER C 142 -25.08 -21.74 11.23
CA SER C 142 -25.48 -21.74 12.65
C SER C 142 -24.41 -22.33 13.58
N ARG C 143 -23.50 -23.12 13.01
CA ARG C 143 -22.40 -23.77 13.75
C ARG C 143 -21.06 -23.06 13.62
N GLU C 144 -21.06 -21.92 12.93
CA GLU C 144 -19.85 -21.14 12.68
C GLU C 144 -19.27 -20.66 14.01
N LEU C 145 -17.95 -20.76 14.15
CA LEU C 145 -17.27 -20.34 15.37
C LEU C 145 -16.01 -19.57 15.05
N ALA C 146 -15.71 -18.59 15.89
CA ALA C 146 -14.48 -17.83 15.77
C ALA C 146 -13.61 -18.20 16.96
N THR C 147 -12.46 -18.82 16.68
CA THR C 147 -11.63 -19.36 17.75
C THR C 147 -11.17 -18.27 18.73
N CYS C 148 -11.14 -17.03 18.26
CA CYS C 148 -10.71 -15.90 19.08
C CYS C 148 -11.77 -15.38 20.04
N THR C 149 -12.99 -15.91 19.96
CA THR C 149 -14.03 -15.51 20.88
C THR C 149 -13.95 -16.35 22.15
N PRO C 150 -13.90 -15.70 23.34
CA PRO C 150 -13.87 -16.38 24.62
C PRO C 150 -14.84 -17.57 24.73
N GLU C 151 -16.03 -17.45 24.13
CA GLU C 151 -16.99 -18.54 24.08
C GLU C 151 -16.40 -19.81 23.45
N TYR C 152 -15.15 -19.70 22.99
CA TYR C 152 -14.43 -20.83 22.40
C TYR C 152 -13.25 -21.23 23.27
N TYR C 153 -12.21 -20.41 23.27
CA TYR C 153 -10.96 -20.78 23.91
C TYR C 153 -11.06 -21.05 25.42
N ARG C 154 -12.21 -20.75 26.02
CA ARG C 154 -12.45 -21.08 27.42
C ARG C 154 -12.38 -22.59 27.68
N TRP C 155 -12.62 -23.37 26.63
CA TRP C 155 -12.64 -24.82 26.74
C TRP C 155 -11.25 -25.43 26.64
N GLU C 156 -10.45 -24.96 25.69
CA GLU C 156 -9.07 -25.43 25.60
C GLU C 156 -8.28 -24.98 26.82
N GLN C 157 -8.76 -23.90 27.43
CA GLN C 157 -8.25 -23.50 28.71
C GLN C 157 -8.68 -24.53 29.74
N LYS C 158 -9.99 -24.72 29.88
CA LYS C 158 -10.51 -25.73 30.81
C LYS C 158 -9.86 -27.08 30.58
N PHE C 159 -9.57 -27.39 29.32
CA PHE C 159 -8.84 -28.61 28.97
C PHE C 159 -7.46 -28.61 29.61
N PHE C 160 -6.66 -27.61 29.26
CA PHE C 160 -5.29 -27.45 29.75
C PHE C 160 -5.12 -27.69 31.24
N THR C 161 -6.02 -27.13 32.03
CA THR C 161 -5.96 -27.29 33.50
C THR C 161 -6.00 -28.77 33.89
N GLU C 162 -6.88 -29.51 33.22
CA GLU C 162 -7.04 -30.94 33.43
C GLU C 162 -5.82 -31.70 32.90
N LEU C 163 -5.26 -31.22 31.80
CA LEU C 163 -4.02 -31.80 31.29
C LEU C 163 -2.88 -31.65 32.29
N TYR C 164 -2.87 -30.52 33.01
CA TYR C 164 -1.89 -30.31 34.07
C TYR C 164 -2.23 -31.19 35.28
N LYS C 165 -3.50 -31.58 35.36
CA LYS C 165 -3.98 -32.50 36.39
C LYS C 165 -3.70 -33.97 36.08
N LYS C 166 -3.61 -34.32 34.79
CA LYS C 166 -3.26 -35.69 34.36
C LYS C 166 -1.75 -35.88 34.12
N GLY C 167 -0.94 -34.97 34.65
CA GLY C 167 0.52 -35.04 34.56
C GLY C 167 1.05 -34.97 33.13
N LEU C 168 0.32 -34.25 32.28
CA LEU C 168 0.58 -34.21 30.83
C LEU C 168 1.15 -32.89 30.31
N VAL C 169 1.24 -31.90 31.20
CA VAL C 169 1.66 -30.56 30.81
C VAL C 169 2.85 -30.14 31.65
N TYR C 170 3.92 -29.70 31.01
CA TYR C 170 5.11 -29.33 31.78
C TYR C 170 5.88 -28.14 31.23
N LYS C 171 6.84 -27.70 32.03
CA LYS C 171 7.60 -26.49 31.82
C LYS C 171 9.07 -26.83 31.66
N LYS C 172 9.79 -26.04 30.88
CA LYS C 172 11.24 -26.13 30.76
C LYS C 172 11.77 -25.05 29.83
N THR C 173 13.02 -24.64 30.05
CA THR C 173 13.76 -23.79 29.12
C THR C 173 13.65 -24.38 27.72
N SER C 174 13.44 -23.53 26.73
CA SER C 174 13.26 -24.02 25.37
C SER C 174 13.85 -23.11 24.30
N ALA C 175 14.08 -23.69 23.13
CA ALA C 175 14.48 -22.95 21.95
C ALA C 175 13.50 -21.81 21.74
N VAL C 176 14.01 -20.58 21.66
CA VAL C 176 13.24 -19.42 21.19
C VAL C 176 14.16 -18.45 20.46
N ASN C 177 13.59 -17.74 19.49
CA ASN C 177 14.28 -16.65 18.82
C ASN C 177 13.96 -15.34 19.54
N TRP C 178 14.99 -14.72 20.12
CA TRP C 178 14.84 -13.46 20.85
C TRP C 178 15.58 -12.36 20.10
N CYS C 179 15.10 -11.13 20.19
CA CYS C 179 15.78 -10.00 19.55
C CYS C 179 16.56 -9.17 20.55
N PRO C 180 17.89 -9.04 20.32
CA PRO C 180 18.76 -8.19 21.14
C PRO C 180 18.24 -6.76 21.22
N ASN C 181 18.02 -6.16 20.05
CA ASN C 181 17.55 -4.78 19.93
C ASN C 181 16.13 -4.61 20.50
N ASP C 182 15.17 -5.33 19.93
CA ASP C 182 13.74 -5.10 20.20
C ASP C 182 13.26 -5.69 21.53
N GLN C 183 13.88 -6.79 21.98
CA GLN C 183 13.39 -7.58 23.14
C GLN C 183 12.21 -8.48 22.74
N THR C 184 11.50 -8.07 21.68
CA THR C 184 10.37 -8.82 21.11
C THR C 184 10.83 -10.15 20.51
N VAL C 185 10.04 -11.20 20.76
CA VAL C 185 10.31 -12.54 20.27
C VAL C 185 9.85 -12.71 18.82
N LEU C 186 10.73 -13.28 17.99
CA LEU C 186 10.43 -13.53 16.58
C LEU C 186 10.06 -14.99 16.32
N ALA C 187 9.37 -15.20 15.21
CA ALA C 187 9.02 -16.53 14.70
C ALA C 187 9.84 -16.81 13.44
N ASN C 188 10.31 -18.04 13.29
CA ASN C 188 11.19 -18.44 12.17
C ASN C 188 10.97 -17.69 10.85
N GLU C 189 9.70 -17.42 10.53
CA GLU C 189 9.34 -16.74 9.27
C GLU C 189 9.74 -15.25 9.29
N GLN C 190 9.78 -14.66 10.48
CA GLN C 190 10.18 -13.26 10.64
C GLN C 190 11.71 -13.13 10.66
N VAL C 191 12.39 -14.25 10.83
CA VAL C 191 13.85 -14.34 10.67
C VAL C 191 14.18 -14.66 9.20
N ILE C 192 14.61 -13.66 8.44
CA ILE C 192 14.89 -13.86 7.00
C ILE C 192 16.36 -13.72 6.65
N ASP C 193 16.77 -14.29 5.50
CA ASP C 193 18.15 -14.27 4.98
C ASP C 193 19.20 -14.84 5.94
N GLY C 194 19.48 -14.10 7.00
CA GLY C 194 20.38 -14.51 8.07
C GLY C 194 19.91 -14.02 9.43
N CYS C 195 19.06 -12.98 9.44
CA CYS C 195 18.50 -12.44 10.68
C CYS C 195 17.13 -11.74 10.55
N CYS C 196 16.99 -10.60 11.23
CA CYS C 196 15.69 -9.98 11.60
C CYS C 196 14.72 -9.59 10.46
N TRP C 197 13.63 -8.92 10.84
CA TRP C 197 12.69 -8.36 9.86
C TRP C 197 12.32 -6.91 10.21
N ARG C 198 12.47 -6.53 11.48
CA ARG C 198 12.28 -5.14 11.90
C ARG C 198 13.47 -4.28 11.47
N CYS C 199 14.64 -4.59 12.02
CA CYS C 199 15.90 -4.03 11.57
C CYS C 199 16.62 -5.10 10.77
N ASP C 200 17.93 -5.21 10.98
CA ASP C 200 18.73 -6.30 10.42
C ASP C 200 19.71 -6.83 11.47
N THR C 201 19.29 -6.81 12.73
CA THR C 201 20.12 -7.27 13.85
C THR C 201 20.10 -8.79 13.96
N LYS C 202 21.31 -9.36 14.04
CA LYS C 202 21.53 -10.80 14.13
C LYS C 202 20.74 -11.42 15.29
N VAL C 203 19.69 -12.16 14.93
CA VAL C 203 18.73 -12.72 15.89
C VAL C 203 19.38 -13.71 16.83
N GLU C 204 19.40 -13.38 18.12
CA GLU C 204 20.01 -14.24 19.11
C GLU C 204 19.13 -15.43 19.46
N ARG C 205 19.64 -16.30 20.33
CA ARG C 205 18.85 -17.34 20.96
C ARG C 205 18.62 -16.96 22.42
N LYS C 206 17.40 -17.21 22.90
CA LYS C 206 17.07 -17.01 24.32
C LYS C 206 16.16 -18.13 24.79
N GLU C 207 16.43 -18.60 26.01
CA GLU C 207 15.71 -19.71 26.59
C GLU C 207 14.69 -19.20 27.61
N ILE C 208 13.45 -19.68 27.48
CA ILE C 208 12.30 -19.20 28.26
C ILE C 208 11.55 -20.37 28.88
N PRO C 209 11.25 -20.28 30.19
CA PRO C 209 10.49 -21.34 30.84
C PRO C 209 9.08 -21.37 30.27
N GLN C 210 8.90 -22.21 29.26
CA GLN C 210 7.65 -22.27 28.51
C GLN C 210 6.71 -23.32 29.04
N TRP C 211 5.70 -23.65 28.25
CA TRP C 211 4.76 -24.71 28.59
C TRP C 211 4.70 -25.76 27.47
N PHE C 212 4.52 -27.00 27.90
CA PHE C 212 4.59 -28.13 27.00
C PHE C 212 3.53 -29.17 27.31
N ILE C 213 2.88 -29.62 26.25
CA ILE C 213 1.98 -30.77 26.34
C ILE C 213 2.78 -32.03 26.03
N LYS C 214 2.63 -33.03 26.90
CA LYS C 214 3.37 -34.30 26.84
C LYS C 214 2.86 -35.16 25.66
N ILE C 215 3.27 -34.81 24.45
CA ILE C 215 2.67 -35.41 23.25
C ILE C 215 3.30 -36.77 22.92
N THR C 216 4.61 -36.87 23.14
CA THR C 216 5.35 -38.12 22.89
C THR C 216 4.78 -39.28 23.70
N ALA C 217 4.20 -38.97 24.86
CA ALA C 217 3.38 -39.94 25.60
C ALA C 217 2.43 -40.78 24.70
N TYR C 218 2.03 -40.22 23.56
CA TYR C 218 1.04 -40.86 22.72
C TYR C 218 1.62 -41.31 21.39
N ALA C 219 2.94 -41.22 21.30
CA ALA C 219 3.68 -41.45 20.05
C ALA C 219 3.49 -42.86 19.45
N ASP C 220 3.58 -43.89 20.30
CA ASP C 220 3.42 -45.26 19.82
C ASP C 220 2.01 -45.40 19.26
N GLU C 221 1.05 -44.89 20.01
CA GLU C 221 -0.35 -44.89 19.57
C GLU C 221 -0.51 -44.12 18.25
N LEU C 222 0.20 -43.00 18.11
CA LEU C 222 0.11 -42.17 16.91
C LEU C 222 0.82 -42.81 15.74
N LEU C 223 2.04 -43.30 15.97
CA LEU C 223 2.86 -43.90 14.92
C LEU C 223 2.25 -45.18 14.35
N ASN C 224 1.77 -46.05 15.23
CA ASN C 224 1.22 -47.33 14.78
C ASN C 224 -0.15 -47.20 14.15
N ASP C 225 -1.05 -46.48 14.83
CA ASP C 225 -2.44 -46.35 14.38
C ASP C 225 -2.59 -45.97 12.91
N LEU C 226 -1.55 -45.34 12.36
CA LEU C 226 -1.47 -44.98 10.95
C LEU C 226 -1.57 -46.20 10.04
N ASP C 227 -1.51 -47.38 10.64
CA ASP C 227 -1.74 -48.64 9.94
C ASP C 227 -3.25 -48.89 9.78
N LYS C 228 -4.03 -48.39 10.74
CA LYS C 228 -5.50 -48.42 10.67
C LYS C 228 -6.04 -47.50 9.57
N LEU C 229 -5.35 -46.37 9.35
CA LEU C 229 -5.81 -45.34 8.42
C LEU C 229 -5.59 -45.72 6.94
N ASP C 230 -6.38 -46.68 6.46
CA ASP C 230 -6.24 -47.18 5.08
C ASP C 230 -6.96 -46.30 4.05
N HIS C 231 -7.44 -45.15 4.53
CA HIS C 231 -8.07 -44.16 3.67
C HIS C 231 -7.32 -42.83 3.69
N TRP C 232 -6.14 -42.83 4.28
CA TRP C 232 -5.17 -41.76 4.16
C TRP C 232 -4.10 -42.23 3.19
N PRO C 233 -3.69 -41.38 2.24
CA PRO C 233 -2.65 -41.76 1.29
C PRO C 233 -1.29 -41.94 1.97
N ASP C 234 -0.49 -42.89 1.46
CA ASP C 234 0.82 -43.23 2.03
C ASP C 234 1.67 -42.01 2.32
N THR C 235 1.58 -41.03 1.43
CA THR C 235 2.33 -39.78 1.52
C THR C 235 2.29 -39.21 2.93
N VAL C 236 1.09 -38.88 3.39
CA VAL C 236 0.88 -38.27 4.71
C VAL C 236 1.40 -39.20 5.80
N LYS C 237 1.00 -40.47 5.70
CA LYS C 237 1.34 -41.50 6.66
C LYS C 237 2.85 -41.63 6.81
N THR C 238 3.56 -41.55 5.69
CA THR C 238 5.01 -41.68 5.72
C THR C 238 5.65 -40.48 6.40
N MET C 239 5.28 -39.27 5.96
CA MET C 239 5.77 -38.03 6.58
C MET C 239 5.41 -38.00 8.06
N GLN C 240 4.20 -38.44 8.36
CA GLN C 240 3.75 -38.60 9.72
C GLN C 240 4.74 -39.48 10.47
N ARG C 241 5.04 -40.65 9.91
CA ARG C 241 5.96 -41.61 10.54
C ARG C 241 7.32 -40.98 10.76
N ASN C 242 8.01 -40.63 9.67
CA ASN C 242 9.34 -40.01 9.75
C ASN C 242 9.43 -38.94 10.82
N TRP C 243 8.44 -38.04 10.82
CA TRP C 243 8.35 -36.98 11.82
C TRP C 243 8.45 -37.53 13.24
N ILE C 244 7.71 -38.61 13.52
CA ILE C 244 7.74 -39.26 14.82
C ILE C 244 9.09 -39.95 15.03
N GLY C 245 9.58 -40.58 13.97
CA GLY C 245 10.90 -41.22 13.93
C GLY C 245 11.23 -42.09 15.14
N ARG C 246 10.42 -43.10 15.37
CA ARG C 246 10.66 -44.08 16.44
C ARG C 246 11.97 -44.82 16.17
N SER C 247 12.86 -44.81 17.15
CA SER C 247 14.13 -45.50 17.04
C SER C 247 14.35 -46.50 18.17
N GLU C 248 15.23 -47.47 17.93
CA GLU C 248 15.67 -48.39 18.96
C GLU C 248 17.19 -48.23 19.16
N GLY C 249 17.63 -48.25 20.41
CA GLY C 249 19.04 -48.05 20.70
C GLY C 249 19.46 -48.20 22.15
N VAL C 250 20.65 -47.69 22.45
CA VAL C 250 21.26 -47.85 23.77
C VAL C 250 21.54 -46.49 24.43
N GLU C 251 21.07 -46.34 25.66
CA GLU C 251 21.53 -45.27 26.54
C GLU C 251 22.82 -45.72 27.24
N ILE C 252 23.90 -45.00 26.99
CA ILE C 252 25.21 -45.37 27.56
C ILE C 252 25.66 -44.34 28.59
N THR C 253 26.14 -44.83 29.73
CA THR C 253 26.59 -43.97 30.80
C THR C 253 28.11 -44.08 30.97
N PHE C 254 28.79 -42.95 30.72
CA PHE C 254 30.26 -42.88 30.79
C PHE C 254 30.74 -42.27 32.11
N ASN C 255 32.06 -42.23 32.28
CA ASN C 255 32.65 -41.65 33.48
C ASN C 255 33.74 -40.65 33.13
N VAL C 256 34.02 -39.74 34.05
CA VAL C 256 34.85 -38.57 33.76
C VAL C 256 36.11 -38.53 34.63
N ASN C 257 36.92 -37.48 34.46
CA ASN C 257 38.12 -37.25 35.27
C ASN C 257 37.82 -36.91 36.73
N ASP C 258 38.32 -35.76 37.18
CA ASP C 258 38.04 -35.24 38.51
C ASP C 258 36.52 -35.14 38.73
N TYR C 259 35.77 -35.09 37.63
CA TYR C 259 34.33 -34.85 37.67
C TYR C 259 33.57 -35.95 38.41
N ASP C 260 32.73 -35.50 39.34
CA ASP C 260 32.14 -36.36 40.37
C ASP C 260 31.03 -37.28 39.88
N ASN C 261 30.42 -36.99 38.72
CA ASN C 261 29.40 -37.90 38.20
C ASN C 261 29.39 -38.17 36.69
N THR C 262 28.43 -39.00 36.29
CA THR C 262 28.40 -39.67 34.99
C THR C 262 27.99 -38.76 33.83
N LEU C 263 28.42 -39.14 32.63
CA LEU C 263 27.88 -38.60 31.38
C LEU C 263 26.98 -39.66 30.74
N THR C 264 25.85 -39.24 30.16
CA THR C 264 24.92 -40.18 29.54
C THR C 264 24.54 -39.77 28.13
N VAL C 265 24.66 -40.70 27.19
CA VAL C 265 24.33 -40.48 25.78
C VAL C 265 23.33 -41.52 25.27
N TYR C 266 22.84 -41.34 24.05
CA TYR C 266 21.93 -42.28 23.40
C TYR C 266 22.31 -42.52 21.93
N THR C 267 22.44 -43.79 21.56
CA THR C 267 22.85 -44.18 20.22
C THR C 267 21.88 -45.16 19.57
N THR C 268 21.52 -44.89 18.32
CA THR C 268 20.69 -45.79 17.55
C THR C 268 21.59 -46.78 16.82
N ARG C 269 22.89 -46.49 16.87
CA ARG C 269 23.91 -47.32 16.25
C ARG C 269 24.92 -47.80 17.27
N PRO C 270 24.48 -48.68 18.19
CA PRO C 270 25.42 -49.12 19.23
C PRO C 270 26.57 -49.94 18.65
N ASP C 271 26.38 -50.45 17.45
CA ASP C 271 27.40 -51.27 16.81
C ASP C 271 28.67 -50.48 16.56
N THR C 272 28.51 -49.22 16.16
CA THR C 272 29.66 -48.36 15.84
C THR C 272 30.50 -48.01 17.09
N PHE C 273 30.19 -48.64 18.22
CA PHE C 273 30.68 -48.17 19.52
C PHE C 273 32.19 -48.24 19.72
N MET C 274 32.81 -49.36 19.34
CA MET C 274 34.24 -49.54 19.53
C MET C 274 35.04 -48.61 18.60
N GLY C 275 34.41 -47.51 18.21
CA GLY C 275 35.02 -46.48 17.39
C GLY C 275 34.66 -45.07 17.82
N CYS C 276 34.07 -44.93 19.01
CA CYS C 276 33.76 -43.62 19.55
C CYS C 276 35.04 -42.87 19.94
N THR C 277 35.39 -41.85 19.17
CA THR C 277 36.66 -41.13 19.34
C THR C 277 36.57 -39.95 20.31
N TYR C 278 35.36 -39.44 20.52
CA TYR C 278 35.07 -38.36 21.49
C TYR C 278 33.58 -38.25 21.82
N LEU C 279 33.28 -37.85 23.06
CA LEU C 279 31.93 -37.47 23.47
C LEU C 279 31.73 -35.96 23.27
N ALA C 280 30.58 -35.60 22.71
CA ALA C 280 30.17 -34.20 22.63
C ALA C 280 29.03 -33.95 23.61
N VAL C 281 29.28 -33.06 24.56
CA VAL C 281 28.26 -32.65 25.52
C VAL C 281 27.74 -31.23 25.17
N ALA C 282 26.56 -30.89 25.68
CA ALA C 282 25.90 -29.60 25.38
C ALA C 282 26.56 -28.42 26.09
N ALA C 283 26.50 -27.25 25.47
CA ALA C 283 27.10 -26.01 25.98
C ALA C 283 26.67 -25.66 27.42
N GLY C 284 25.37 -25.82 27.70
CA GLY C 284 24.83 -25.60 29.04
C GLY C 284 24.62 -26.90 29.77
N HIS C 285 25.69 -27.68 29.90
CA HIS C 285 25.67 -28.96 30.59
C HIS C 285 26.61 -28.92 31.79
N PRO C 286 26.13 -29.39 32.97
CA PRO C 286 26.87 -29.42 34.23
C PRO C 286 28.38 -29.65 34.12
N LEU C 287 28.81 -30.47 33.16
CA LEU C 287 30.24 -30.74 32.92
C LEU C 287 30.94 -29.61 32.16
N ALA C 288 30.24 -29.00 31.20
CA ALA C 288 30.76 -27.85 30.47
C ALA C 288 30.78 -26.59 31.33
N GLN C 289 29.91 -26.54 32.34
CA GLN C 289 29.86 -25.46 33.32
C GLN C 289 30.96 -25.66 34.39
N LYS C 290 31.04 -26.87 34.93
CA LYS C 290 32.07 -27.23 35.92
C LYS C 290 33.50 -27.00 35.41
N ALA C 291 33.68 -27.04 34.09
CA ALA C 291 34.98 -26.81 33.47
C ALA C 291 35.21 -25.34 33.12
N ALA C 292 34.12 -24.60 32.94
CA ALA C 292 34.16 -23.18 32.59
C ALA C 292 34.88 -22.29 33.63
N GLU C 293 35.02 -22.79 34.86
CA GLU C 293 35.77 -22.09 35.93
C GLU C 293 37.16 -21.66 35.49
N ASN C 294 38.02 -22.64 35.22
CA ASN C 294 39.37 -22.39 34.75
C ASN C 294 39.38 -22.32 33.22
N ASN C 295 38.77 -21.26 32.68
CA ASN C 295 38.67 -21.11 31.24
C ASN C 295 38.40 -19.70 30.72
N PRO C 296 39.35 -19.15 29.93
CA PRO C 296 39.13 -17.92 29.17
C PRO C 296 38.59 -18.24 27.76
N GLU C 297 38.16 -19.49 27.57
CA GLU C 297 37.85 -20.03 26.25
C GLU C 297 36.54 -20.82 26.23
N LEU C 298 36.21 -21.46 27.35
CA LEU C 298 34.98 -22.24 27.46
C LEU C 298 33.80 -21.35 27.87
N ALA C 299 34.03 -20.46 28.86
CA ALA C 299 33.07 -19.41 29.18
C ALA C 299 33.00 -18.40 28.04
N ALA C 300 34.07 -18.35 27.24
CA ALA C 300 34.11 -17.57 26.01
C ALA C 300 33.43 -18.31 24.86
N PHE C 301 32.96 -19.52 25.11
CA PHE C 301 32.19 -20.28 24.13
C PHE C 301 30.73 -20.52 24.52
N ILE C 302 30.47 -20.67 25.82
CA ILE C 302 29.10 -20.79 26.32
C ILE C 302 28.39 -19.42 26.24
N ASP C 303 29.18 -18.36 26.11
CA ASP C 303 28.67 -17.02 25.77
C ASP C 303 28.55 -16.86 24.24
N GLU C 304 29.44 -17.52 23.49
CA GLU C 304 29.41 -17.52 22.03
C GLU C 304 28.14 -18.20 21.47
N CYS C 305 27.52 -19.04 22.30
CA CYS C 305 26.30 -19.74 21.91
C CYS C 305 25.06 -18.84 21.84
N ARG C 306 25.05 -17.75 22.60
CA ARG C 306 24.01 -16.72 22.50
C ARG C 306 23.60 -16.54 21.01
N ASN C 307 24.60 -16.41 20.14
CA ASN C 307 24.41 -16.17 18.70
C ASN C 307 24.58 -17.44 17.84
N THR C 308 23.59 -18.33 17.88
CA THR C 308 23.52 -19.51 17.00
C THR C 308 22.08 -19.77 16.48
N LYS C 309 21.86 -20.90 15.82
CA LYS C 309 20.64 -21.16 15.04
C LYS C 309 19.51 -21.89 15.78
N VAL C 310 18.25 -21.63 15.41
CA VAL C 310 17.09 -22.12 16.18
C VAL C 310 16.34 -23.31 15.57
N ALA C 311 15.97 -23.19 14.29
CA ALA C 311 15.19 -24.22 13.59
C ALA C 311 16.03 -25.44 13.23
N GLU C 312 15.37 -26.52 12.80
CA GLU C 312 16.07 -27.70 12.32
C GLU C 312 16.89 -27.34 11.09
N ALA C 313 16.22 -26.91 10.03
CA ALA C 313 16.89 -26.49 8.79
C ALA C 313 18.09 -25.59 9.08
N GLU C 314 17.96 -24.75 10.11
CA GLU C 314 19.06 -23.92 10.59
C GLU C 314 20.14 -24.78 11.25
N MET C 315 19.80 -25.33 12.42
CA MET C 315 20.58 -26.36 13.12
C MET C 315 21.28 -27.32 12.15
N ALA C 316 20.61 -27.63 11.05
CA ALA C 316 21.14 -28.55 10.04
C ALA C 316 22.35 -27.98 9.32
N THR C 317 22.10 -27.09 8.36
CA THR C 317 23.14 -26.58 7.46
C THR C 317 24.30 -25.80 8.12
N MET C 318 23.99 -25.09 9.21
CA MET C 318 24.94 -24.17 9.85
C MET C 318 26.30 -24.76 10.29
N GLU C 319 27.20 -23.88 10.70
CA GLU C 319 28.56 -24.27 11.06
C GLU C 319 28.65 -24.82 12.49
N LYS C 320 29.36 -25.93 12.61
CA LYS C 320 29.58 -26.57 13.89
C LYS C 320 30.96 -26.19 14.40
N LYS C 321 31.01 -25.72 15.64
CA LYS C 321 32.27 -25.35 16.31
C LYS C 321 32.20 -25.71 17.80
N GLY C 322 33.35 -25.70 18.48
CA GLY C 322 33.40 -26.03 19.90
C GLY C 322 34.71 -25.70 20.61
N VAL C 323 34.80 -26.15 21.86
CA VAL C 323 35.98 -26.00 22.73
C VAL C 323 36.08 -27.28 23.58
N ASP C 324 37.31 -27.75 23.83
CA ASP C 324 37.52 -28.95 24.64
C ASP C 324 37.27 -28.64 26.12
N THR C 325 36.55 -29.53 26.81
CA THR C 325 36.28 -29.38 28.25
C THR C 325 37.40 -29.89 29.16
N GLY C 326 38.52 -30.29 28.55
CA GLY C 326 39.69 -30.78 29.29
C GLY C 326 39.43 -32.11 29.96
N PHE C 327 38.17 -32.31 30.35
CA PHE C 327 37.70 -33.54 30.96
C PHE C 327 37.79 -34.70 29.98
N LYS C 328 37.99 -35.90 30.52
CA LYS C 328 38.13 -37.10 29.71
C LYS C 328 37.13 -38.16 30.15
N ALA C 329 36.63 -38.91 29.17
CA ALA C 329 35.61 -39.92 29.44
C ALA C 329 36.17 -41.33 29.34
N VAL C 330 35.82 -42.16 30.32
CA VAL C 330 36.20 -43.57 30.32
C VAL C 330 35.25 -44.35 29.41
N HIS C 331 35.79 -44.73 28.25
CA HIS C 331 35.12 -45.66 27.34
C HIS C 331 35.04 -46.99 28.07
N PRO C 332 33.83 -47.39 28.48
CA PRO C 332 33.70 -48.53 29.39
C PRO C 332 33.86 -49.88 28.68
N LEU C 333 34.46 -49.87 27.49
CA LEU C 333 34.72 -51.09 26.73
C LEU C 333 36.22 -51.29 26.48
N THR C 334 36.74 -50.68 25.42
CA THR C 334 38.19 -50.72 25.13
C THR C 334 38.95 -49.81 26.10
N GLY C 335 38.36 -49.58 27.27
CA GLY C 335 38.99 -48.88 28.38
C GLY C 335 39.40 -47.44 28.15
N GLU C 336 40.12 -47.22 27.04
CA GLU C 336 40.85 -45.97 26.73
C GLU C 336 40.13 -44.65 27.01
N GLU C 337 40.90 -43.65 27.41
CA GLU C 337 40.34 -42.33 27.71
C GLU C 337 40.29 -41.42 26.49
N ILE C 338 39.19 -40.67 26.40
CA ILE C 338 38.87 -39.84 25.25
C ILE C 338 38.18 -38.54 25.72
N PRO C 339 38.43 -37.42 25.03
CA PRO C 339 38.02 -36.11 25.56
C PRO C 339 36.53 -35.82 25.40
N VAL C 340 36.03 -34.89 26.22
CA VAL C 340 34.64 -34.40 26.10
C VAL C 340 34.66 -33.00 25.48
N TRP C 341 33.86 -32.82 24.44
CA TRP C 341 33.85 -31.59 23.65
C TRP C 341 32.51 -30.85 23.65
N ALA C 342 32.49 -29.67 24.26
CA ALA C 342 31.29 -28.83 24.30
C ALA C 342 31.06 -28.12 22.96
N ALA C 343 29.99 -28.51 22.28
CA ALA C 343 29.59 -27.92 21.01
C ALA C 343 28.10 -27.62 21.03
N ASN C 344 27.67 -26.74 20.11
CA ASN C 344 26.28 -26.24 20.08
C ASN C 344 25.17 -27.27 19.83
N PHE C 345 25.22 -27.98 18.69
CA PHE C 345 24.14 -28.87 18.24
C PHE C 345 23.54 -29.80 19.30
N VAL C 346 24.35 -30.16 20.30
CA VAL C 346 23.87 -30.95 21.43
C VAL C 346 23.08 -30.04 22.37
N LEU C 347 21.89 -30.49 22.75
CA LEU C 347 21.07 -29.73 23.69
C LEU C 347 20.24 -30.57 24.65
N MET C 348 19.57 -29.87 25.57
CA MET C 348 18.72 -30.50 26.58
C MET C 348 17.32 -30.75 26.03
N GLU C 349 17.28 -31.37 24.86
CA GLU C 349 16.04 -31.82 24.22
C GLU C 349 16.33 -33.03 23.33
N TYR C 350 17.60 -33.16 22.92
CA TYR C 350 18.01 -34.15 21.90
C TYR C 350 19.04 -35.15 22.45
N GLY C 351 18.67 -35.78 23.57
CA GLY C 351 19.59 -36.57 24.41
C GLY C 351 19.56 -36.00 25.80
N THR C 352 20.42 -36.50 26.69
CA THR C 352 20.49 -35.95 28.05
C THR C 352 21.54 -34.82 28.15
N GLY C 353 21.70 -34.10 27.05
CA GLY C 353 22.69 -33.04 26.95
C GLY C 353 24.01 -33.56 26.39
N ALA C 354 24.09 -34.87 26.17
CA ALA C 354 25.32 -35.47 25.67
C ALA C 354 25.03 -36.53 24.62
N VAL C 355 25.88 -36.56 23.60
CA VAL C 355 25.86 -37.60 22.57
C VAL C 355 27.26 -38.19 22.48
N MET C 356 27.41 -39.24 21.68
CA MET C 356 28.75 -39.73 21.32
C MET C 356 29.07 -39.39 19.87
N ALA C 357 30.31 -39.66 19.45
CA ALA C 357 30.72 -39.43 18.07
C ALA C 357 31.66 -40.52 17.55
N VAL C 358 31.20 -41.23 16.53
CA VAL C 358 32.03 -42.17 15.78
C VAL C 358 32.23 -41.59 14.38
N PRO C 359 33.19 -40.65 14.25
CA PRO C 359 33.33 -39.76 13.08
C PRO C 359 33.35 -40.45 11.73
N GLY C 360 33.83 -41.68 11.68
CA GLY C 360 33.88 -42.42 10.43
C GLY C 360 32.54 -43.00 10.04
N HIS C 361 31.51 -42.76 10.85
CA HIS C 361 30.21 -43.39 10.66
C HIS C 361 29.00 -42.47 10.81
N ASP C 362 29.21 -41.29 11.36
CA ASP C 362 28.21 -40.22 11.31
C ASP C 362 28.79 -39.06 10.52
N GLN C 363 28.04 -38.59 9.52
CA GLN C 363 28.47 -37.49 8.65
C GLN C 363 28.53 -36.16 9.40
N ARG C 364 27.68 -36.03 10.42
CA ARG C 364 27.69 -34.91 11.35
C ARG C 364 28.97 -34.97 12.21
N ASP C 365 29.28 -36.17 12.71
CA ASP C 365 30.48 -36.41 13.52
C ASP C 365 31.76 -36.36 12.70
N TYR C 366 31.64 -36.53 11.38
CA TYR C 366 32.78 -36.52 10.48
C TYR C 366 33.36 -35.13 10.29
N GLU C 367 32.50 -34.17 9.91
CA GLU C 367 32.92 -32.79 9.67
C GLU C 367 33.55 -32.16 10.91
N PHE C 368 32.92 -32.38 12.07
CA PHE C 368 33.43 -31.88 13.35
C PHE C 368 34.83 -32.41 13.65
N ALA C 369 35.04 -33.71 13.49
CA ALA C 369 36.34 -34.33 13.74
C ALA C 369 37.38 -33.89 12.71
N SER C 370 36.98 -33.89 11.43
CA SER C 370 37.87 -33.46 10.36
C SER C 370 38.34 -32.05 10.60
N LYS C 371 37.39 -31.15 10.83
CA LYS C 371 37.67 -29.71 10.95
C LYS C 371 37.97 -29.23 12.38
N TYR C 372 38.36 -30.18 13.24
CA TYR C 372 38.95 -29.88 14.54
C TYR C 372 40.07 -30.90 14.82
N GLY C 373 40.76 -31.31 13.76
CA GLY C 373 41.88 -32.27 13.82
C GLY C 373 41.75 -33.39 14.83
N LEU C 374 40.56 -33.97 14.95
CA LEU C 374 40.28 -35.05 15.89
C LEU C 374 40.47 -36.42 15.24
N ASN C 375 40.25 -37.48 16.03
CA ASN C 375 40.50 -38.84 15.57
C ASN C 375 39.34 -39.45 14.78
N ILE C 376 39.70 -40.24 13.78
CA ILE C 376 38.78 -40.82 12.82
C ILE C 376 38.99 -42.35 12.67
N LYS C 377 38.19 -43.14 13.41
CA LYS C 377 38.39 -44.60 13.51
C LYS C 377 37.33 -45.47 12.81
N PRO C 378 37.76 -46.50 12.05
CA PRO C 378 36.82 -47.40 11.37
C PRO C 378 36.44 -48.67 12.15
N VAL C 379 35.14 -48.97 12.18
CA VAL C 379 34.60 -50.17 12.87
C VAL C 379 33.64 -51.03 12.02
N ILE C 380 32.89 -50.41 11.12
CA ILE C 380 31.94 -51.13 10.25
C ILE C 380 32.56 -51.34 8.85
N LEU C 381 32.17 -52.40 8.18
CA LEU C 381 32.74 -52.79 6.88
C LEU C 381 31.78 -52.58 5.71
N ALA C 382 32.33 -52.22 4.56
CA ALA C 382 31.56 -51.79 3.39
C ALA C 382 30.89 -52.92 2.58
N ALA C 383 30.35 -52.57 1.42
CA ALA C 383 29.57 -53.45 0.53
C ALA C 383 30.20 -54.81 0.26
N ASP C 384 31.52 -54.86 0.06
CA ASP C 384 32.23 -56.12 -0.12
C ASP C 384 32.57 -56.76 1.23
N GLY C 385 33.57 -56.23 1.92
CA GLY C 385 34.04 -56.79 3.19
C GLY C 385 35.43 -56.32 3.59
N SER C 386 36.05 -55.48 2.76
CA SER C 386 37.34 -54.87 3.07
C SER C 386 37.15 -53.59 3.89
N GLU C 387 38.23 -53.08 4.47
CA GLU C 387 38.21 -51.82 5.22
C GLU C 387 37.57 -50.70 4.40
N PRO C 388 36.45 -50.12 4.90
CA PRO C 388 35.76 -49.00 4.24
C PRO C 388 36.52 -47.69 4.40
N ASP C 389 36.65 -46.95 3.29
CA ASP C 389 37.50 -45.76 3.25
C ASP C 389 36.91 -44.58 4.03
N LEU C 390 37.77 -43.91 4.78
CA LEU C 390 37.38 -42.77 5.61
C LEU C 390 37.97 -41.46 5.07
N SER C 391 38.46 -41.50 3.83
CA SER C 391 39.18 -40.38 3.23
C SER C 391 38.44 -39.05 3.27
N GLN C 392 37.18 -39.03 2.83
CA GLN C 392 36.43 -37.77 2.73
C GLN C 392 35.03 -37.83 3.35
N GLN C 393 34.54 -39.04 3.64
CA GLN C 393 33.14 -39.20 4.09
C GLN C 393 32.87 -40.38 5.02
N ALA C 394 32.03 -40.14 6.02
CA ALA C 394 31.65 -41.15 7.00
C ALA C 394 30.75 -42.21 6.38
N LEU C 395 31.15 -43.47 6.50
CA LEU C 395 30.34 -44.60 6.04
C LEU C 395 29.19 -44.78 7.02
N THR C 396 27.95 -44.69 6.55
CA THR C 396 26.79 -44.65 7.46
C THR C 396 26.06 -46.00 7.63
N GLU C 397 26.07 -46.80 6.57
CA GLU C 397 25.20 -47.98 6.48
C GLU C 397 25.58 -49.09 7.45
N LYS C 398 24.56 -49.78 7.91
CA LYS C 398 24.68 -50.86 8.87
C LYS C 398 25.22 -52.11 8.16
N GLY C 399 26.36 -52.61 8.64
CA GLY C 399 27.04 -53.74 7.98
C GLY C 399 27.69 -54.78 8.90
N VAL C 400 28.97 -55.02 8.66
CA VAL C 400 29.75 -56.04 9.37
C VAL C 400 30.90 -55.38 10.17
N LEU C 401 31.13 -55.86 11.39
CA LEU C 401 32.09 -55.24 12.30
C LEU C 401 33.53 -55.74 12.15
N PHE C 402 34.47 -54.87 12.55
CA PHE C 402 35.89 -55.18 12.67
C PHE C 402 36.55 -54.15 13.59
N ASN C 403 37.78 -54.41 14.01
CA ASN C 403 38.49 -53.51 14.93
C ASN C 403 37.65 -53.16 16.16
N SER C 404 36.97 -54.17 16.68
CA SER C 404 36.01 -53.98 17.75
C SER C 404 36.02 -55.20 18.67
N GLY C 405 37.21 -55.77 18.87
CA GLY C 405 37.38 -56.92 19.76
C GLY C 405 36.27 -57.97 19.72
N GLU C 406 35.67 -58.23 20.88
CA GLU C 406 34.71 -59.33 21.06
C GLU C 406 33.45 -59.24 20.18
N PHE C 407 33.51 -58.36 19.18
CA PHE C 407 32.36 -58.12 18.31
C PHE C 407 32.71 -58.32 16.83
N ASN C 408 33.98 -58.55 16.56
CA ASN C 408 34.44 -58.73 15.19
C ASN C 408 33.78 -59.90 14.47
N GLY C 409 33.41 -59.67 13.20
CA GLY C 409 32.80 -60.70 12.37
C GLY C 409 31.30 -60.58 12.23
N LEU C 410 30.66 -60.01 13.26
CA LEU C 410 29.18 -59.96 13.36
C LEU C 410 28.50 -59.09 12.31
N ASP C 411 27.26 -59.47 11.97
CA ASP C 411 26.40 -58.63 11.14
C ASP C 411 25.76 -57.56 12.02
N HIS C 412 25.22 -56.52 11.39
CA HIS C 412 24.64 -55.40 12.11
C HIS C 412 23.69 -55.82 13.23
N GLU C 413 22.56 -56.44 12.88
CA GLU C 413 21.52 -56.73 13.86
C GLU C 413 22.04 -57.54 15.05
N ALA C 414 22.98 -58.45 14.77
CA ALA C 414 23.58 -59.29 15.81
C ALA C 414 24.54 -58.50 16.69
N ALA C 415 25.22 -57.52 16.10
CA ALA C 415 26.15 -56.65 16.83
C ALA C 415 25.37 -55.65 17.67
N PHE C 416 24.50 -54.89 17.01
CA PHE C 416 23.54 -54.00 17.66
C PHE C 416 22.98 -54.61 18.95
N ASN C 417 22.61 -55.88 18.90
CA ASN C 417 22.12 -56.60 20.09
C ASN C 417 23.24 -57.02 21.03
N ALA C 418 24.33 -57.53 20.46
CA ALA C 418 25.46 -58.03 21.24
C ALA C 418 26.08 -56.95 22.12
N ILE C 419 26.48 -55.84 21.50
CA ILE C 419 27.15 -54.74 22.22
C ILE C 419 26.21 -54.08 23.22
N ALA C 420 24.94 -53.98 22.85
CA ALA C 420 23.90 -53.57 23.78
C ALA C 420 23.95 -54.46 25.01
N ASP C 421 23.82 -55.77 24.78
CA ASP C 421 23.87 -56.78 25.85
C ASP C 421 25.12 -56.64 26.73
N LYS C 422 26.29 -56.57 26.09
CA LYS C 422 27.55 -56.38 26.81
C LYS C 422 27.47 -55.17 27.74
N LEU C 423 26.98 -54.06 27.19
CA LEU C 423 26.78 -52.82 27.94
C LEU C 423 25.72 -52.96 29.04
N THR C 424 24.76 -53.85 28.83
CA THR C 424 23.72 -54.12 29.82
C THR C 424 24.27 -54.96 30.97
N ALA C 425 25.09 -55.95 30.65
CA ALA C 425 25.72 -56.83 31.64
C ALA C 425 26.73 -56.07 32.48
N MET C 426 27.39 -55.09 31.85
CA MET C 426 28.30 -54.19 32.54
C MET C 426 27.54 -53.14 33.35
N GLY C 427 26.27 -52.94 32.98
CA GLY C 427 25.42 -51.96 33.67
C GLY C 427 25.43 -50.58 33.05
N VAL C 428 26.59 -50.15 32.57
CA VAL C 428 26.79 -48.78 32.03
C VAL C 428 25.91 -48.44 30.83
N GLY C 429 25.39 -49.46 30.16
CA GLY C 429 24.45 -49.30 29.06
C GLY C 429 23.13 -49.95 29.38
N GLU C 430 22.15 -49.75 28.50
CA GLU C 430 20.83 -50.41 28.56
C GLU C 430 19.98 -49.96 27.38
N ARG C 431 18.89 -50.69 27.14
CA ARG C 431 18.01 -50.42 26.01
C ARG C 431 16.96 -49.36 26.35
N LYS C 432 16.92 -48.28 25.55
CA LYS C 432 15.95 -47.20 25.71
C LYS C 432 15.46 -46.74 24.36
N VAL C 433 14.15 -46.84 24.14
CA VAL C 433 13.50 -46.34 22.93
C VAL C 433 13.38 -44.82 22.98
N ASN C 434 13.50 -44.19 21.81
CA ASN C 434 13.37 -42.75 21.66
C ASN C 434 12.71 -42.41 20.34
N TYR C 435 12.13 -41.20 20.29
CA TYR C 435 11.49 -40.71 19.10
C TYR C 435 12.23 -39.49 18.57
N ARG C 436 11.96 -39.14 17.32
CA ARG C 436 12.39 -37.85 16.79
C ARG C 436 11.52 -36.80 17.46
N LEU C 437 10.28 -37.20 17.75
CA LEU C 437 9.24 -36.36 18.30
C LEU C 437 9.58 -35.76 19.66
N ARG C 438 9.36 -34.46 19.77
CA ARG C 438 9.47 -33.74 21.03
C ARG C 438 8.10 -33.25 21.46
N ASP C 439 7.93 -33.09 22.77
CA ASP C 439 6.71 -32.53 23.34
C ASP C 439 6.38 -31.14 22.80
N TRP C 440 5.09 -30.89 22.63
CA TRP C 440 4.56 -29.70 21.95
C TRP C 440 4.74 -28.41 22.77
N GLY C 441 5.51 -27.49 22.20
CA GLY C 441 5.80 -26.19 22.84
C GLY C 441 4.68 -25.20 22.59
N VAL C 442 3.80 -25.05 23.57
CA VAL C 442 2.61 -24.24 23.36
C VAL C 442 2.75 -22.75 23.71
N SER C 443 3.57 -22.41 24.69
CA SER C 443 3.83 -21.02 25.05
C SER C 443 4.29 -20.12 23.89
N ARG C 444 3.42 -19.20 23.48
CA ARG C 444 3.81 -18.15 22.54
C ARG C 444 4.01 -16.85 23.29
N GLN C 445 5.00 -16.10 22.82
CA GLN C 445 5.46 -14.89 23.47
C GLN C 445 4.66 -13.68 23.00
N ARG C 446 3.70 -13.93 22.11
CA ARG C 446 2.88 -12.90 21.52
C ARG C 446 1.60 -12.65 22.32
N TYR C 447 0.78 -11.72 21.85
CA TYR C 447 -0.44 -11.30 22.52
C TYR C 447 -1.70 -11.94 21.92
N TRP C 448 -1.79 -11.96 20.60
CA TRP C 448 -3.02 -12.36 19.91
C TRP C 448 -3.14 -13.89 19.86
N GLY C 449 -3.29 -14.45 21.06
CA GLY C 449 -3.53 -15.88 21.25
C GLY C 449 -4.36 -16.10 22.50
N ALA C 450 -4.82 -17.34 22.70
CA ALA C 450 -5.57 -17.68 23.89
C ALA C 450 -4.65 -17.73 25.09
N PRO C 451 -4.92 -16.93 26.12
CA PRO C 451 -4.02 -16.95 27.27
C PRO C 451 -3.95 -18.32 27.95
N ILE C 452 -2.74 -18.78 28.22
CA ILE C 452 -2.48 -19.99 29.00
C ILE C 452 -3.01 -19.84 30.43
N PRO C 453 -3.95 -20.72 30.83
CA PRO C 453 -4.66 -20.62 32.11
C PRO C 453 -3.82 -21.01 33.31
N MET C 454 -2.62 -20.44 33.40
CA MET C 454 -1.70 -20.75 34.50
C MET C 454 -1.36 -19.55 35.36
N VAL C 455 -1.40 -19.76 36.67
CA VAL C 455 -1.15 -18.71 37.64
C VAL C 455 0.12 -18.97 38.43
N THR C 456 0.96 -17.93 38.54
CA THR C 456 2.05 -17.89 39.51
C THR C 456 1.54 -17.26 40.82
N LEU C 457 1.64 -17.99 41.93
CA LEU C 457 1.21 -17.51 43.25
C LEU C 457 2.24 -16.57 43.90
N GLU C 458 1.83 -15.92 45.00
CA GLU C 458 2.78 -15.15 45.80
C GLU C 458 3.62 -16.12 46.64
N ASP C 459 3.20 -17.39 46.60
CA ASP C 459 3.96 -18.52 47.12
C ASP C 459 5.28 -18.70 46.39
N GLY C 460 5.35 -18.19 45.16
CA GLY C 460 6.40 -18.54 44.23
C GLY C 460 6.10 -19.91 43.62
N THR C 461 4.90 -20.43 43.93
CA THR C 461 4.44 -21.74 43.44
C THR C 461 3.46 -21.55 42.30
N VAL C 462 3.23 -22.61 41.52
CA VAL C 462 2.43 -22.53 40.30
C VAL C 462 1.26 -23.52 40.28
N MET C 463 0.06 -23.02 39.94
CA MET C 463 -1.11 -23.87 39.70
C MET C 463 -2.05 -23.31 38.63
N PRO C 464 -3.06 -24.09 38.20
CA PRO C 464 -3.94 -23.70 37.09
C PRO C 464 -5.04 -22.76 37.53
N THR C 465 -5.26 -21.69 36.78
CA THR C 465 -6.31 -20.71 37.11
C THR C 465 -7.60 -21.42 37.53
N PRO C 466 -8.13 -21.07 38.73
CA PRO C 466 -9.34 -21.73 39.23
C PRO C 466 -10.45 -21.76 38.17
N ASP C 467 -11.17 -22.87 38.12
CA ASP C 467 -12.29 -23.01 37.18
C ASP C 467 -13.29 -21.86 37.37
N ASP C 468 -13.31 -21.28 38.57
CA ASP C 468 -14.12 -20.12 38.88
C ASP C 468 -13.58 -18.83 38.25
N GLN C 469 -12.44 -18.96 37.56
CA GLN C 469 -11.78 -17.84 36.88
C GLN C 469 -11.44 -18.19 35.43
N LEU C 470 -12.20 -19.13 34.88
CA LEU C 470 -12.15 -19.40 33.45
C LEU C 470 -13.36 -18.74 32.80
N PRO C 471 -13.25 -18.36 31.51
CA PRO C 471 -12.01 -18.25 30.76
C PRO C 471 -11.21 -17.09 31.25
N VAL C 472 -9.90 -17.19 31.09
CA VAL C 472 -9.07 -16.01 31.17
C VAL C 472 -9.40 -15.28 29.89
N ILE C 473 -9.84 -14.04 30.04
CA ILE C 473 -10.28 -13.25 28.91
C ILE C 473 -9.12 -12.46 28.33
N LEU C 474 -8.88 -12.62 27.03
CA LEU C 474 -7.88 -11.82 26.34
C LEU C 474 -8.49 -10.48 25.95
N PRO C 475 -7.93 -9.37 26.47
CA PRO C 475 -8.63 -8.11 26.33
C PRO C 475 -8.43 -7.50 24.95
N GLU C 476 -9.53 -7.27 24.25
CA GLU C 476 -9.45 -6.69 22.93
C GLU C 476 -9.05 -5.20 22.95
N ASP C 477 -9.59 -4.43 23.90
CA ASP C 477 -9.24 -3.02 24.02
C ASP C 477 -7.91 -2.79 24.70
N VAL C 478 -6.84 -2.83 23.91
CA VAL C 478 -5.47 -2.46 24.34
C VAL C 478 -4.66 -1.92 23.16
N VAL C 479 -4.02 -0.78 23.36
CA VAL C 479 -3.17 -0.17 22.32
C VAL C 479 -1.88 -0.97 22.22
N MET C 480 -1.38 -1.09 20.99
CA MET C 480 -0.27 -1.97 20.67
C MET C 480 1.01 -1.22 20.38
N ASP C 481 2.06 -1.53 21.13
CA ASP C 481 3.42 -1.12 20.78
C ASP C 481 4.17 -2.33 20.22
N GLY C 482 4.98 -2.09 19.19
CA GLY C 482 5.73 -3.15 18.53
C GLY C 482 6.71 -3.89 19.43
N ILE C 483 6.86 -3.44 20.68
CA ILE C 483 7.72 -4.13 21.66
C ILE C 483 6.92 -5.23 22.36
N THR C 484 6.79 -5.13 23.68
CA THR C 484 6.13 -6.17 24.48
C THR C 484 4.60 -6.15 24.37
N SER C 485 4.05 -7.31 24.00
CA SER C 485 2.60 -7.56 23.97
C SER C 485 1.79 -6.83 25.05
N PRO C 486 0.70 -6.16 24.64
CA PRO C 486 -0.16 -5.37 25.53
C PRO C 486 -0.31 -5.88 26.96
N ILE C 487 -0.39 -7.20 27.13
CA ILE C 487 -0.65 -7.79 28.46
C ILE C 487 0.62 -8.11 29.26
N LYS C 488 1.77 -8.05 28.58
CA LYS C 488 3.06 -8.05 29.26
C LYS C 488 3.46 -6.61 29.58
N ALA C 489 3.06 -5.68 28.70
CA ALA C 489 3.28 -4.24 28.88
C ALA C 489 2.68 -3.79 30.20
N ASP C 490 1.37 -3.92 30.32
CA ASP C 490 0.68 -3.53 31.55
C ASP C 490 0.79 -4.60 32.61
N PRO C 491 1.70 -4.41 33.58
CA PRO C 491 1.86 -5.41 34.62
C PRO C 491 0.79 -5.27 35.69
N GLU C 492 -0.46 -5.12 35.28
CA GLU C 492 -1.61 -5.06 36.19
C GLU C 492 -2.78 -5.85 35.61
N TRP C 493 -2.61 -6.30 34.37
CA TRP C 493 -3.51 -7.29 33.79
C TRP C 493 -3.23 -8.65 34.42
N ALA C 494 -1.98 -8.90 34.79
CA ALA C 494 -1.55 -10.14 35.43
C ALA C 494 -2.11 -10.32 36.85
N LYS C 495 -2.36 -9.22 37.55
CA LYS C 495 -2.85 -9.24 38.93
C LYS C 495 -4.17 -10.00 39.06
N THR C 496 -4.22 -10.93 40.02
CA THR C 496 -5.44 -11.70 40.31
C THR C 496 -5.26 -12.48 41.61
N THR C 497 -6.34 -12.62 42.37
CA THR C 497 -6.25 -13.21 43.72
C THR C 497 -6.65 -14.69 43.76
N VAL C 498 -5.68 -15.57 44.08
CA VAL C 498 -5.86 -17.03 44.00
C VAL C 498 -5.53 -17.80 45.29
N ASN C 499 -6.24 -18.91 45.54
CA ASN C 499 -5.94 -19.83 46.65
C ASN C 499 -6.07 -19.14 48.01
N GLY C 500 -6.13 -17.81 47.96
CA GLY C 500 -6.31 -16.95 49.12
C GLY C 500 -5.65 -15.59 48.95
N MET C 501 -4.60 -15.56 48.14
CA MET C 501 -3.64 -14.46 48.12
C MET C 501 -3.37 -13.92 46.72
N PRO C 502 -2.66 -12.78 46.63
CA PRO C 502 -2.13 -12.21 45.38
C PRO C 502 -1.48 -13.25 44.46
N ALA C 503 -1.66 -13.08 43.15
CA ALA C 503 -1.12 -14.01 42.17
C ALA C 503 -1.09 -13.40 40.78
N LEU C 504 -0.04 -13.73 40.02
CA LEU C 504 0.11 -13.26 38.63
C LEU C 504 -0.38 -14.28 37.60
N ARG C 505 -1.11 -13.79 36.60
CA ARG C 505 -1.50 -14.60 35.45
C ARG C 505 -0.30 -14.84 34.53
N GLU C 506 -0.45 -15.83 33.65
CA GLU C 506 0.48 -15.99 32.53
C GLU C 506 0.25 -14.92 31.46
N THR C 507 1.33 -14.31 31.01
CA THR C 507 1.28 -13.27 29.98
C THR C 507 1.54 -13.84 28.57
N ASP C 508 1.98 -15.10 28.52
CA ASP C 508 2.16 -15.85 27.29
C ASP C 508 0.81 -16.40 26.80
N THR C 509 0.71 -16.66 25.51
CA THR C 509 -0.54 -17.19 24.96
C THR C 509 -0.33 -18.42 24.07
N PHE C 510 -1.38 -19.24 23.95
CA PHE C 510 -1.31 -20.51 23.26
C PHE C 510 -0.94 -20.34 21.80
N ASP C 511 -0.20 -21.33 21.31
CA ASP C 511 0.11 -21.48 19.91
C ASP C 511 -1.18 -21.86 19.19
N THR C 512 -1.58 -21.00 18.24
CA THR C 512 -2.81 -21.15 17.47
C THR C 512 -3.21 -22.58 17.07
N PHE C 513 -2.24 -23.46 16.85
CA PHE C 513 -2.51 -24.87 16.53
C PHE C 513 -3.42 -25.48 17.59
N MET C 514 -3.34 -24.93 18.80
CA MET C 514 -4.16 -25.35 19.90
C MET C 514 -5.63 -25.34 19.50
N GLU C 515 -6.05 -24.25 18.90
CA GLU C 515 -7.45 -24.11 18.52
C GLU C 515 -7.76 -25.00 17.34
N SER C 516 -6.80 -25.16 16.45
CA SER C 516 -6.99 -25.94 15.24
C SER C 516 -6.95 -27.45 15.51
N SER C 517 -6.50 -27.81 16.70
CA SER C 517 -6.50 -29.21 17.10
C SER C 517 -7.90 -29.78 17.29
N TRP C 518 -8.78 -29.05 17.99
CA TRP C 518 -10.08 -29.61 18.39
C TRP C 518 -11.35 -28.96 17.85
N TYR C 519 -11.23 -28.00 16.95
CA TYR C 519 -12.40 -27.31 16.37
C TYR C 519 -13.36 -28.31 15.74
N TYR C 520 -12.80 -29.35 15.13
CA TYR C 520 -13.54 -30.42 14.46
C TYR C 520 -14.52 -31.10 15.40
N ALA C 521 -14.35 -30.88 16.69
CA ALA C 521 -15.27 -31.40 17.68
C ALA C 521 -16.30 -30.34 18.01
N ARG C 522 -15.84 -29.13 18.33
CA ARG C 522 -16.69 -28.01 18.76
C ARG C 522 -17.76 -27.64 17.72
N TYR C 523 -17.45 -27.85 16.45
CA TYR C 523 -18.44 -27.70 15.39
C TYR C 523 -19.76 -28.43 15.67
N THR C 524 -19.70 -29.54 16.41
CA THR C 524 -20.91 -30.36 16.64
C THR C 524 -21.82 -29.75 17.69
N CYS C 525 -21.28 -28.80 18.45
CA CYS C 525 -21.98 -28.18 19.57
C CYS C 525 -21.44 -26.77 19.83
N PRO C 526 -21.48 -25.90 18.80
CA PRO C 526 -20.96 -24.53 18.87
C PRO C 526 -21.56 -23.71 20.01
N GLN C 527 -22.84 -23.92 20.30
CA GLN C 527 -23.49 -23.18 21.36
C GLN C 527 -23.75 -24.04 22.59
N TYR C 528 -22.92 -25.06 22.82
CA TYR C 528 -23.00 -25.82 24.05
C TYR C 528 -22.23 -25.08 25.10
N LYS C 529 -22.94 -24.60 26.11
CA LYS C 529 -22.34 -23.73 27.10
C LYS C 529 -21.95 -24.51 28.36
N GLU C 530 -22.54 -25.69 28.55
CA GLU C 530 -22.33 -26.45 29.80
C GLU C 530 -21.33 -27.60 29.65
N GLY C 531 -20.05 -27.26 29.48
CA GLY C 531 -18.99 -28.23 29.25
C GLY C 531 -18.34 -28.05 27.88
N MET C 532 -17.07 -28.45 27.76
CA MET C 532 -16.28 -28.32 26.52
C MET C 532 -17.03 -28.82 25.28
N LEU C 533 -17.50 -30.06 25.33
CA LEU C 533 -18.38 -30.59 24.28
C LEU C 533 -19.47 -31.54 24.75
N ASP C 534 -20.62 -31.46 24.08
CA ASP C 534 -21.72 -32.38 24.27
C ASP C 534 -21.38 -33.66 23.55
N SER C 535 -21.38 -34.76 24.30
CA SER C 535 -20.93 -36.05 23.78
C SER C 535 -22.02 -36.77 22.99
N GLU C 536 -23.25 -36.74 23.51
CA GLU C 536 -24.43 -37.16 22.76
C GLU C 536 -24.25 -36.67 21.32
N ALA C 537 -24.01 -35.36 21.19
CA ALA C 537 -23.80 -34.72 19.89
C ALA C 537 -22.48 -35.13 19.23
N ALA C 538 -21.37 -34.93 19.93
CA ALA C 538 -20.04 -35.19 19.36
C ALA C 538 -19.91 -36.58 18.77
N ASN C 539 -20.26 -37.58 19.59
CA ASN C 539 -20.13 -38.99 19.22
C ASN C 539 -21.04 -39.37 18.04
N TYR C 540 -22.10 -38.60 17.83
CA TYR C 540 -22.97 -38.82 16.68
C TYR C 540 -22.23 -38.52 15.38
N TRP C 541 -21.54 -37.38 15.33
CA TRP C 541 -20.92 -36.89 14.09
C TRP C 541 -19.56 -37.48 13.86
N LEU C 542 -18.79 -37.53 14.92
CA LEU C 542 -17.49 -38.14 14.90
C LEU C 542 -17.66 -39.68 14.91
N PRO C 543 -16.79 -40.39 14.17
CA PRO C 543 -15.56 -39.89 13.55
C PRO C 543 -15.80 -39.08 12.29
N VAL C 544 -15.00 -38.03 12.10
CA VAL C 544 -14.99 -37.26 10.85
C VAL C 544 -14.88 -38.27 9.73
N ASP C 545 -15.82 -38.23 8.80
CA ASP C 545 -15.77 -39.14 7.69
C ASP C 545 -14.68 -38.77 6.71
N ILE C 546 -14.68 -37.52 6.24
CA ILE C 546 -13.61 -37.04 5.33
C ILE C 546 -13.02 -35.70 5.74
N TYR C 547 -11.70 -35.61 5.63
CA TYR C 547 -10.97 -34.39 5.90
C TYR C 547 -10.32 -33.82 4.64
N ILE C 548 -10.60 -32.56 4.33
CA ILE C 548 -10.04 -31.89 3.16
C ILE C 548 -9.24 -30.68 3.57
N GLY C 549 -7.97 -30.70 3.23
CA GLY C 549 -7.10 -29.64 3.64
C GLY C 549 -5.74 -29.89 3.07
N GLY C 550 -5.28 -28.90 2.31
CA GLY C 550 -3.97 -28.96 1.66
C GLY C 550 -2.87 -29.75 2.34
N ILE C 551 -2.03 -30.36 1.48
CA ILE C 551 -0.86 -31.16 1.86
C ILE C 551 0.09 -30.46 2.82
N GLU C 552 0.09 -29.13 2.81
CA GLU C 552 0.93 -28.33 3.70
C GLU C 552 0.83 -28.81 5.15
N HIS C 553 -0.37 -29.25 5.54
CA HIS C 553 -0.66 -29.67 6.90
C HIS C 553 -0.45 -31.16 7.13
N ALA C 554 0.22 -31.82 6.19
CA ALA C 554 0.37 -33.28 6.26
C ALA C 554 1.01 -33.75 7.57
N ILE C 555 1.83 -32.89 8.16
CA ILE C 555 2.51 -33.25 9.38
C ILE C 555 1.86 -32.55 10.58
N MET C 556 2.39 -31.37 10.93
CA MET C 556 2.14 -30.71 12.21
C MET C 556 0.68 -30.63 12.66
N HIS C 557 -0.20 -30.20 11.77
CA HIS C 557 -1.60 -30.03 12.14
C HIS C 557 -2.26 -31.37 12.43
N LEU C 558 -2.35 -32.23 11.42
CA LEU C 558 -3.02 -33.51 11.55
C LEU C 558 -2.54 -34.29 12.78
N LEU C 559 -1.23 -34.22 13.03
CA LEU C 559 -0.60 -34.90 14.17
C LEU C 559 -0.95 -34.28 15.52
N TYR C 560 -1.18 -32.96 15.54
CA TYR C 560 -1.72 -32.27 16.72
C TYR C 560 -3.22 -32.54 16.80
N PHE C 561 -3.84 -32.63 15.63
CA PHE C 561 -5.26 -32.89 15.50
C PHE C 561 -5.64 -34.30 15.96
N ARG C 562 -4.79 -35.27 15.63
CA ARG C 562 -4.94 -36.65 16.09
C ARG C 562 -4.68 -36.72 17.58
N PHE C 563 -3.54 -36.19 18.00
CA PHE C 563 -3.14 -36.24 19.40
C PHE C 563 -4.17 -35.56 20.31
N PHE C 564 -4.99 -34.68 19.74
CA PHE C 564 -6.00 -34.01 20.53
C PHE C 564 -7.23 -34.88 20.64
N HIS C 565 -7.59 -35.55 19.55
CA HIS C 565 -8.70 -36.49 19.61
C HIS C 565 -8.52 -37.42 20.78
N LYS C 566 -7.40 -38.15 20.75
CA LYS C 566 -7.16 -39.24 21.68
C LYS C 566 -7.30 -38.72 23.10
N LEU C 567 -6.74 -37.54 23.36
CA LEU C 567 -6.87 -36.91 24.67
C LEU C 567 -8.32 -36.72 25.10
N MET C 568 -9.23 -36.50 24.15
CA MET C 568 -10.64 -36.31 24.50
C MET C 568 -11.30 -37.67 24.69
N ARG C 569 -11.04 -38.58 23.76
CA ARG C 569 -11.46 -39.97 23.89
C ARG C 569 -11.03 -40.51 25.24
N ASP C 570 -9.74 -40.36 25.53
CA ASP C 570 -9.15 -40.85 26.78
C ASP C 570 -9.82 -40.23 28.00
N ALA C 571 -10.20 -38.96 27.89
CA ALA C 571 -10.92 -38.29 28.97
C ALA C 571 -12.45 -38.48 28.83
N GLY C 572 -12.85 -39.47 28.03
CA GLY C 572 -14.25 -39.87 27.90
C GLY C 572 -15.14 -38.89 27.17
N MET C 573 -14.56 -38.07 26.31
CA MET C 573 -15.34 -37.11 25.56
C MET C 573 -15.82 -37.68 24.22
N VAL C 574 -14.98 -38.51 23.59
CA VAL C 574 -15.32 -39.11 22.29
C VAL C 574 -15.05 -40.62 22.24
N ASN C 575 -15.56 -41.29 21.20
CA ASN C 575 -15.54 -42.77 21.14
C ASN C 575 -14.42 -43.41 20.34
N SER C 576 -14.25 -42.99 19.10
CA SER C 576 -13.29 -43.62 18.20
C SER C 576 -11.86 -43.43 18.66
N ASP C 577 -10.98 -44.27 18.11
CA ASP C 577 -9.55 -44.12 18.30
C ASP C 577 -9.06 -42.96 17.45
N GLU C 578 -9.67 -42.80 16.27
CA GLU C 578 -9.20 -41.88 15.24
C GLU C 578 -10.26 -40.83 14.85
N PRO C 579 -9.85 -39.55 14.77
CA PRO C 579 -10.74 -38.44 14.46
C PRO C 579 -11.34 -38.49 13.06
N ALA C 580 -10.52 -38.72 12.05
CA ALA C 580 -11.01 -38.70 10.68
C ALA C 580 -10.70 -40.00 9.96
N LYS C 581 -11.75 -40.56 9.35
CA LYS C 581 -11.68 -41.83 8.60
C LYS C 581 -10.87 -41.67 7.34
N GLN C 582 -11.27 -40.73 6.50
CA GLN C 582 -10.59 -40.48 5.24
C GLN C 582 -10.00 -39.07 5.18
N LEU C 583 -8.85 -38.94 4.52
CA LEU C 583 -8.19 -37.65 4.36
C LEU C 583 -7.84 -37.39 2.91
N LEU C 584 -8.33 -36.28 2.37
CA LEU C 584 -7.94 -35.87 1.02
C LEU C 584 -7.16 -34.56 1.03
N CYS C 585 -5.89 -34.64 1.45
CA CYS C 585 -4.93 -33.55 1.32
C CYS C 585 -4.91 -33.09 -0.13
N GLN C 586 -5.18 -31.80 -0.34
CA GLN C 586 -5.18 -31.28 -1.69
C GLN C 586 -3.78 -30.75 -2.07
N GLY C 587 -3.52 -30.68 -3.37
CA GLY C 587 -2.25 -30.17 -3.83
C GLY C 587 -2.25 -28.67 -3.75
N MET C 588 -1.15 -28.10 -3.25
CA MET C 588 -1.05 -26.65 -3.09
C MET C 588 -1.41 -25.94 -4.38
N VAL C 589 -1.97 -24.75 -4.25
CA VAL C 589 -2.06 -23.85 -5.38
C VAL C 589 -0.85 -22.92 -5.26
N LEU C 590 -0.11 -22.82 -6.35
CA LEU C 590 1.12 -22.05 -6.38
C LEU C 590 0.99 -20.80 -7.24
N ALA C 591 1.61 -19.73 -6.77
CA ALA C 591 1.65 -18.49 -7.53
C ALA C 591 3.03 -17.87 -7.48
N ASP C 592 3.44 -17.33 -8.62
CA ASP C 592 4.66 -16.54 -8.73
C ASP C 592 4.69 -15.50 -7.62
N ALA C 593 5.71 -15.60 -6.77
CA ALA C 593 5.95 -14.57 -5.76
C ALA C 593 7.07 -13.56 -6.14
N PHE C 594 6.69 -12.28 -6.13
CA PHE C 594 7.58 -11.15 -6.29
C PHE C 594 7.63 -10.29 -5.03
N TYR C 595 8.58 -9.35 -5.01
CA TYR C 595 8.76 -8.33 -3.97
C TYR C 595 9.84 -7.35 -4.41
N TYR C 596 9.86 -6.14 -3.81
CA TYR C 596 10.95 -5.17 -4.00
C TYR C 596 11.47 -4.57 -2.69
N VAL C 597 12.80 -4.40 -2.59
CA VAL C 597 13.43 -3.72 -1.43
C VAL C 597 12.72 -2.39 -1.14
N GLY C 598 12.34 -2.18 0.10
CA GLY C 598 11.61 -0.96 0.48
C GLY C 598 12.47 0.26 0.79
N GLU C 599 11.79 1.38 1.06
CA GLU C 599 12.40 2.64 1.53
C GLU C 599 13.57 2.37 2.49
N ASN C 600 13.30 1.52 3.48
CA ASN C 600 14.23 1.17 4.55
C ASN C 600 14.54 -0.33 4.57
N GLY C 601 14.79 -0.91 3.39
CA GLY C 601 15.12 -2.32 3.26
C GLY C 601 14.07 -3.28 3.80
N GLU C 602 12.79 -2.89 3.70
CA GLU C 602 11.67 -3.74 4.12
C GLU C 602 10.95 -4.39 2.94
N ARG C 603 10.85 -5.73 2.96
CA ARG C 603 10.24 -6.49 1.86
C ARG C 603 8.77 -6.20 1.64
N ASN C 604 8.47 -5.61 0.48
CA ASN C 604 7.11 -5.45 0.00
C ASN C 604 6.81 -6.48 -1.07
N TRP C 605 5.71 -7.21 -0.90
CA TRP C 605 5.38 -8.30 -1.80
C TRP C 605 4.29 -7.88 -2.79
N VAL C 606 4.65 -7.83 -4.06
CA VAL C 606 3.70 -7.37 -5.09
C VAL C 606 2.94 -8.53 -5.72
N SER C 607 1.61 -8.45 -5.68
CA SER C 607 0.76 -9.50 -6.24
C SER C 607 1.07 -9.76 -7.70
N PRO C 608 1.25 -11.05 -8.07
CA PRO C 608 1.48 -11.53 -9.43
C PRO C 608 0.60 -10.90 -10.49
N VAL C 609 -0.61 -10.46 -10.11
CA VAL C 609 -1.47 -9.67 -10.98
C VAL C 609 -0.67 -8.45 -11.42
N ASP C 610 -0.29 -7.65 -10.43
CA ASP C 610 0.40 -6.36 -10.59
C ASP C 610 1.84 -6.40 -11.11
N ALA C 611 2.51 -7.54 -10.94
CA ALA C 611 3.83 -7.74 -11.54
C ALA C 611 3.74 -7.75 -13.04
N ILE C 612 4.68 -7.07 -13.69
CA ILE C 612 4.83 -7.15 -15.14
C ILE C 612 6.19 -7.77 -15.42
N VAL C 613 6.14 -8.98 -15.97
CA VAL C 613 7.33 -9.83 -16.10
C VAL C 613 7.94 -9.77 -17.49
N GLU C 614 9.16 -10.32 -17.58
CA GLU C 614 9.82 -10.62 -18.85
C GLU C 614 10.33 -12.07 -18.78
N ARG C 615 9.83 -12.90 -19.68
CA ARG C 615 10.13 -14.33 -19.62
C ARG C 615 11.12 -14.77 -20.67
N ASP C 616 11.82 -15.85 -20.35
CA ASP C 616 12.96 -16.33 -21.13
C ASP C 616 12.55 -17.06 -22.40
N GLU C 617 13.54 -17.24 -23.28
CA GLU C 617 13.43 -18.10 -24.45
C GLU C 617 13.06 -19.54 -24.05
N LYS C 618 13.36 -19.90 -22.80
CA LYS C 618 12.91 -21.16 -22.20
C LYS C 618 11.84 -20.96 -21.10
N GLY C 619 11.09 -19.86 -21.21
CA GLY C 619 9.95 -19.56 -20.33
C GLY C 619 10.25 -18.88 -18.99
N ARG C 620 11.51 -18.94 -18.57
CA ARG C 620 11.91 -18.59 -17.20
C ARG C 620 12.12 -17.09 -16.98
N ILE C 621 11.39 -16.54 -16.01
CA ILE C 621 11.38 -15.07 -15.73
C ILE C 621 12.78 -14.47 -15.61
N VAL C 622 13.02 -13.39 -16.36
CA VAL C 622 14.33 -12.75 -16.42
C VAL C 622 14.32 -11.42 -15.65
N LYS C 623 13.24 -10.66 -15.84
CA LYS C 623 13.05 -9.45 -15.05
C LYS C 623 11.58 -9.11 -14.86
N ALA C 624 11.30 -8.51 -13.70
CA ALA C 624 9.95 -8.06 -13.36
C ALA C 624 9.92 -6.60 -12.90
N LYS C 625 8.87 -5.91 -13.28
CA LYS C 625 8.61 -4.57 -12.82
C LYS C 625 7.19 -4.52 -12.25
N ASP C 626 6.93 -3.57 -11.35
CA ASP C 626 5.56 -3.31 -10.94
C ASP C 626 5.03 -2.06 -11.67
N ALA C 627 3.84 -1.61 -11.30
CA ALA C 627 3.17 -0.45 -11.93
C ALA C 627 4.06 0.80 -11.98
N ALA C 628 4.48 1.25 -10.79
CA ALA C 628 5.31 2.44 -10.58
C ALA C 628 6.66 2.37 -11.29
N GLY C 629 7.28 1.19 -11.19
CA GLY C 629 8.54 0.90 -11.90
C GLY C 629 9.58 0.29 -11.00
N HIS C 630 9.15 -0.32 -9.89
CA HIS C 630 10.06 -1.03 -9.02
C HIS C 630 10.58 -2.24 -9.77
N GLU C 631 11.89 -2.35 -9.92
CA GLU C 631 12.43 -3.63 -10.30
C GLU C 631 11.98 -4.53 -9.17
N LEU C 632 11.36 -5.66 -9.50
CA LEU C 632 11.04 -6.70 -8.53
C LEU C 632 12.08 -7.82 -8.54
N VAL C 633 12.16 -8.49 -7.39
CA VAL C 633 12.90 -9.75 -7.23
C VAL C 633 11.87 -10.87 -7.31
N TYR C 634 12.17 -11.91 -8.10
CA TYR C 634 11.25 -13.02 -8.30
C TYR C 634 11.69 -14.24 -7.48
N THR C 635 10.96 -14.53 -6.41
CA THR C 635 11.33 -15.64 -5.51
C THR C 635 10.96 -17.02 -6.06
N GLY C 636 10.19 -17.03 -7.15
CA GLY C 636 9.67 -18.27 -7.72
C GLY C 636 8.35 -18.70 -7.11
N MET C 637 7.62 -19.55 -7.84
CA MET C 637 6.35 -20.12 -7.35
C MET C 637 6.46 -20.54 -5.88
N SER C 638 5.36 -20.41 -5.16
CA SER C 638 5.20 -21.07 -3.86
C SER C 638 3.74 -20.94 -3.46
N LYS C 639 3.34 -21.60 -2.37
CA LYS C 639 1.93 -21.60 -1.95
C LYS C 639 1.36 -20.20 -1.84
N MET C 640 0.13 -20.02 -2.31
CA MET C 640 -0.57 -18.76 -2.18
C MET C 640 -0.78 -18.40 -0.70
N SER C 641 -0.30 -17.22 -0.32
CA SER C 641 -0.76 -16.57 0.92
C SER C 641 -0.77 -15.06 0.75
N LYS C 642 -1.16 -14.35 1.80
CA LYS C 642 -1.00 -12.91 1.80
C LYS C 642 0.38 -12.57 2.39
N SER C 643 1.08 -13.58 2.90
CA SER C 643 2.44 -13.40 3.44
C SER C 643 3.40 -12.99 2.35
N LYS C 644 3.22 -13.56 1.16
CA LYS C 644 4.02 -13.20 0.01
C LYS C 644 3.12 -12.55 -1.05
N ASN C 645 1.91 -12.20 -0.59
CA ASN C 645 0.93 -11.41 -1.34
C ASN C 645 0.67 -11.95 -2.74
N ASN C 646 0.76 -13.28 -2.87
CA ASN C 646 0.58 -13.94 -4.16
C ASN C 646 -0.83 -14.50 -4.36
N GLY C 647 -1.60 -14.54 -3.29
CA GLY C 647 -2.96 -14.98 -3.42
C GLY C 647 -3.68 -14.23 -4.52
N ILE C 648 -3.97 -14.91 -5.61
CA ILE C 648 -5.00 -14.40 -6.49
C ILE C 648 -6.34 -14.53 -5.78
N ASP C 649 -6.91 -13.37 -5.45
CA ASP C 649 -8.25 -13.32 -4.86
C ASP C 649 -9.29 -13.73 -5.93
N PRO C 650 -10.21 -14.62 -5.54
CA PRO C 650 -11.22 -15.12 -6.49
C PRO C 650 -12.20 -14.06 -7.02
N GLN C 651 -12.30 -12.91 -6.34
CA GLN C 651 -13.40 -11.98 -6.63
C GLN C 651 -13.51 -11.45 -8.05
N VAL C 652 -12.39 -11.14 -8.71
CA VAL C 652 -12.49 -10.65 -10.09
C VAL C 652 -13.15 -11.68 -11.03
N MET C 653 -12.81 -12.94 -10.83
CA MET C 653 -13.31 -14.01 -11.67
C MET C 653 -14.75 -14.28 -11.31
N VAL C 654 -15.04 -14.35 -10.01
CA VAL C 654 -16.41 -14.38 -9.53
C VAL C 654 -17.23 -13.28 -10.19
N GLU C 655 -16.71 -12.06 -10.15
CA GLU C 655 -17.36 -10.92 -10.78
C GLU C 655 -17.69 -11.22 -12.24
N ARG C 656 -16.69 -11.65 -13.00
CA ARG C 656 -16.80 -11.73 -14.45
C ARG C 656 -17.55 -12.95 -14.95
N TYR C 657 -17.66 -13.99 -14.12
CA TYR C 657 -18.22 -15.26 -14.60
C TYR C 657 -19.18 -15.92 -13.61
N GLY C 658 -19.20 -15.43 -12.37
CA GLY C 658 -19.92 -16.12 -11.30
C GLY C 658 -19.12 -17.28 -10.71
N ALA C 659 -19.69 -17.89 -9.67
CA ALA C 659 -19.01 -18.92 -8.89
C ALA C 659 -19.01 -20.27 -9.56
N ASP C 660 -20.13 -20.66 -10.16
CA ASP C 660 -20.22 -21.93 -10.85
C ASP C 660 -19.01 -22.12 -11.76
N THR C 661 -18.69 -21.11 -12.57
CA THR C 661 -17.51 -21.19 -13.43
C THR C 661 -16.21 -21.33 -12.62
N VAL C 662 -15.96 -20.42 -11.69
CA VAL C 662 -14.74 -20.48 -10.89
C VAL C 662 -14.59 -21.87 -10.31
N ARG C 663 -15.59 -22.29 -9.54
CA ARG C 663 -15.67 -23.63 -8.95
C ARG C 663 -15.33 -24.71 -9.98
N LEU C 664 -16.13 -24.80 -11.03
CA LEU C 664 -16.03 -25.81 -12.06
C LEU C 664 -14.62 -25.90 -12.62
N PHE C 665 -14.08 -24.74 -12.98
CA PHE C 665 -12.73 -24.64 -13.50
C PHE C 665 -11.75 -25.17 -12.45
N MET C 666 -11.90 -24.70 -11.22
CA MET C 666 -10.99 -25.08 -10.16
C MET C 666 -10.96 -26.59 -9.90
N MET C 667 -12.10 -27.26 -10.04
CA MET C 667 -12.13 -28.71 -9.81
C MET C 667 -11.80 -29.52 -11.05
N PHE C 668 -11.62 -28.84 -12.17
CA PHE C 668 -11.38 -29.45 -13.48
C PHE C 668 -9.93 -29.30 -13.99
N ALA C 669 -9.28 -28.22 -13.60
CA ALA C 669 -7.93 -27.92 -14.08
C ALA C 669 -6.92 -28.99 -13.66
N SER C 670 -7.03 -29.44 -12.41
CA SER C 670 -6.14 -30.48 -11.88
C SER C 670 -6.85 -31.50 -10.98
N PRO C 671 -6.23 -32.67 -10.77
CA PRO C 671 -6.77 -33.56 -9.75
C PRO C 671 -6.51 -32.99 -8.36
N ALA C 672 -7.44 -33.23 -7.44
CA ALA C 672 -7.40 -32.67 -6.09
C ALA C 672 -6.02 -32.66 -5.48
N ASP C 673 -5.36 -33.80 -5.58
CA ASP C 673 -4.09 -34.03 -4.93
C ASP C 673 -2.93 -33.41 -5.72
N MET C 674 -2.99 -33.48 -7.05
CA MET C 674 -1.92 -32.91 -7.86
C MET C 674 -1.83 -31.41 -7.61
N THR C 675 -0.69 -30.97 -7.06
CA THR C 675 -0.47 -29.54 -6.80
C THR C 675 -0.56 -28.74 -8.10
N LEU C 676 -1.06 -27.50 -8.01
CA LEU C 676 -1.41 -26.72 -9.20
C LEU C 676 -0.66 -25.40 -9.35
N GLU C 677 -0.07 -25.22 -10.53
CA GLU C 677 0.53 -23.97 -10.92
C GLU C 677 -0.62 -23.14 -11.44
N TRP C 678 -1.10 -22.24 -10.60
CA TRP C 678 -2.28 -21.44 -10.92
C TRP C 678 -2.13 -20.68 -12.23
N GLN C 679 -3.22 -20.65 -12.98
CA GLN C 679 -3.27 -20.08 -14.31
C GLN C 679 -4.73 -19.76 -14.54
N GLU C 680 -5.02 -18.55 -15.01
CA GLU C 680 -6.42 -18.15 -15.25
C GLU C 680 -6.88 -18.67 -16.59
N SER C 681 -5.93 -18.95 -17.48
CA SER C 681 -6.27 -19.50 -18.79
C SER C 681 -6.95 -20.83 -18.58
N GLY C 682 -8.12 -21.00 -19.21
CA GLY C 682 -8.95 -22.20 -19.07
C GLY C 682 -10.39 -21.95 -18.61
N VAL C 683 -10.57 -20.91 -17.80
CA VAL C 683 -11.88 -20.51 -17.26
C VAL C 683 -12.96 -20.51 -18.34
N GLU C 684 -12.61 -19.92 -19.48
CA GLU C 684 -13.48 -19.78 -20.65
C GLU C 684 -14.08 -21.13 -21.09
N GLY C 685 -13.35 -22.22 -20.84
CA GLY C 685 -13.82 -23.57 -21.15
C GLY C 685 -14.96 -23.98 -20.25
N ALA C 686 -14.72 -23.88 -18.94
CA ALA C 686 -15.71 -24.19 -17.92
C ALA C 686 -16.96 -23.33 -18.12
N ASN C 687 -16.76 -22.03 -18.32
CA ASN C 687 -17.88 -21.10 -18.49
C ASN C 687 -18.76 -21.39 -19.71
N ARG C 688 -18.16 -21.48 -20.89
CA ARG C 688 -18.95 -21.69 -22.11
C ARG C 688 -19.66 -23.03 -22.09
N PHE C 689 -19.10 -23.97 -21.34
CA PHE C 689 -19.72 -25.27 -21.16
C PHE C 689 -21.09 -25.10 -20.56
N LEU C 690 -21.12 -24.67 -19.30
CA LEU C 690 -22.34 -24.30 -18.60
C LEU C 690 -23.37 -23.62 -19.51
N LYS C 691 -22.90 -22.71 -20.36
CA LYS C 691 -23.76 -22.06 -21.34
C LYS C 691 -24.48 -23.10 -22.22
N ARG C 692 -23.73 -24.07 -22.74
CA ARG C 692 -24.31 -25.11 -23.60
C ARG C 692 -25.25 -26.02 -22.84
N VAL C 693 -25.01 -26.13 -21.52
CA VAL C 693 -25.87 -26.89 -20.63
C VAL C 693 -27.15 -26.10 -20.36
N TRP C 694 -27.02 -24.77 -20.25
CA TRP C 694 -28.17 -23.87 -20.16
C TRP C 694 -28.86 -23.74 -21.53
N LYS C 695 -28.14 -24.06 -22.61
CA LYS C 695 -28.73 -24.05 -23.96
C LYS C 695 -29.69 -25.20 -24.16
N LEU C 696 -29.20 -26.42 -23.97
CA LEU C 696 -29.98 -27.62 -24.28
C LEU C 696 -31.24 -27.73 -23.44
N VAL C 697 -31.19 -27.20 -22.21
CA VAL C 697 -32.37 -27.14 -21.35
C VAL C 697 -33.41 -26.15 -21.90
N TYR C 698 -33.09 -24.85 -21.85
CA TYR C 698 -33.99 -23.78 -22.31
C TYR C 698 -34.65 -24.10 -23.66
N GLU C 699 -33.89 -24.76 -24.53
CA GLU C 699 -34.40 -25.24 -25.82
C GLU C 699 -35.38 -26.38 -25.62
N HIS C 700 -34.92 -27.41 -24.93
CA HIS C 700 -35.69 -28.65 -24.76
C HIS C 700 -37.05 -28.47 -24.06
N THR C 701 -37.12 -27.55 -23.11
CA THR C 701 -38.40 -27.28 -22.43
C THR C 701 -39.41 -26.75 -23.44
N ALA C 702 -39.14 -25.55 -23.97
CA ALA C 702 -39.98 -24.89 -24.97
C ALA C 702 -40.33 -25.80 -26.16
N LYS C 703 -39.85 -27.05 -26.12
CA LYS C 703 -40.19 -28.06 -27.14
C LYS C 703 -40.66 -29.39 -26.52
N GLY C 704 -41.77 -29.33 -25.79
CA GLY C 704 -42.44 -30.52 -25.26
C GLY C 704 -42.72 -30.47 -23.77
N ASP C 705 -43.87 -31.01 -23.36
CA ASP C 705 -44.18 -31.27 -21.95
C ASP C 705 -43.44 -32.57 -21.58
N VAL C 706 -44.05 -33.44 -20.79
CA VAL C 706 -43.42 -34.72 -20.45
C VAL C 706 -43.68 -35.82 -21.50
N ALA C 707 -42.78 -36.78 -21.56
CA ALA C 707 -42.94 -37.98 -22.39
C ALA C 707 -42.15 -39.13 -21.78
N ALA C 708 -42.83 -40.20 -21.42
CA ALA C 708 -42.16 -41.37 -20.87
C ALA C 708 -41.44 -42.13 -21.98
N LEU C 709 -40.63 -43.11 -21.61
CA LEU C 709 -39.74 -43.77 -22.58
C LEU C 709 -39.72 -45.29 -22.43
N ASN C 710 -39.82 -45.97 -23.56
CA ASN C 710 -39.77 -47.42 -23.54
C ASN C 710 -38.34 -47.93 -23.44
N VAL C 711 -38.08 -48.63 -22.35
CA VAL C 711 -36.76 -49.23 -22.04
C VAL C 711 -36.06 -49.87 -23.25
N ASP C 712 -36.83 -50.56 -24.10
CA ASP C 712 -36.25 -51.29 -25.24
C ASP C 712 -36.54 -50.66 -26.61
N ALA C 713 -37.75 -50.11 -26.76
CA ALA C 713 -38.17 -49.52 -28.04
C ALA C 713 -37.37 -48.25 -28.34
N LEU C 714 -36.13 -48.47 -28.77
CA LEU C 714 -35.18 -47.45 -29.18
C LEU C 714 -34.10 -48.13 -30.03
N THR C 715 -33.55 -47.40 -31.00
CA THR C 715 -32.55 -47.94 -31.93
C THR C 715 -31.26 -48.36 -31.20
N GLU C 716 -30.52 -49.28 -31.82
CA GLU C 716 -29.22 -49.70 -31.30
C GLU C 716 -28.21 -48.55 -31.31
N ASN C 717 -28.73 -47.35 -31.56
CA ASN C 717 -27.96 -46.11 -31.51
C ASN C 717 -28.48 -45.17 -30.42
N GLN C 718 -29.78 -45.28 -30.11
CA GLN C 718 -30.40 -44.50 -29.02
C GLN C 718 -30.15 -45.16 -27.68
N LYS C 719 -30.24 -46.49 -27.64
CA LYS C 719 -29.88 -47.27 -26.46
C LYS C 719 -28.42 -47.00 -26.10
N ALA C 720 -27.58 -46.91 -27.14
CA ALA C 720 -26.16 -46.58 -27.01
C ALA C 720 -25.91 -45.28 -26.24
N LEU C 721 -26.78 -44.29 -26.45
CA LEU C 721 -26.62 -42.99 -25.82
C LEU C 721 -26.97 -43.06 -24.35
N ARG C 722 -28.10 -43.67 -24.05
CA ARG C 722 -28.51 -43.90 -22.67
C ARG C 722 -27.49 -44.81 -21.96
N ARG C 723 -27.00 -45.81 -22.68
CA ARG C 723 -25.96 -46.73 -22.18
C ARG C 723 -24.66 -46.00 -21.85
N ASP C 724 -24.40 -44.91 -22.57
CA ASP C 724 -23.30 -44.03 -22.26
C ASP C 724 -23.67 -43.06 -21.13
N VAL C 725 -24.89 -42.50 -21.18
CA VAL C 725 -25.42 -41.66 -20.10
C VAL C 725 -25.20 -42.33 -18.74
N HIS C 726 -25.54 -43.61 -18.68
CA HIS C 726 -25.48 -44.38 -17.44
C HIS C 726 -24.06 -44.74 -17.04
N LYS C 727 -23.25 -45.21 -18.00
CA LYS C 727 -21.82 -45.43 -17.77
C LYS C 727 -21.16 -44.19 -17.15
N THR C 728 -21.61 -43.03 -17.60
CA THR C 728 -21.12 -41.73 -17.13
C THR C 728 -21.60 -41.41 -15.70
N ILE C 729 -22.78 -41.91 -15.32
CA ILE C 729 -23.20 -41.83 -13.92
C ILE C 729 -22.21 -42.65 -13.11
N ALA C 730 -22.09 -43.91 -13.49
CA ALA C 730 -21.19 -44.83 -12.79
C ALA C 730 -19.82 -44.19 -12.64
N LYS C 731 -19.18 -43.88 -13.78
CA LYS C 731 -17.86 -43.24 -13.81
C LYS C 731 -17.77 -42.07 -12.81
N VAL C 732 -18.63 -41.08 -12.99
CA VAL C 732 -18.68 -39.95 -12.08
C VAL C 732 -18.63 -40.41 -10.61
N THR C 733 -19.53 -41.32 -10.23
CA THR C 733 -19.63 -41.76 -8.83
C THR C 733 -18.34 -42.40 -8.29
N ASP C 734 -17.70 -43.28 -9.08
CA ASP C 734 -16.39 -43.82 -8.71
C ASP C 734 -15.38 -42.67 -8.61
N ASP C 735 -15.30 -41.87 -9.68
CA ASP C 735 -14.41 -40.70 -9.73
C ASP C 735 -14.62 -39.69 -8.61
N ILE C 736 -15.88 -39.45 -8.25
CA ILE C 736 -16.22 -38.52 -7.18
C ILE C 736 -16.07 -39.18 -5.81
N GLY C 737 -16.76 -40.30 -5.62
CA GLY C 737 -16.93 -40.93 -4.31
C GLY C 737 -15.80 -41.81 -3.83
N ARG C 738 -14.97 -42.28 -4.75
CA ARG C 738 -13.89 -43.19 -4.39
C ARG C 738 -12.53 -42.63 -4.79
N ARG C 739 -12.40 -42.22 -6.05
CA ARG C 739 -11.10 -41.80 -6.57
C ARG C 739 -10.77 -40.37 -6.20
N GLN C 740 -11.82 -39.56 -6.06
CA GLN C 740 -11.72 -38.10 -5.94
C GLN C 740 -11.15 -37.41 -7.19
N THR C 741 -11.10 -38.12 -8.30
CA THR C 741 -10.58 -37.53 -9.54
C THR C 741 -11.67 -36.66 -10.19
N PHE C 742 -11.80 -35.46 -9.66
CA PHE C 742 -12.88 -34.56 -10.02
C PHE C 742 -12.84 -34.07 -11.44
N ASN C 743 -11.65 -33.77 -11.94
CA ASN C 743 -11.46 -33.34 -13.31
C ASN C 743 -12.01 -34.34 -14.33
N THR C 744 -11.76 -35.61 -14.08
CA THR C 744 -12.27 -36.69 -14.94
C THR C 744 -13.79 -36.74 -14.93
N ALA C 745 -14.36 -36.62 -13.74
CA ALA C 745 -15.80 -36.66 -13.54
C ALA C 745 -16.46 -35.55 -14.34
N ILE C 746 -15.80 -34.40 -14.40
CA ILE C 746 -16.26 -33.25 -15.17
C ILE C 746 -16.05 -33.49 -16.67
N ALA C 747 -14.84 -33.88 -17.04
CA ALA C 747 -14.49 -34.15 -18.44
C ALA C 747 -15.44 -35.18 -19.04
N ALA C 748 -15.64 -36.27 -18.30
CA ALA C 748 -16.61 -37.30 -18.66
C ALA C 748 -18.01 -36.72 -18.89
N ILE C 749 -18.42 -35.79 -18.03
CA ILE C 749 -19.72 -35.13 -18.20
C ILE C 749 -19.75 -34.30 -19.47
N MET C 750 -18.66 -33.61 -19.76
CA MET C 750 -18.55 -32.87 -21.01
C MET C 750 -18.75 -33.84 -22.16
N GLU C 751 -17.91 -34.86 -22.25
CA GLU C 751 -18.03 -35.84 -23.33
C GLU C 751 -19.47 -36.29 -23.52
N LEU C 752 -20.12 -36.70 -22.43
CA LEU C 752 -21.55 -36.96 -22.41
C LEU C 752 -22.34 -35.78 -23.04
N MET C 753 -22.30 -34.60 -22.41
CA MET C 753 -23.04 -33.42 -22.87
C MET C 753 -22.76 -32.93 -24.30
N ASN C 754 -21.70 -33.47 -24.91
CA ASN C 754 -21.43 -33.24 -26.33
C ASN C 754 -22.46 -33.97 -27.14
N LYS C 755 -22.57 -35.28 -26.88
CA LYS C 755 -23.50 -36.20 -27.58
C LYS C 755 -24.93 -35.69 -27.53
N LEU C 756 -25.34 -35.30 -26.33
CA LEU C 756 -26.71 -34.89 -26.04
C LEU C 756 -27.18 -33.69 -26.88
N ALA C 757 -26.23 -32.99 -27.50
CA ALA C 757 -26.53 -31.91 -28.44
C ALA C 757 -26.38 -32.38 -29.88
N LYS C 758 -25.45 -33.31 -30.12
CA LYS C 758 -25.25 -33.89 -31.44
C LYS C 758 -26.27 -35.00 -31.76
N ALA C 759 -27.30 -35.12 -30.92
CA ALA C 759 -28.27 -36.22 -31.04
C ALA C 759 -29.62 -35.78 -31.63
N PRO C 760 -30.15 -36.56 -32.61
CA PRO C 760 -31.48 -36.34 -33.18
C PRO C 760 -32.57 -36.28 -32.11
N THR C 761 -32.86 -35.06 -31.67
CA THR C 761 -33.78 -34.81 -30.54
C THR C 761 -35.05 -34.13 -31.01
N ASP C 762 -35.83 -34.86 -31.81
CA ASP C 762 -37.12 -34.35 -32.25
C ASP C 762 -38.24 -35.35 -31.98
N GLY C 763 -38.06 -36.59 -32.45
CA GLY C 763 -38.98 -37.68 -32.12
C GLY C 763 -39.29 -37.62 -30.65
N GLU C 764 -40.58 -37.51 -30.31
CA GLU C 764 -41.02 -37.33 -28.92
C GLU C 764 -40.54 -38.44 -27.98
N GLN C 765 -39.84 -39.41 -28.56
CA GLN C 765 -39.10 -40.45 -27.83
C GLN C 765 -37.67 -40.05 -27.48
N ASP C 766 -36.91 -39.58 -28.47
CA ASP C 766 -35.56 -39.04 -28.24
C ASP C 766 -35.62 -37.78 -27.38
N ARG C 767 -36.79 -37.14 -27.37
CA ARG C 767 -37.13 -36.09 -26.40
C ARG C 767 -37.24 -36.67 -25.00
N ALA C 768 -38.01 -37.75 -24.88
CA ALA C 768 -38.20 -38.45 -23.61
C ALA C 768 -36.87 -38.86 -23.00
N LEU C 769 -35.93 -39.26 -23.86
CA LEU C 769 -34.56 -39.57 -23.47
C LEU C 769 -33.84 -38.31 -22.97
N MET C 770 -34.13 -37.20 -23.64
CA MET C 770 -33.58 -35.91 -23.31
C MET C 770 -34.23 -35.33 -22.05
N GLN C 771 -35.03 -36.16 -21.37
CA GLN C 771 -35.45 -35.85 -20.01
C GLN C 771 -34.50 -36.53 -19.05
N GLU C 772 -34.49 -37.87 -19.10
CA GLU C 772 -33.68 -38.70 -18.23
C GLU C 772 -32.22 -38.25 -18.19
N ALA C 773 -31.55 -38.33 -19.34
CA ALA C 773 -30.13 -37.96 -19.43
C ALA C 773 -29.85 -36.56 -18.89
N LEU C 774 -30.53 -35.56 -19.43
CA LEU C 774 -30.40 -34.17 -18.99
C LEU C 774 -30.67 -34.00 -17.51
N LEU C 775 -31.79 -34.53 -17.02
CA LEU C 775 -32.16 -34.50 -15.59
C LEU C 775 -31.09 -35.14 -14.69
N ALA C 776 -30.43 -36.18 -15.20
CA ALA C 776 -29.27 -36.77 -14.52
C ALA C 776 -28.14 -35.77 -14.53
N VAL C 777 -27.63 -35.49 -15.74
CA VAL C 777 -26.55 -34.55 -15.95
C VAL C 777 -26.55 -33.44 -14.89
N VAL C 778 -27.65 -32.72 -14.79
CA VAL C 778 -27.73 -31.57 -13.88
C VAL C 778 -27.32 -31.96 -12.45
N ARG C 779 -27.99 -32.96 -11.89
CA ARG C 779 -27.63 -33.48 -10.56
C ARG C 779 -26.13 -33.72 -10.46
N MET C 780 -25.58 -34.45 -11.44
CA MET C 780 -24.14 -34.65 -11.58
C MET C 780 -23.36 -33.34 -11.44
N LEU C 781 -23.83 -32.28 -12.10
CA LEU C 781 -23.13 -31.02 -12.02
C LEU C 781 -23.32 -30.28 -10.70
N ASN C 782 -24.43 -30.52 -10.01
CA ASN C 782 -24.81 -29.74 -8.82
C ASN C 782 -23.69 -29.50 -7.81
N PRO C 783 -22.95 -30.56 -7.43
CA PRO C 783 -21.88 -30.37 -6.44
C PRO C 783 -20.81 -29.40 -6.91
N PHE C 784 -20.61 -29.31 -8.22
CA PHE C 784 -19.71 -28.33 -8.81
C PHE C 784 -20.37 -26.95 -8.99
N THR C 785 -21.60 -26.95 -9.48
CA THR C 785 -22.18 -25.73 -10.02
C THR C 785 -23.62 -25.59 -9.52
N PRO C 786 -23.77 -25.53 -8.20
CA PRO C 786 -25.07 -25.66 -7.57
C PRO C 786 -26.03 -24.56 -7.99
N HIS C 787 -25.52 -23.34 -8.15
CA HIS C 787 -26.36 -22.18 -8.46
C HIS C 787 -27.13 -22.36 -9.76
N ILE C 788 -26.48 -22.97 -10.75
CA ILE C 788 -27.11 -23.14 -12.04
C ILE C 788 -27.98 -24.37 -12.00
N CYS C 789 -27.51 -25.40 -11.31
CA CYS C 789 -28.25 -26.64 -11.23
C CYS C 789 -29.62 -26.41 -10.57
N PHE C 790 -29.60 -25.89 -9.34
CA PHE C 790 -30.82 -25.48 -8.64
C PHE C 790 -31.80 -24.80 -9.58
N THR C 791 -31.27 -23.95 -10.44
CA THR C 791 -32.06 -23.16 -11.40
C THR C 791 -32.55 -24.02 -12.55
N LEU C 792 -31.69 -24.88 -13.06
CA LEU C 792 -32.03 -25.81 -14.14
C LEU C 792 -33.09 -26.76 -13.65
N TRP C 793 -32.92 -27.23 -12.42
CA TRP C 793 -33.83 -28.15 -11.75
C TRP C 793 -35.26 -27.60 -11.69
N GLN C 794 -35.41 -26.36 -11.24
CA GLN C 794 -36.72 -25.69 -11.20
C GLN C 794 -37.35 -25.56 -12.59
N GLU C 795 -36.53 -25.75 -13.62
CA GLU C 795 -36.94 -25.62 -15.02
C GLU C 795 -36.97 -26.98 -15.75
N LEU C 796 -36.94 -28.06 -14.98
CA LEU C 796 -36.98 -29.41 -15.54
C LEU C 796 -38.21 -30.16 -15.06
N LYS C 797 -39.04 -29.47 -14.28
CA LYS C 797 -40.25 -30.05 -13.65
C LYS C 797 -39.84 -30.96 -12.47
N GLY C 798 -38.55 -30.97 -12.16
CA GLY C 798 -37.98 -31.86 -11.16
C GLY C 798 -38.60 -31.70 -9.78
N GLU C 799 -38.52 -32.76 -9.00
CA GLU C 799 -39.18 -32.78 -7.71
C GLU C 799 -38.29 -32.30 -6.59
N GLY C 800 -38.78 -31.27 -5.88
CA GLY C 800 -38.11 -30.71 -4.72
C GLY C 800 -37.09 -29.68 -5.15
N ASP C 801 -36.40 -29.09 -4.18
CA ASP C 801 -35.21 -28.32 -4.48
C ASP C 801 -34.07 -29.30 -4.74
N ILE C 802 -33.10 -28.86 -5.54
CA ILE C 802 -32.05 -29.74 -6.06
C ILE C 802 -31.18 -30.34 -4.94
N ASP C 803 -30.88 -29.50 -3.94
CA ASP C 803 -29.93 -29.82 -2.88
C ASP C 803 -30.25 -31.11 -2.12
N ASN C 804 -31.53 -31.48 -2.08
CA ASN C 804 -31.98 -32.71 -1.42
C ASN C 804 -32.67 -33.66 -2.39
N ALA C 805 -32.31 -33.55 -3.67
CA ALA C 805 -32.81 -34.49 -4.67
C ALA C 805 -31.91 -35.74 -4.70
N PRO C 806 -32.49 -36.91 -5.05
CA PRO C 806 -31.71 -38.16 -5.14
C PRO C 806 -30.62 -38.11 -6.20
N TRP C 807 -29.42 -38.56 -5.84
CA TRP C 807 -28.32 -38.74 -6.79
C TRP C 807 -28.70 -39.86 -7.76
N PRO C 808 -28.22 -39.77 -9.02
CA PRO C 808 -28.49 -40.80 -10.03
C PRO C 808 -27.64 -42.05 -9.93
N VAL C 809 -28.24 -43.16 -10.32
CA VAL C 809 -27.59 -44.45 -10.36
C VAL C 809 -27.68 -45.01 -11.78
N ALA C 810 -26.61 -45.66 -12.21
CA ALA C 810 -26.59 -46.32 -13.50
C ALA C 810 -27.63 -47.44 -13.54
N ASP C 811 -28.40 -47.47 -14.61
CA ASP C 811 -29.34 -48.55 -14.87
C ASP C 811 -28.50 -49.76 -15.29
N GLU C 812 -28.24 -50.62 -14.31
CA GLU C 812 -27.32 -51.74 -14.49
C GLU C 812 -27.48 -52.43 -15.83
N LYS C 813 -28.70 -52.84 -16.13
CA LYS C 813 -28.99 -53.59 -17.35
C LYS C 813 -28.83 -52.69 -18.58
N ALA C 814 -29.33 -51.45 -18.48
CA ALA C 814 -29.36 -50.52 -19.62
C ALA C 814 -27.98 -50.08 -20.08
N MET C 815 -26.96 -50.44 -19.30
CA MET C 815 -25.57 -50.17 -19.64
C MET C 815 -24.68 -51.43 -19.70
N VAL C 816 -25.13 -52.45 -20.43
CA VAL C 816 -24.35 -53.68 -20.58
C VAL C 816 -23.89 -53.94 -22.03
N GLU C 817 -22.58 -53.86 -22.23
CA GLU C 817 -21.92 -54.05 -23.53
C GLU C 817 -22.27 -55.37 -24.17
N ASP C 818 -22.52 -55.34 -25.48
CA ASP C 818 -22.61 -56.56 -26.28
C ASP C 818 -21.32 -56.66 -27.09
N SER C 819 -20.61 -55.53 -27.17
CA SER C 819 -19.34 -55.48 -27.87
C SER C 819 -18.22 -55.06 -26.91
N THR C 820 -16.98 -55.26 -27.36
CA THR C 820 -15.81 -54.87 -26.59
C THR C 820 -14.60 -54.69 -27.52
N LEU C 821 -13.72 -53.77 -27.16
CA LEU C 821 -12.60 -53.37 -28.01
C LEU C 821 -11.32 -54.09 -27.61
N VAL C 822 -10.61 -54.65 -28.60
CA VAL C 822 -9.34 -55.31 -28.34
C VAL C 822 -8.21 -54.71 -29.19
N VAL C 823 -7.14 -54.31 -28.51
CA VAL C 823 -6.00 -53.71 -29.16
C VAL C 823 -4.96 -54.79 -29.47
N VAL C 824 -4.42 -54.75 -30.69
CA VAL C 824 -3.55 -55.80 -31.23
C VAL C 824 -2.11 -55.31 -31.44
N GLN C 825 -1.23 -55.65 -30.50
CA GLN C 825 0.16 -55.19 -30.56
C GLN C 825 1.18 -56.20 -31.10
N VAL C 826 1.46 -56.11 -32.39
CA VAL C 826 2.54 -56.88 -32.99
C VAL C 826 3.89 -56.30 -32.58
N ASN C 827 4.65 -57.10 -31.82
CA ASN C 827 5.92 -56.69 -31.22
C ASN C 827 5.77 -55.51 -30.26
N GLY C 828 4.69 -55.52 -29.48
CA GLY C 828 4.34 -54.41 -28.60
C GLY C 828 3.71 -53.23 -29.30
N LYS C 829 4.16 -52.98 -30.55
CA LYS C 829 3.70 -51.85 -31.37
C LYS C 829 2.28 -52.08 -31.90
N VAL C 830 1.36 -51.21 -31.48
CA VAL C 830 -0.07 -51.33 -31.80
C VAL C 830 -0.34 -51.03 -33.28
N ARG C 831 -0.95 -52.00 -33.98
CA ARG C 831 -1.08 -51.93 -35.44
C ARG C 831 -2.50 -51.93 -36.03
N ALA C 832 -3.47 -52.50 -35.30
CA ALA C 832 -4.86 -52.48 -35.74
C ALA C 832 -5.83 -52.54 -34.56
N LYS C 833 -6.96 -51.86 -34.70
CA LYS C 833 -7.95 -51.78 -33.64
C LYS C 833 -9.27 -52.37 -34.11
N ILE C 834 -9.67 -53.47 -33.48
CA ILE C 834 -10.92 -54.14 -33.82
C ILE C 834 -11.86 -54.16 -32.61
N THR C 835 -13.14 -54.33 -32.90
CA THR C 835 -14.12 -54.62 -31.86
C THR C 835 -14.37 -56.14 -31.87
N VAL C 836 -14.91 -56.65 -30.78
CA VAL C 836 -15.15 -58.07 -30.63
C VAL C 836 -16.35 -58.32 -29.72
N PRO C 837 -17.12 -59.39 -29.98
CA PRO C 837 -18.19 -59.89 -29.10
C PRO C 837 -17.82 -59.88 -27.60
N VAL C 838 -18.67 -59.23 -26.81
CA VAL C 838 -18.42 -58.94 -25.37
C VAL C 838 -17.80 -60.07 -24.54
N ASP C 839 -17.97 -61.32 -24.99
CA ASP C 839 -17.46 -62.47 -24.24
C ASP C 839 -16.72 -63.50 -25.12
N ALA C 840 -16.29 -63.07 -26.32
CA ALA C 840 -15.63 -63.95 -27.31
C ALA C 840 -14.28 -64.50 -26.82
N THR C 841 -14.00 -65.75 -27.21
CA THR C 841 -12.86 -66.51 -26.69
C THR C 841 -11.51 -65.97 -27.16
N GLU C 842 -10.44 -66.32 -26.44
CA GLU C 842 -9.08 -65.91 -26.80
C GLU C 842 -8.72 -66.33 -28.21
N GLU C 843 -9.29 -67.43 -28.66
CA GLU C 843 -9.00 -67.90 -30.01
C GLU C 843 -10.11 -67.57 -31.00
N GLN C 844 -11.22 -67.01 -30.51
CA GLN C 844 -12.18 -66.37 -31.40
C GLN C 844 -11.59 -65.04 -31.89
N VAL C 845 -10.98 -64.30 -30.97
CA VAL C 845 -10.33 -63.03 -31.29
C VAL C 845 -9.11 -63.22 -32.22
N ARG C 846 -8.21 -64.12 -31.84
CA ARG C 846 -6.95 -64.31 -32.56
C ARG C 846 -7.12 -64.48 -34.07
N GLU C 847 -8.31 -64.90 -34.48
CA GLU C 847 -8.58 -65.14 -35.89
C GLU C 847 -8.97 -63.85 -36.59
N ARG C 848 -10.05 -63.21 -36.10
CA ARG C 848 -10.58 -61.97 -36.68
C ARG C 848 -9.49 -60.91 -36.77
N ALA C 849 -8.65 -60.86 -35.71
CA ALA C 849 -7.51 -59.97 -35.65
C ALA C 849 -6.40 -60.38 -36.60
N GLY C 850 -6.21 -61.68 -36.79
CA GLY C 850 -5.18 -62.22 -37.68
C GLY C 850 -5.36 -61.75 -39.11
N GLN C 851 -6.62 -61.57 -39.51
CA GLN C 851 -6.95 -61.23 -40.88
C GLN C 851 -6.87 -59.74 -41.20
N GLU C 852 -6.70 -58.90 -40.18
CA GLU C 852 -6.51 -57.46 -40.36
C GLU C 852 -5.29 -57.12 -41.24
N HIS C 853 -5.45 -56.07 -42.05
CA HIS C 853 -4.52 -55.72 -43.13
C HIS C 853 -3.08 -55.43 -42.68
N LEU C 854 -2.92 -54.95 -41.45
CA LEU C 854 -1.59 -54.61 -40.93
C LEU C 854 -0.97 -55.71 -40.07
N VAL C 855 -1.80 -56.40 -39.29
CA VAL C 855 -1.40 -57.61 -38.57
C VAL C 855 -0.93 -58.63 -39.60
N ALA C 856 -1.49 -58.54 -40.81
CA ALA C 856 -1.11 -59.37 -41.93
C ALA C 856 0.37 -59.22 -42.28
N LYS C 857 0.78 -58.00 -42.66
CA LYS C 857 2.14 -57.75 -43.16
C LYS C 857 3.22 -58.19 -42.19
N TYR C 858 2.88 -58.30 -40.90
CA TYR C 858 3.81 -58.80 -39.90
C TYR C 858 3.45 -60.21 -39.42
N LEU C 859 3.04 -61.02 -40.39
CA LEU C 859 2.89 -62.46 -40.25
C LEU C 859 3.44 -63.13 -41.50
N ASP C 860 4.06 -62.31 -42.35
CA ASP C 860 4.63 -62.72 -43.63
C ASP C 860 5.84 -63.62 -43.46
N GLY C 861 5.63 -64.75 -42.78
CA GLY C 861 6.69 -65.71 -42.49
C GLY C 861 7.50 -65.32 -41.28
N VAL C 862 6.83 -65.20 -40.13
CA VAL C 862 7.51 -64.95 -38.85
C VAL C 862 6.86 -65.75 -37.72
N THR C 863 7.71 -66.41 -36.94
CA THR C 863 7.27 -67.35 -35.91
C THR C 863 6.62 -66.62 -34.73
N VAL C 864 5.32 -66.81 -34.60
CA VAL C 864 4.58 -66.43 -33.40
C VAL C 864 5.11 -67.27 -32.24
N ARG C 865 6.15 -66.77 -31.58
CA ARG C 865 6.81 -67.52 -30.53
C ARG C 865 6.18 -67.36 -29.14
N LYS C 866 5.12 -66.55 -29.07
CA LYS C 866 4.11 -66.63 -27.99
C LYS C 866 2.90 -65.69 -28.16
N VAL C 867 1.89 -65.92 -27.33
CA VAL C 867 0.61 -65.21 -27.37
C VAL C 867 0.28 -64.63 -26.00
N ILE C 868 0.58 -63.33 -25.81
CA ILE C 868 0.16 -62.60 -24.62
C ILE C 868 -1.21 -61.98 -24.89
N TYR C 869 -2.15 -62.21 -23.98
CA TYR C 869 -3.56 -61.85 -24.17
C TYR C 869 -4.24 -61.28 -22.92
N VAL C 870 -5.19 -60.38 -23.15
CA VAL C 870 -6.03 -59.82 -22.09
C VAL C 870 -7.47 -59.74 -22.63
N PRO C 871 -8.41 -60.50 -22.02
CA PRO C 871 -9.77 -60.69 -22.55
C PRO C 871 -10.65 -59.43 -22.57
N GLY C 872 -10.90 -58.93 -23.78
CA GLY C 872 -11.73 -57.74 -24.00
C GLY C 872 -10.97 -56.42 -23.94
N LYS C 873 -9.64 -56.48 -23.97
CA LYS C 873 -8.80 -55.29 -23.90
C LYS C 873 -7.61 -55.32 -24.84
N LEU C 874 -6.72 -56.30 -24.70
CA LEU C 874 -5.45 -56.26 -25.43
C LEU C 874 -4.85 -57.62 -25.81
N LEU C 875 -4.25 -57.68 -27.00
CA LEU C 875 -3.56 -58.88 -27.50
C LEU C 875 -2.20 -58.54 -28.12
N ASN C 876 -1.20 -59.33 -27.76
CA ASN C 876 0.17 -59.11 -28.21
C ASN C 876 0.64 -60.25 -29.10
N LEU C 877 1.39 -59.93 -30.15
CA LEU C 877 2.02 -60.95 -31.00
C LEU C 877 3.54 -60.87 -30.94
N VAL C 878 4.21 -61.87 -31.50
CA VAL C 878 5.64 -62.05 -31.28
C VAL C 878 6.39 -62.44 -32.55
N VAL C 879 7.46 -61.70 -32.86
CA VAL C 879 8.36 -62.02 -33.99
C VAL C 879 9.68 -62.60 -33.47
N GLY C 880 10.06 -63.74 -34.04
CA GLY C 880 11.35 -64.38 -33.75
C GLY C 880 12.23 -64.43 -34.99
ZN ZN E . -4.63 18.23 22.44
N ILA F . 9.49 26.72 0.97
CA ILA F . 8.09 27.00 0.78
CB ILA F . 7.69 28.39 0.23
CG2 ILA F . 7.58 29.44 1.33
CG1 ILA F . 8.45 28.85 -1.00
CD ILA F . 9.33 30.04 -0.82
C ILA F . 7.50 25.90 -0.07
O ILA F . 6.47 26.14 -0.68
SA ILA F . 7.68 23.47 -0.73
O1A ILA F . 6.34 23.11 -0.22
O2A ILA F . 8.51 22.26 -0.44
N3A ILA F . 8.19 24.70 0.00
N5' ILA F . 7.51 23.77 -2.20
C5' ILA F . 8.65 24.31 -2.91
C4' ILA F . 8.01 24.67 -4.24
O4' ILA F . 7.23 23.58 -4.77
C1' ILA F . 5.90 24.04 -5.10
N9 ILA F . 4.94 22.98 -4.73
C4 ILA F . 4.06 22.41 -5.56
N3 ILA F . 3.78 22.64 -6.87
C2 ILA F . 2.79 21.99 -7.49
N1 ILA F . 2.05 21.07 -6.84
C6 ILA F . 2.29 20.82 -5.54
N6 ILA F . 1.51 19.86 -4.98
C5 ILA F . 3.31 21.51 -4.86
N7 ILA F . 3.81 21.52 -3.62
C8 ILA F . 4.79 22.43 -3.54
C2' ILA F . 5.66 25.20 -4.16
O2' ILA F . 4.61 26.12 -4.50
C3' ILA F . 7.02 25.85 -4.14
O3' ILA F . 7.14 26.43 -5.44
N ILA G . -23.02 47.45 7.58
CA ILA G . -22.44 47.00 6.34
CB ILA G . -23.37 47.30 5.18
CG2 ILA G . -22.91 46.43 4.02
CG1 ILA G . -23.46 48.75 4.71
CD ILA G . -24.31 48.82 3.45
C ILA G . -21.10 47.67 6.19
O ILA G . -20.87 48.61 6.93
SA ILA G . -18.90 47.81 5.00
O1A ILA G . -19.05 49.30 5.15
O2A ILA G . -18.28 47.48 3.70
N3A ILA G . -20.28 47.20 5.23
N5' ILA G . -18.04 47.17 6.10
C5' ILA G . -16.61 47.37 6.22
C4' ILA G . -16.08 46.10 6.87
O4' ILA G . -16.87 45.78 8.03
C1' ILA G . -17.22 44.39 8.04
N9 ILA G . -18.69 44.17 8.16
C4 ILA G . -19.25 42.95 8.34
N3 ILA G . -18.73 41.68 8.46
C2 ILA G . -19.50 40.60 8.64
N1 ILA G . -20.84 40.78 8.69
C6 ILA G . -21.43 42.00 8.57
N6 ILA G . -22.79 42.06 8.63
C5 ILA G . -20.62 43.14 8.40
N7 ILA G . -20.84 44.49 8.25
C8 ILA G . -19.65 45.12 8.10
C2' ILA G . -16.83 43.81 6.69
O2' ILA G . -15.95 42.67 6.91
C3' ILA G . -16.06 44.88 5.96
O3' ILA G . -14.74 44.33 5.98
MG MG H . -11.81 14.97 -20.15
ZN ZN I . 14.84 -6.54 15.23
N ILA J . -6.45 -22.35 9.73
CA ILA J . -5.17 -22.84 9.23
CB ILA J . -4.99 -24.36 9.46
CG2 ILA J . -4.52 -24.65 10.88
CG1 ILA J . -6.20 -25.19 9.03
CD ILA J . -6.84 -26.05 10.12
C ILA J . -4.95 -22.49 7.77
O ILA J . -4.00 -22.98 7.18
SA ILA J . -5.62 -21.22 5.72
O1A ILA J . -4.18 -21.29 5.34
O2A ILA J . -6.08 -19.83 5.61
N3A ILA J . -5.78 -21.63 7.19
N5' ILA J . -6.40 -22.05 4.72
C5' ILA J . -7.41 -22.98 5.18
C4' ILA J . -7.29 -24.25 4.35
O4' ILA J . -6.90 -23.96 3.00
C1' ILA J . -5.71 -24.68 2.67
N9 ILA J . -4.76 -23.83 1.95
C4 ILA J . -4.36 -24.02 0.68
N3 ILA J . -4.69 -24.93 -0.27
C2 ILA J . -4.11 -24.85 -1.49
N1 ILA J . -3.22 -23.89 -1.80
C6 ILA J . -2.87 -22.97 -0.86
N6 ILA J . -1.99 -22.00 -1.16
C5 ILA J . -3.44 -23.02 0.40
N7 ILA J . -3.30 -22.25 1.50
C8 ILA J . -4.12 -22.77 2.46
C2' ILA J . -5.07 -25.06 4.00
O2' ILA J . -4.28 -26.25 3.91
C3' ILA J . -6.26 -25.23 4.92
O3' ILA J . -6.77 -26.55 4.69
N ILA K . 24.86 -43.27 17.06
CA ILA K . 24.76 -41.83 17.23
CB ILA K . 25.99 -41.13 16.65
CG2 ILA K . 25.80 -39.63 16.48
CG1 ILA K . 26.46 -41.75 15.33
CD ILA K . 27.91 -42.20 15.44
C ILA K . 23.48 -41.36 16.60
O ILA K . 23.21 -41.61 15.44
SA ILA K . 21.32 -40.14 16.94
O1A ILA K . 20.47 -41.29 16.58
O2A ILA K . 21.51 -39.25 15.77
N3A ILA K . 22.66 -40.67 17.41
N5' ILA K . 20.68 -39.35 18.08
C5' ILA K . 19.24 -39.15 18.21
C4' ILA K . 18.96 -37.63 18.26
O4' ILA K . 20.07 -36.88 18.78
C1' ILA K . 20.62 -36.00 17.78
N9 ILA K . 22.10 -36.21 17.65
C4 ILA K . 22.94 -35.47 16.91
N3 ILA K . 22.77 -34.38 16.10
C2 ILA K . 23.82 -33.83 15.46
N1 ILA K . 25.06 -34.33 15.61
C6 ILA K . 25.27 -35.41 16.40
N6 ILA K . 26.52 -35.90 16.56
C5 ILA K . 24.21 -36.00 17.07
N7 ILA K . 24.12 -37.05 17.91
C8 ILA K . 22.81 -37.17 18.26
C2' ILA K . 19.88 -36.30 16.48
O2' ILA K . 19.55 -35.09 15.78
C3' ILA K . 18.65 -37.08 16.88
O3' ILA K . 17.53 -36.19 16.99
MG MG L . 7.13 -29.41 -20.50
#